data_1WWU
#
_entry.id   1WWU
#
_entity_poly.entity_id   1
_entity_poly.type   'polypeptide(L)'
_entity_poly.pdbx_seq_one_letter_code
;GSSGSSGFRVERSQPASQPLTYESGPDEVRAWLEAKAFSPRIVENLGILTGPQLFSLNKEELKKVCGEEGVRVYSQLTMQ
KAFLEKQQSGSELSGPSSG
;
_entity_poly.pdbx_strand_id   A
#
# COMPACT_ATOMS: atom_id res chain seq x y z
N GLY A 1 3.53 -34.20 2.87
CA GLY A 1 4.20 -35.00 3.89
C GLY A 1 5.70 -34.81 3.88
N SER A 2 6.14 -33.57 4.05
CA SER A 2 7.57 -33.25 4.06
C SER A 2 7.92 -32.39 5.26
N SER A 3 8.69 -32.96 6.18
CA SER A 3 9.10 -32.24 7.38
C SER A 3 9.55 -30.82 7.04
N GLY A 4 8.90 -29.84 7.67
CA GLY A 4 9.24 -28.46 7.42
C GLY A 4 8.91 -27.56 8.59
N SER A 5 9.63 -26.45 8.71
CA SER A 5 9.42 -25.51 9.80
C SER A 5 9.10 -24.11 9.26
N SER A 6 8.40 -23.32 10.08
CA SER A 6 8.03 -21.97 9.68
C SER A 6 7.59 -21.16 10.89
N GLY A 7 7.37 -19.86 10.68
CA GLY A 7 6.93 -18.99 11.76
C GLY A 7 7.29 -17.54 11.51
N PHE A 8 6.78 -16.66 12.36
CA PHE A 8 7.04 -15.23 12.23
C PHE A 8 6.52 -14.46 13.44
N ARG A 9 7.30 -13.49 13.91
CA ARG A 9 6.91 -12.69 15.06
C ARG A 9 7.00 -11.20 14.74
N VAL A 10 5.92 -10.65 14.18
CA VAL A 10 5.88 -9.23 13.82
C VAL A 10 4.58 -8.60 14.26
N GLU A 11 4.53 -8.18 15.53
CA GLU A 11 3.34 -7.55 16.08
C GLU A 11 3.37 -6.03 15.86
N ARG A 12 2.81 -5.59 14.74
CA ARG A 12 2.77 -4.18 14.40
C ARG A 12 1.46 -3.82 13.72
N SER A 13 0.69 -2.96 14.35
CA SER A 13 -0.60 -2.53 13.79
C SER A 13 -0.69 -1.00 13.75
N GLN A 14 -1.59 -0.50 12.90
CA GLN A 14 -1.78 0.94 12.77
C GLN A 14 -3.22 1.34 13.08
N PRO A 15 -3.38 2.51 13.71
CA PRO A 15 -4.70 3.03 14.09
C PRO A 15 -5.53 3.45 12.87
N ALA A 16 -4.87 4.05 11.89
CA ALA A 16 -5.53 4.50 10.69
C ALA A 16 -4.82 3.99 9.44
N SER A 17 -5.60 3.56 8.45
CA SER A 17 -5.03 3.04 7.21
C SER A 17 -6.03 3.17 6.06
N GLN A 18 -5.71 4.01 5.09
CA GLN A 18 -6.57 4.22 3.94
C GLN A 18 -6.69 2.96 3.10
N PRO A 19 -7.91 2.69 2.59
CA PRO A 19 -8.19 1.51 1.76
C PRO A 19 -7.51 1.60 0.40
N LEU A 20 -6.73 0.57 0.06
CA LEU A 20 -6.04 0.53 -1.22
C LEU A 20 -6.37 -0.75 -1.97
N THR A 21 -6.83 -0.61 -3.21
CA THR A 21 -7.18 -1.76 -4.03
C THR A 21 -6.69 -1.58 -5.46
N TYR A 22 -7.00 -2.54 -6.32
CA TYR A 22 -6.59 -2.49 -7.71
C TYR A 22 -7.45 -1.51 -8.51
N GLU A 23 -8.63 -1.23 -7.99
CA GLU A 23 -9.55 -0.30 -8.65
C GLU A 23 -9.19 1.14 -8.32
N SER A 24 -8.28 1.32 -7.37
CA SER A 24 -7.85 2.66 -6.96
C SER A 24 -6.79 3.19 -7.91
N GLY A 25 -7.02 4.40 -8.44
CA GLY A 25 -6.07 5.00 -9.35
C GLY A 25 -4.91 5.66 -8.62
N PRO A 26 -4.18 6.52 -9.33
CA PRO A 26 -3.02 7.23 -8.77
C PRO A 26 -3.42 8.27 -7.73
N ASP A 27 -4.67 8.72 -7.80
CA ASP A 27 -5.18 9.72 -6.87
C ASP A 27 -5.26 9.14 -5.46
N GLU A 28 -5.54 7.85 -5.37
CA GLU A 28 -5.65 7.17 -4.07
C GLU A 28 -4.31 6.57 -3.66
N VAL A 29 -3.57 6.07 -4.63
CA VAL A 29 -2.27 5.46 -4.37
C VAL A 29 -1.38 6.41 -3.58
N ARG A 30 -1.44 7.69 -3.92
CA ARG A 30 -0.64 8.71 -3.24
C ARG A 30 -1.12 8.91 -1.80
N ALA A 31 -2.43 8.80 -1.60
CA ALA A 31 -3.02 8.97 -0.27
C ALA A 31 -2.59 7.82 0.66
N TRP A 32 -2.68 6.60 0.16
CA TRP A 32 -2.31 5.43 0.95
C TRP A 32 -0.90 5.57 1.51
N LEU A 33 0.03 6.03 0.67
CA LEU A 33 1.41 6.21 1.09
C LEU A 33 1.52 7.26 2.19
N GLU A 34 0.96 8.44 1.93
CA GLU A 34 0.99 9.52 2.91
C GLU A 34 0.41 9.07 4.25
N ALA A 35 -0.69 8.30 4.17
CA ALA A 35 -1.34 7.81 5.37
C ALA A 35 -0.35 7.11 6.30
N LYS A 36 0.56 6.34 5.70
CA LYS A 36 1.56 5.62 6.48
C LYS A 36 2.72 6.54 6.86
N ALA A 37 2.91 7.60 6.07
CA ALA A 37 3.99 8.55 6.33
C ALA A 37 5.34 7.97 5.93
N PHE A 38 5.37 7.26 4.80
CA PHE A 38 6.60 6.65 4.32
C PHE A 38 7.69 7.71 4.11
N SER A 39 7.52 8.51 3.06
CA SER A 39 8.48 9.56 2.74
C SER A 39 7.88 10.58 1.77
N PRO A 40 8.38 11.81 1.83
CA PRO A 40 7.90 12.91 0.97
C PRO A 40 8.32 12.71 -0.49
N ARG A 41 9.25 11.77 -0.71
CA ARG A 41 9.73 11.49 -2.05
C ARG A 41 9.00 10.29 -2.66
N ILE A 42 8.89 9.22 -1.89
CA ILE A 42 8.22 8.01 -2.34
C ILE A 42 6.73 8.28 -2.60
N VAL A 43 6.18 9.23 -1.86
CA VAL A 43 4.77 9.58 -2.01
C VAL A 43 4.50 10.20 -3.37
N GLU A 44 5.40 11.08 -3.80
CA GLU A 44 5.25 11.74 -5.09
C GLU A 44 5.70 10.83 -6.23
N ASN A 45 6.69 9.99 -5.95
CA ASN A 45 7.21 9.06 -6.95
C ASN A 45 6.21 7.95 -7.23
N LEU A 46 5.68 7.35 -6.16
CA LEU A 46 4.71 6.27 -6.30
C LEU A 46 3.29 6.81 -6.30
N GLY A 47 3.16 8.13 -6.10
CA GLY A 47 1.85 8.75 -6.09
C GLY A 47 1.35 9.07 -7.49
N ILE A 48 2.10 8.64 -8.49
CA ILE A 48 1.73 8.88 -9.87
C ILE A 48 1.28 7.59 -10.56
N LEU A 49 1.66 6.46 -9.98
CA LEU A 49 1.30 5.15 -10.53
C LEU A 49 -0.11 4.75 -10.08
N THR A 50 -0.76 3.92 -10.89
CA THR A 50 -2.11 3.46 -10.59
C THR A 50 -2.08 2.34 -9.55
N GLY A 51 -3.26 1.83 -9.20
CA GLY A 51 -3.36 0.76 -8.22
C GLY A 51 -2.46 -0.40 -8.56
N PRO A 52 -2.69 -1.01 -9.74
CA PRO A 52 -1.91 -2.16 -10.20
C PRO A 52 -0.48 -1.79 -10.57
N GLN A 53 -0.33 -0.67 -11.27
CA GLN A 53 0.98 -0.19 -11.69
C GLN A 53 1.94 -0.15 -10.50
N LEU A 54 1.42 0.21 -9.33
CA LEU A 54 2.23 0.28 -8.13
C LEU A 54 2.57 -1.11 -7.60
N PHE A 55 1.53 -1.88 -7.32
CA PHE A 55 1.72 -3.24 -6.80
C PHE A 55 2.63 -4.04 -7.73
N SER A 56 2.62 -3.69 -9.01
CA SER A 56 3.44 -4.38 -10.00
C SER A 56 4.92 -4.23 -9.68
N LEU A 57 5.26 -3.15 -8.96
CA LEU A 57 6.64 -2.89 -8.59
C LEU A 57 7.15 -3.92 -7.59
N ASN A 58 8.28 -4.54 -7.92
CA ASN A 58 8.88 -5.54 -7.05
C ASN A 58 9.84 -4.90 -6.05
N LYS A 59 10.13 -5.62 -4.97
CA LYS A 59 11.03 -5.12 -3.94
C LYS A 59 12.17 -4.32 -4.55
N GLU A 60 12.95 -4.96 -5.42
CA GLU A 60 14.07 -4.30 -6.08
C GLU A 60 13.63 -2.96 -6.68
N GLU A 61 12.51 -2.98 -7.40
CA GLU A 61 11.99 -1.77 -8.02
C GLU A 61 11.71 -0.69 -6.98
N LEU A 62 10.81 -1.00 -6.04
CA LEU A 62 10.45 -0.07 -4.99
C LEU A 62 11.70 0.48 -4.30
N LYS A 63 12.72 -0.36 -4.19
CA LYS A 63 13.97 0.06 -3.55
C LYS A 63 14.79 0.94 -4.49
N LYS A 64 14.62 0.74 -5.79
CA LYS A 64 15.34 1.52 -6.79
C LYS A 64 14.83 2.95 -6.84
N VAL A 65 13.53 3.12 -6.64
CA VAL A 65 12.91 4.44 -6.66
C VAL A 65 12.84 5.04 -5.26
N CYS A 66 12.47 4.21 -4.28
CA CYS A 66 12.38 4.66 -2.90
C CYS A 66 13.70 4.49 -2.18
N GLY A 67 14.71 4.01 -2.90
CA GLY A 67 16.02 3.81 -2.31
C GLY A 67 16.00 2.78 -1.20
N GLU A 68 16.26 3.22 0.03
CA GLU A 68 16.27 2.33 1.18
C GLU A 68 14.86 2.15 1.75
N GLU A 69 14.14 3.26 1.86
CA GLU A 69 12.78 3.23 2.39
C GLU A 69 11.94 2.17 1.68
N GLY A 70 12.16 2.02 0.38
CA GLY A 70 11.42 1.05 -0.40
C GLY A 70 11.21 -0.25 0.36
N VAL A 71 12.29 -0.82 0.89
CA VAL A 71 12.21 -2.06 1.64
C VAL A 71 11.00 -2.08 2.57
N ARG A 72 10.73 -0.93 3.18
CA ARG A 72 9.59 -0.81 4.09
C ARG A 72 8.28 -0.76 3.32
N VAL A 73 8.25 0.03 2.25
CA VAL A 73 7.05 0.16 1.43
C VAL A 73 6.57 -1.20 0.94
N TYR A 74 7.49 -1.99 0.39
CA TYR A 74 7.16 -3.31 -0.11
C TYR A 74 6.63 -4.21 1.00
N SER A 75 7.24 -4.12 2.18
CA SER A 75 6.83 -4.92 3.32
C SER A 75 5.37 -4.65 3.68
N GLN A 76 4.94 -3.41 3.45
CA GLN A 76 3.57 -3.03 3.74
C GLN A 76 2.64 -3.33 2.57
N LEU A 77 3.15 -3.15 1.35
CA LEU A 77 2.38 -3.41 0.15
C LEU A 77 1.90 -4.85 0.11
N THR A 78 2.85 -5.79 0.06
CA THR A 78 2.51 -7.21 0.02
C THR A 78 1.42 -7.55 1.01
N MET A 79 1.55 -7.05 2.24
CA MET A 79 0.57 -7.30 3.28
C MET A 79 -0.84 -6.98 2.79
N GLN A 80 -0.98 -5.85 2.11
CA GLN A 80 -2.28 -5.43 1.58
C GLN A 80 -2.72 -6.35 0.45
N LYS A 81 -1.82 -6.57 -0.50
CA LYS A 81 -2.13 -7.44 -1.65
C LYS A 81 -2.81 -8.72 -1.19
N ALA A 82 -2.14 -9.45 -0.30
CA ALA A 82 -2.69 -10.70 0.22
C ALA A 82 -4.09 -10.51 0.75
N PHE A 83 -4.31 -9.41 1.48
CA PHE A 83 -5.62 -9.11 2.04
C PHE A 83 -6.65 -8.90 0.94
N LEU A 84 -6.22 -8.26 -0.15
CA LEU A 84 -7.12 -7.99 -1.26
C LEU A 84 -7.49 -9.28 -1.99
N GLU A 85 -6.49 -10.15 -2.18
CA GLU A 85 -6.71 -11.42 -2.86
C GLU A 85 -7.97 -12.10 -2.35
N LYS A 86 -8.14 -12.13 -1.04
CA LYS A 86 -9.31 -12.75 -0.42
C LYS A 86 -10.30 -11.70 0.04
N GLN A 87 -10.63 -10.77 -0.84
CA GLN A 87 -11.57 -9.70 -0.51
C GLN A 87 -12.95 -10.01 -1.07
N GLN A 88 -13.01 -10.24 -2.38
CA GLN A 88 -14.28 -10.55 -3.04
C GLN A 88 -14.31 -12.00 -3.51
N SER A 89 -14.78 -12.89 -2.65
CA SER A 89 -14.86 -14.31 -2.98
C SER A 89 -15.65 -14.52 -4.28
N GLY A 90 -14.96 -14.99 -5.30
CA GLY A 90 -15.60 -15.24 -6.58
C GLY A 90 -14.61 -15.35 -7.71
N SER A 91 -13.48 -16.01 -7.45
CA SER A 91 -12.44 -16.18 -8.46
C SER A 91 -12.96 -17.02 -9.63
N GLU A 92 -12.65 -16.57 -10.85
CA GLU A 92 -13.08 -17.27 -12.05
C GLU A 92 -11.91 -17.99 -12.72
N LEU A 93 -11.84 -19.30 -12.53
CA LEU A 93 -10.77 -20.09 -13.11
C LEU A 93 -9.40 -19.48 -12.81
N SER A 94 -9.23 -19.03 -11.58
CA SER A 94 -7.97 -18.41 -11.16
C SER A 94 -7.57 -18.89 -9.78
N GLY A 95 -6.26 -19.03 -9.56
CA GLY A 95 -5.76 -19.47 -8.28
C GLY A 95 -4.34 -20.00 -8.35
N PRO A 96 -3.92 -20.75 -7.32
CA PRO A 96 -2.58 -21.32 -7.26
C PRO A 96 -2.37 -22.44 -8.27
N SER A 97 -1.43 -22.24 -9.18
CA SER A 97 -1.13 -23.23 -10.21
C SER A 97 -0.59 -24.51 -9.59
N SER A 98 0.39 -24.37 -8.71
CA SER A 98 1.01 -25.52 -8.04
C SER A 98 1.04 -25.32 -6.54
N GLY A 99 0.85 -26.40 -5.79
CA GLY A 99 0.88 -26.32 -4.35
C GLY A 99 1.75 -27.38 -3.72
N GLY A 1 -32.38 -22.79 18.95
CA GLY A 1 -32.05 -22.27 20.27
C GLY A 1 -30.55 -22.14 20.48
N SER A 2 -30.10 -20.95 20.84
CA SER A 2 -28.69 -20.70 21.07
C SER A 2 -28.48 -19.82 22.31
N SER A 3 -27.68 -20.33 23.25
CA SER A 3 -27.41 -19.60 24.48
C SER A 3 -25.92 -19.65 24.82
N GLY A 4 -25.25 -18.51 24.70
CA GLY A 4 -23.83 -18.45 24.99
C GLY A 4 -23.02 -17.91 23.83
N SER A 5 -22.63 -16.64 23.93
CA SER A 5 -21.86 -16.00 22.88
C SER A 5 -21.24 -14.69 23.38
N SER A 6 -20.20 -14.23 22.68
CA SER A 6 -19.52 -13.00 23.06
C SER A 6 -18.83 -12.37 21.86
N GLY A 7 -18.23 -11.20 22.07
CA GLY A 7 -17.55 -10.52 20.99
C GLY A 7 -18.49 -9.96 19.94
N PHE A 8 -19.15 -8.85 20.29
CA PHE A 8 -20.09 -8.21 19.38
C PHE A 8 -19.44 -7.04 18.65
N ARG A 9 -18.20 -7.23 18.22
CA ARG A 9 -17.48 -6.19 17.51
C ARG A 9 -16.43 -6.79 16.58
N VAL A 10 -15.87 -5.95 15.70
CA VAL A 10 -14.86 -6.41 14.75
C VAL A 10 -14.11 -5.23 14.15
N GLU A 11 -12.78 -5.28 14.22
CA GLU A 11 -11.94 -4.22 13.68
C GLU A 11 -10.47 -4.63 13.71
N ARG A 12 -9.87 -4.72 12.53
CA ARG A 12 -8.46 -5.08 12.42
C ARG A 12 -7.68 -4.04 11.62
N SER A 13 -6.80 -3.32 12.31
CA SER A 13 -5.99 -2.28 11.68
C SER A 13 -6.88 -1.26 10.97
N GLN A 14 -7.98 -0.89 11.61
CA GLN A 14 -8.91 0.08 11.04
C GLN A 14 -8.25 1.44 10.85
N PRO A 15 -7.77 2.02 11.96
CA PRO A 15 -7.10 3.33 11.94
C PRO A 15 -5.74 3.26 11.28
N ALA A 16 -5.27 4.42 10.80
CA ALA A 16 -3.97 4.49 10.14
C ALA A 16 -3.85 3.46 9.02
N SER A 17 -4.89 3.36 8.21
CA SER A 17 -4.92 2.41 7.11
C SER A 17 -5.99 2.78 6.07
N GLN A 18 -5.55 3.00 4.83
CA GLN A 18 -6.47 3.36 3.77
C GLN A 18 -6.65 2.21 2.78
N PRO A 19 -7.87 2.07 2.24
CA PRO A 19 -8.20 1.01 1.28
C PRO A 19 -7.52 1.22 -0.06
N LEU A 20 -6.66 0.27 -0.44
CA LEU A 20 -5.94 0.34 -1.71
C LEU A 20 -6.26 -0.85 -2.59
N THR A 21 -6.77 -0.59 -3.79
CA THR A 21 -7.11 -1.65 -4.73
C THR A 21 -6.70 -1.27 -6.15
N TYR A 22 -6.98 -2.17 -7.09
CA TYR A 22 -6.63 -1.94 -8.49
C TYR A 22 -7.53 -0.88 -9.11
N GLU A 23 -8.77 -0.81 -8.61
CA GLU A 23 -9.74 0.15 -9.12
C GLU A 23 -9.36 1.57 -8.70
N SER A 24 -8.36 1.68 -7.83
CA SER A 24 -7.91 2.98 -7.33
C SER A 24 -6.91 3.61 -8.31
N GLY A 25 -7.12 4.88 -8.61
CA GLY A 25 -6.23 5.57 -9.53
C GLY A 25 -5.04 6.18 -8.81
N PRO A 26 -4.31 7.07 -9.51
CA PRO A 26 -3.13 7.74 -8.97
C PRO A 26 -3.49 8.74 -7.88
N ASP A 27 -4.76 9.10 -7.80
CA ASP A 27 -5.23 10.05 -6.80
C ASP A 27 -5.33 9.39 -5.43
N GLU A 28 -5.63 8.09 -5.43
CA GLU A 28 -5.75 7.34 -4.18
C GLU A 28 -4.43 6.71 -3.79
N VAL A 29 -3.70 6.21 -4.79
CA VAL A 29 -2.40 5.58 -4.55
C VAL A 29 -1.48 6.51 -3.77
N ARG A 30 -1.50 7.79 -4.11
CA ARG A 30 -0.65 8.77 -3.44
C ARG A 30 -1.12 8.99 -2.01
N ALA A 31 -2.42 8.83 -1.77
CA ALA A 31 -2.99 9.01 -0.45
C ALA A 31 -2.61 7.86 0.48
N TRP A 32 -2.73 6.64 -0.04
CA TRP A 32 -2.41 5.45 0.74
C TRP A 32 -1.02 5.55 1.35
N LEU A 33 -0.05 5.98 0.54
CA LEU A 33 1.33 6.13 1.00
C LEU A 33 1.42 7.17 2.10
N GLU A 34 1.00 8.40 1.79
CA GLU A 34 1.04 9.49 2.75
C GLU A 34 0.54 9.02 4.12
N ALA A 35 -0.53 8.23 4.11
CA ALA A 35 -1.11 7.72 5.35
C ALA A 35 -0.06 6.98 6.17
N LYS A 36 0.78 6.20 5.49
CA LYS A 36 1.83 5.44 6.16
C LYS A 36 2.93 6.36 6.68
N ALA A 37 3.09 7.51 6.02
CA ALA A 37 4.11 8.48 6.41
C ALA A 37 5.50 7.95 6.12
N PHE A 38 5.68 7.38 4.93
CA PHE A 38 6.98 6.83 4.53
C PHE A 38 7.98 7.95 4.25
N SER A 39 7.67 8.77 3.26
CA SER A 39 8.55 9.88 2.88
C SER A 39 7.90 10.73 1.79
N PRO A 40 8.33 12.00 1.70
CA PRO A 40 7.81 12.94 0.70
C PRO A 40 8.26 12.59 -0.72
N ARG A 41 9.31 11.78 -0.81
CA ARG A 41 9.83 11.37 -2.11
C ARG A 41 9.07 10.16 -2.65
N ILE A 42 8.94 9.13 -1.83
CA ILE A 42 8.23 7.93 -2.23
C ILE A 42 6.75 8.21 -2.50
N VAL A 43 6.22 9.20 -1.79
CA VAL A 43 4.82 9.58 -1.94
C VAL A 43 4.59 10.29 -3.28
N GLU A 44 5.56 11.10 -3.68
CA GLU A 44 5.46 11.85 -4.93
C GLU A 44 5.89 10.97 -6.11
N ASN A 45 6.67 9.94 -5.82
CA ASN A 45 7.15 9.02 -6.85
C ASN A 45 6.13 7.92 -7.11
N LEU A 46 5.63 7.31 -6.05
CA LEU A 46 4.64 6.24 -6.16
C LEU A 46 3.23 6.81 -6.28
N GLY A 47 3.08 8.08 -5.92
CA GLY A 47 1.77 8.72 -6.00
C GLY A 47 1.40 9.08 -7.42
N ILE A 48 2.17 8.60 -8.38
CA ILE A 48 1.91 8.88 -9.79
C ILE A 48 1.35 7.65 -10.51
N LEU A 49 1.70 6.47 -9.99
CA LEU A 49 1.23 5.22 -10.57
C LEU A 49 -0.19 4.90 -10.11
N THR A 50 -0.96 4.27 -10.98
CA THR A 50 -2.34 3.90 -10.67
C THR A 50 -2.38 2.71 -9.72
N GLY A 51 -3.59 2.22 -9.45
CA GLY A 51 -3.74 1.08 -8.56
C GLY A 51 -2.83 -0.07 -8.92
N PRO A 52 -2.98 -0.58 -10.16
CA PRO A 52 -2.16 -1.70 -10.65
C PRO A 52 -0.71 -1.30 -10.88
N GLN A 53 -0.51 -0.20 -11.61
CA GLN A 53 0.83 0.28 -11.91
C GLN A 53 1.71 0.22 -10.68
N LEU A 54 1.14 0.52 -9.52
CA LEU A 54 1.86 0.51 -8.26
C LEU A 54 2.18 -0.92 -7.83
N PHE A 55 1.14 -1.70 -7.61
CA PHE A 55 1.30 -3.09 -7.20
C PHE A 55 2.19 -3.85 -8.19
N SER A 56 2.23 -3.37 -9.42
CA SER A 56 3.04 -4.00 -10.46
C SER A 56 4.52 -3.92 -10.12
N LEU A 57 4.88 -3.02 -9.21
CA LEU A 57 6.26 -2.84 -8.79
C LEU A 57 6.71 -3.98 -7.90
N ASN A 58 7.96 -4.41 -8.08
CA ASN A 58 8.52 -5.50 -7.29
C ASN A 58 9.40 -4.96 -6.18
N LYS A 59 9.89 -5.86 -5.32
CA LYS A 59 10.76 -5.47 -4.22
C LYS A 59 11.92 -4.61 -4.71
N GLU A 60 12.82 -5.22 -5.50
CA GLU A 60 13.96 -4.50 -6.03
C GLU A 60 13.54 -3.17 -6.64
N GLU A 61 12.47 -3.21 -7.43
CA GLU A 61 11.96 -2.00 -8.08
C GLU A 61 11.64 -0.92 -7.05
N LEU A 62 10.89 -1.30 -6.02
CA LEU A 62 10.52 -0.36 -4.97
C LEU A 62 11.75 0.19 -4.26
N LYS A 63 12.78 -0.64 -4.17
CA LYS A 63 14.02 -0.24 -3.51
C LYS A 63 14.74 0.84 -4.31
N LYS A 64 14.73 0.70 -5.63
CA LYS A 64 15.38 1.68 -6.50
C LYS A 64 14.63 3.01 -6.47
N VAL A 65 13.32 2.96 -6.62
CA VAL A 65 12.49 4.17 -6.61
C VAL A 65 12.42 4.76 -5.21
N CYS A 66 12.05 3.94 -4.24
CA CYS A 66 11.94 4.38 -2.85
C CYS A 66 13.27 4.22 -2.12
N GLY A 67 14.35 4.16 -2.89
CA GLY A 67 15.67 4.00 -2.29
C GLY A 67 15.67 3.00 -1.15
N GLU A 68 16.07 3.46 0.04
CA GLU A 68 16.12 2.60 1.22
C GLU A 68 14.71 2.38 1.78
N GLU A 69 13.91 3.43 1.78
CA GLU A 69 12.55 3.35 2.29
C GLU A 69 11.79 2.18 1.66
N GLY A 70 12.00 1.99 0.36
CA GLY A 70 11.35 0.91 -0.35
C GLY A 70 11.31 -0.37 0.45
N VAL A 71 12.48 -0.85 0.86
CA VAL A 71 12.58 -2.08 1.63
C VAL A 71 11.41 -2.20 2.61
N ARG A 72 11.06 -1.09 3.25
CA ARG A 72 9.97 -1.07 4.20
C ARG A 72 8.62 -0.96 3.50
N VAL A 73 8.56 -0.08 2.50
CA VAL A 73 7.32 0.12 1.74
C VAL A 73 6.79 -1.20 1.21
N TYR A 74 7.69 -2.05 0.72
CA TYR A 74 7.31 -3.34 0.16
C TYR A 74 6.66 -4.22 1.24
N SER A 75 7.25 -4.22 2.42
CA SER A 75 6.73 -5.01 3.53
C SER A 75 5.29 -4.62 3.85
N GLN A 76 4.98 -3.34 3.67
CA GLN A 76 3.63 -2.84 3.93
C GLN A 76 2.70 -3.13 2.77
N LEU A 77 3.22 -3.02 1.55
CA LEU A 77 2.43 -3.28 0.35
C LEU A 77 1.92 -4.71 0.33
N THR A 78 2.71 -5.62 0.89
CA THR A 78 2.34 -7.03 0.94
C THR A 78 1.12 -7.25 1.82
N MET A 79 1.09 -6.59 2.96
CA MET A 79 -0.02 -6.71 3.90
C MET A 79 -1.34 -6.42 3.21
N GLN A 80 -1.29 -5.58 2.17
CA GLN A 80 -2.49 -5.21 1.42
C GLN A 80 -2.76 -6.23 0.31
N LYS A 81 -1.80 -6.39 -0.58
CA LYS A 81 -1.94 -7.33 -1.70
C LYS A 81 -2.38 -8.69 -1.20
N ALA A 82 -1.69 -9.22 -0.20
CA ALA A 82 -2.02 -10.52 0.36
C ALA A 82 -3.48 -10.56 0.82
N PHE A 83 -3.97 -9.42 1.29
CA PHE A 83 -5.35 -9.33 1.77
C PHE A 83 -6.33 -9.39 0.61
N LEU A 84 -6.00 -8.69 -0.47
CA LEU A 84 -6.86 -8.65 -1.65
C LEU A 84 -7.13 -10.06 -2.17
N GLU A 85 -6.07 -10.86 -2.28
CA GLU A 85 -6.19 -12.22 -2.76
C GLU A 85 -7.38 -12.93 -2.10
N LYS A 86 -7.45 -12.82 -0.78
CA LYS A 86 -8.53 -13.46 -0.02
C LYS A 86 -9.59 -12.43 0.37
N GLN A 87 -9.91 -11.53 -0.57
CA GLN A 87 -10.91 -10.50 -0.31
C GLN A 87 -12.32 -11.04 -0.54
N GLN A 88 -13.28 -10.47 0.18
CA GLN A 88 -14.67 -10.90 0.07
C GLN A 88 -15.30 -10.38 -1.22
N SER A 89 -15.62 -11.30 -2.12
CA SER A 89 -16.23 -10.94 -3.40
C SER A 89 -17.22 -12.00 -3.85
N GLY A 90 -17.98 -11.69 -4.91
CA GLY A 90 -18.95 -12.62 -5.42
C GLY A 90 -18.88 -12.78 -6.92
N SER A 91 -17.83 -13.45 -7.40
CA SER A 91 -17.63 -13.66 -8.82
C SER A 91 -16.80 -14.91 -9.07
N GLU A 92 -16.98 -15.52 -10.24
CA GLU A 92 -16.25 -16.72 -10.61
C GLU A 92 -14.75 -16.43 -10.72
N LEU A 93 -14.06 -16.51 -9.60
CA LEU A 93 -12.62 -16.26 -9.57
C LEU A 93 -11.85 -17.48 -10.08
N SER A 94 -10.53 -17.32 -10.20
CA SER A 94 -9.68 -18.40 -10.67
C SER A 94 -8.87 -19.01 -9.53
N GLY A 95 -8.31 -18.14 -8.68
CA GLY A 95 -7.52 -18.61 -7.55
C GLY A 95 -6.04 -18.65 -7.86
N PRO A 96 -5.23 -19.04 -6.88
CA PRO A 96 -3.78 -19.12 -7.02
C PRO A 96 -3.35 -20.26 -7.95
N SER A 97 -2.04 -20.42 -8.11
CA SER A 97 -1.51 -21.47 -8.98
C SER A 97 -0.45 -22.28 -8.24
N SER A 98 0.44 -21.58 -7.54
CA SER A 98 1.51 -22.23 -6.80
C SER A 98 0.95 -23.05 -5.63
N GLY A 99 1.44 -24.28 -5.48
CA GLY A 99 0.97 -25.13 -4.40
C GLY A 99 1.51 -24.70 -3.05
N GLY A 1 28.87 -11.06 9.30
CA GLY A 1 27.74 -10.16 9.22
C GLY A 1 27.29 -9.67 10.57
N SER A 2 26.43 -8.65 10.58
CA SER A 2 25.92 -8.09 11.82
C SER A 2 24.46 -8.44 12.03
N SER A 3 24.19 -9.22 13.07
CA SER A 3 22.83 -9.65 13.37
C SER A 3 22.78 -10.40 14.70
N GLY A 4 21.85 -9.98 15.56
CA GLY A 4 21.71 -10.61 16.86
C GLY A 4 21.80 -9.63 18.01
N SER A 5 20.73 -8.86 18.21
CA SER A 5 20.69 -7.87 19.27
C SER A 5 19.30 -7.79 19.90
N SER A 6 19.23 -7.19 21.07
CA SER A 6 17.96 -7.06 21.79
C SER A 6 17.79 -5.65 22.34
N GLY A 7 16.54 -5.19 22.42
CA GLY A 7 16.27 -3.87 22.93
C GLY A 7 15.82 -2.90 21.84
N PHE A 8 14.72 -3.24 21.18
CA PHE A 8 14.19 -2.40 20.11
C PHE A 8 12.70 -2.17 20.29
N ARG A 9 12.25 -0.94 20.05
CA ARG A 9 10.85 -0.59 20.19
C ARG A 9 10.43 0.41 19.12
N VAL A 10 9.14 0.42 18.78
CA VAL A 10 8.62 1.34 17.78
C VAL A 10 7.33 1.99 18.26
N GLU A 11 7.35 3.32 18.36
CA GLU A 11 6.18 4.08 18.80
C GLU A 11 5.27 4.41 17.62
N ARG A 12 3.99 4.08 17.77
CA ARG A 12 3.02 4.34 16.72
C ARG A 12 2.33 5.68 16.93
N SER A 13 2.63 6.64 16.07
CA SER A 13 2.04 7.98 16.17
C SER A 13 0.51 7.91 16.18
N GLN A 14 -0.04 7.31 15.14
CA GLN A 14 -1.50 7.17 15.02
C GLN A 14 -1.86 6.06 14.05
N PRO A 15 -2.94 5.33 14.35
CA PRO A 15 -3.43 4.23 13.51
C PRO A 15 -4.01 4.73 12.19
N ALA A 16 -3.17 4.79 11.16
CA ALA A 16 -3.61 5.24 9.85
C ALA A 16 -3.80 4.07 8.90
N SER A 17 -5.05 3.77 8.58
CA SER A 17 -5.38 2.67 7.68
C SER A 17 -6.17 3.15 6.48
N GLN A 18 -5.47 3.35 5.36
CA GLN A 18 -6.11 3.83 4.14
C GLN A 18 -6.34 2.68 3.17
N PRO A 19 -7.53 2.65 2.55
CA PRO A 19 -7.90 1.60 1.59
C PRO A 19 -7.11 1.71 0.28
N LEU A 20 -6.76 0.56 -0.27
CA LEU A 20 -6.01 0.52 -1.52
C LEU A 20 -6.32 -0.75 -2.30
N THR A 21 -6.85 -0.58 -3.51
CA THR A 21 -7.19 -1.72 -4.37
C THR A 21 -6.72 -1.48 -5.80
N TYR A 22 -7.05 -2.43 -6.68
CA TYR A 22 -6.65 -2.33 -8.08
C TYR A 22 -7.50 -1.29 -8.82
N GLU A 23 -8.70 -1.05 -8.30
CA GLU A 23 -9.61 -0.08 -8.91
C GLU A 23 -9.18 1.35 -8.59
N SER A 24 -8.23 1.47 -7.66
CA SER A 24 -7.73 2.78 -7.26
C SER A 24 -6.74 3.33 -8.27
N GLY A 25 -6.82 4.63 -8.53
CA GLY A 25 -5.91 5.25 -9.49
C GLY A 25 -4.73 5.93 -8.80
N PRO A 26 -4.09 6.85 -9.53
CA PRO A 26 -2.93 7.59 -9.01
C PRO A 26 -3.31 8.58 -7.90
N ASP A 27 -4.56 9.03 -7.94
CA ASP A 27 -5.05 9.97 -6.93
C ASP A 27 -5.19 9.30 -5.58
N GLU A 28 -5.53 8.01 -5.59
CA GLU A 28 -5.70 7.25 -4.36
C GLU A 28 -4.38 6.64 -3.91
N VAL A 29 -3.58 6.19 -4.87
CA VAL A 29 -2.29 5.59 -4.58
C VAL A 29 -1.41 6.53 -3.76
N ARG A 30 -1.51 7.82 -4.06
CA ARG A 30 -0.72 8.83 -3.35
C ARG A 30 -1.25 9.02 -1.93
N ALA A 31 -2.53 8.74 -1.73
CA ALA A 31 -3.15 8.88 -0.42
C ALA A 31 -2.78 7.71 0.49
N TRP A 32 -2.81 6.51 -0.07
CA TRP A 32 -2.48 5.31 0.70
C TRP A 32 -1.07 5.40 1.27
N LEU A 33 -0.14 5.91 0.48
CA LEU A 33 1.25 6.05 0.91
C LEU A 33 1.35 7.01 2.10
N GLU A 34 0.93 8.25 1.89
CA GLU A 34 0.98 9.26 2.94
C GLU A 34 0.41 8.71 4.24
N ALA A 35 -0.60 7.85 4.12
CA ALA A 35 -1.24 7.24 5.30
C ALA A 35 -0.22 6.48 6.14
N LYS A 36 0.73 5.84 5.46
CA LYS A 36 1.77 5.07 6.16
C LYS A 36 2.88 5.98 6.65
N ALA A 37 2.99 7.16 6.04
CA ALA A 37 4.02 8.12 6.42
C ALA A 37 5.41 7.59 6.11
N PHE A 38 5.59 7.11 4.89
CA PHE A 38 6.88 6.56 4.46
C PHE A 38 7.90 7.68 4.25
N SER A 39 7.66 8.51 3.25
CA SER A 39 8.55 9.63 2.94
C SER A 39 7.97 10.51 1.84
N PRO A 40 8.40 11.78 1.82
CA PRO A 40 7.93 12.75 0.82
C PRO A 40 8.46 12.44 -0.58
N ARG A 41 9.34 11.45 -0.67
CA ARG A 41 9.93 11.07 -1.95
C ARG A 41 9.18 9.88 -2.55
N ILE A 42 8.98 8.85 -1.75
CA ILE A 42 8.27 7.65 -2.20
C ILE A 42 6.85 7.99 -2.62
N VAL A 43 6.23 8.94 -1.92
CA VAL A 43 4.87 9.35 -2.22
C VAL A 43 4.81 10.11 -3.55
N GLU A 44 5.72 11.06 -3.73
CA GLU A 44 5.76 11.85 -4.95
C GLU A 44 6.29 11.02 -6.12
N ASN A 45 6.98 9.94 -5.79
CA ASN A 45 7.55 9.05 -6.81
C ASN A 45 6.60 7.89 -7.11
N LEU A 46 5.83 7.50 -6.11
CA LEU A 46 4.88 6.39 -6.27
C LEU A 46 3.44 6.90 -6.21
N GLY A 47 3.29 8.22 -6.10
CA GLY A 47 1.96 8.81 -6.05
C GLY A 47 1.41 9.09 -7.43
N ILE A 48 2.06 8.57 -8.45
CA ILE A 48 1.62 8.78 -9.82
C ILE A 48 1.18 7.47 -10.46
N LEU A 49 1.62 6.35 -9.90
CA LEU A 49 1.26 5.04 -10.40
C LEU A 49 -0.15 4.64 -9.96
N THR A 50 -0.88 4.01 -10.87
CA THR A 50 -2.24 3.59 -10.59
C THR A 50 -2.26 2.43 -9.59
N GLY A 51 -3.45 2.02 -9.19
CA GLY A 51 -3.59 0.93 -8.24
C GLY A 51 -2.71 -0.26 -8.59
N PRO A 52 -2.94 -0.83 -9.78
CA PRO A 52 -2.17 -1.98 -10.27
C PRO A 52 -0.72 -1.62 -10.60
N GLN A 53 -0.54 -0.45 -11.21
CA GLN A 53 0.79 0.01 -11.59
C GLN A 53 1.74 -0.04 -10.40
N LEU A 54 1.21 0.24 -9.21
CA LEU A 54 2.01 0.23 -7.99
C LEU A 54 2.26 -1.20 -7.52
N PHE A 55 1.20 -1.95 -7.31
CA PHE A 55 1.31 -3.34 -6.87
C PHE A 55 2.16 -4.15 -7.83
N SER A 56 2.27 -3.67 -9.06
CA SER A 56 3.06 -4.36 -10.09
C SER A 56 4.55 -4.22 -9.80
N LEU A 57 4.92 -3.20 -9.05
CA LEU A 57 6.31 -2.96 -8.71
C LEU A 57 6.81 -3.98 -7.69
N ASN A 58 8.04 -4.44 -7.88
CA ASN A 58 8.64 -5.43 -6.99
C ASN A 58 9.58 -4.76 -5.99
N LYS A 59 10.13 -5.56 -5.08
CA LYS A 59 11.06 -5.05 -4.07
C LYS A 59 12.17 -4.23 -4.72
N GLU A 60 13.02 -4.90 -5.48
CA GLU A 60 14.13 -4.22 -6.16
C GLU A 60 13.66 -2.97 -6.87
N GLU A 61 12.43 -3.02 -7.41
CA GLU A 61 11.87 -1.88 -8.12
C GLU A 61 11.60 -0.72 -7.16
N LEU A 62 10.71 -0.95 -6.20
CA LEU A 62 10.36 0.07 -5.23
C LEU A 62 11.62 0.75 -4.67
N LYS A 63 12.58 -0.05 -4.26
CA LYS A 63 13.84 0.46 -3.72
C LYS A 63 14.60 1.24 -4.78
N LYS A 64 14.34 0.94 -6.04
CA LYS A 64 15.00 1.62 -7.14
C LYS A 64 14.76 3.11 -7.08
N VAL A 65 13.56 3.51 -6.67
CA VAL A 65 13.21 4.92 -6.56
C VAL A 65 13.15 5.36 -5.10
N CYS A 66 12.35 4.67 -4.31
CA CYS A 66 12.20 4.98 -2.90
C CYS A 66 13.56 5.06 -2.21
N GLY A 67 14.38 4.04 -2.42
CA GLY A 67 15.70 4.01 -1.81
C GLY A 67 15.74 3.17 -0.55
N GLU A 68 15.81 3.83 0.60
CA GLU A 68 15.86 3.13 1.88
C GLU A 68 14.46 2.79 2.37
N GLU A 69 13.54 3.73 2.22
CA GLU A 69 12.16 3.54 2.64
C GLU A 69 11.52 2.38 1.88
N GLY A 70 11.72 2.35 0.56
CA GLY A 70 11.17 1.30 -0.25
C GLY A 70 11.18 -0.05 0.44
N VAL A 71 12.28 -0.36 1.12
CA VAL A 71 12.41 -1.62 1.83
C VAL A 71 11.17 -1.91 2.68
N ARG A 72 10.70 -0.89 3.39
CA ARG A 72 9.53 -1.03 4.23
C ARG A 72 8.25 -1.06 3.40
N VAL A 73 8.19 -0.19 2.39
CA VAL A 73 7.02 -0.12 1.52
C VAL A 73 6.68 -1.49 0.96
N TYR A 74 7.70 -2.23 0.54
CA TYR A 74 7.50 -3.57 -0.03
C TYR A 74 6.97 -4.53 1.03
N SER A 75 7.42 -4.35 2.27
CA SER A 75 6.99 -5.21 3.37
C SER A 75 5.54 -4.91 3.75
N GLN A 76 5.15 -3.65 3.64
CA GLN A 76 3.79 -3.25 3.97
C GLN A 76 2.83 -3.58 2.84
N LEU A 77 3.19 -3.19 1.62
CA LEU A 77 2.37 -3.45 0.45
C LEU A 77 1.77 -4.86 0.52
N THR A 78 2.51 -5.79 1.10
CA THR A 78 2.06 -7.16 1.22
C THR A 78 0.80 -7.26 2.07
N MET A 79 0.85 -6.66 3.26
CA MET A 79 -0.28 -6.68 4.17
C MET A 79 -1.57 -6.37 3.43
N GLN A 80 -1.47 -5.61 2.35
CA GLN A 80 -2.63 -5.24 1.55
C GLN A 80 -2.86 -6.24 0.42
N LYS A 81 -1.87 -6.38 -0.45
CA LYS A 81 -1.95 -7.30 -1.57
C LYS A 81 -2.50 -8.66 -1.13
N ALA A 82 -1.95 -9.17 -0.03
CA ALA A 82 -2.38 -10.46 0.50
C ALA A 82 -3.85 -10.42 0.91
N PHE A 83 -4.28 -9.27 1.44
CA PHE A 83 -5.66 -9.10 1.88
C PHE A 83 -6.61 -9.05 0.67
N LEU A 84 -6.20 -8.31 -0.35
CA LEU A 84 -7.00 -8.16 -1.56
C LEU A 84 -7.15 -9.50 -2.28
N GLU A 85 -6.09 -10.30 -2.25
CA GLU A 85 -6.10 -11.61 -2.90
C GLU A 85 -7.38 -12.36 -2.57
N LYS A 86 -7.75 -12.37 -1.30
CA LYS A 86 -8.95 -13.06 -0.84
C LYS A 86 -10.18 -12.18 -1.04
N GLN A 87 -9.96 -10.88 -1.19
CA GLN A 87 -11.06 -9.93 -1.39
C GLN A 87 -11.76 -10.19 -2.71
N GLN A 88 -10.98 -10.22 -3.79
CA GLN A 88 -11.53 -10.45 -5.12
C GLN A 88 -11.24 -11.86 -5.59
N SER A 89 -12.27 -12.53 -6.13
CA SER A 89 -12.12 -13.89 -6.62
C SER A 89 -12.31 -13.96 -8.14
N GLY A 90 -11.20 -13.83 -8.86
CA GLY A 90 -11.27 -13.88 -10.32
C GLY A 90 -10.84 -15.21 -10.88
N SER A 91 -9.68 -15.70 -10.44
CA SER A 91 -9.17 -16.98 -10.91
C SER A 91 -8.20 -17.58 -9.89
N GLU A 92 -8.26 -18.91 -9.74
CA GLU A 92 -7.39 -19.60 -8.79
C GLU A 92 -6.14 -20.13 -9.49
N LEU A 93 -5.08 -19.32 -9.49
CA LEU A 93 -3.83 -19.71 -10.12
C LEU A 93 -2.74 -19.91 -9.08
N SER A 94 -2.13 -21.10 -9.07
CA SER A 94 -1.07 -21.42 -8.12
C SER A 94 -1.33 -20.74 -6.78
N GLY A 95 -2.56 -20.84 -6.29
CA GLY A 95 -2.90 -20.23 -5.01
C GLY A 95 -2.53 -21.11 -3.83
N PRO A 96 -3.51 -21.89 -3.34
CA PRO A 96 -3.31 -22.79 -2.21
C PRO A 96 -2.39 -23.96 -2.55
N SER A 97 -2.46 -24.42 -3.79
CA SER A 97 -1.65 -25.54 -4.24
C SER A 97 -1.31 -25.41 -5.72
N SER A 98 -0.05 -25.67 -6.06
CA SER A 98 0.40 -25.57 -7.44
C SER A 98 0.95 -26.91 -7.93
N GLY A 99 1.83 -27.50 -7.15
CA GLY A 99 2.42 -28.79 -7.51
C GLY A 99 2.29 -29.81 -6.41
N GLY A 1 4.78 -19.08 41.84
CA GLY A 1 3.56 -19.74 42.30
C GLY A 1 2.46 -19.69 41.27
N SER A 2 1.60 -18.68 41.37
CA SER A 2 0.49 -18.52 40.44
C SER A 2 0.74 -17.36 39.49
N SER A 3 1.03 -16.19 40.05
CA SER A 3 1.27 -15.00 39.25
C SER A 3 0.22 -14.85 38.15
N GLY A 4 -1.03 -15.10 38.50
CA GLY A 4 -2.11 -14.99 37.55
C GLY A 4 -2.89 -13.69 37.68
N SER A 5 -2.77 -12.83 36.68
CA SER A 5 -3.45 -11.53 36.70
C SER A 5 -4.31 -11.36 35.45
N SER A 6 -5.07 -10.27 35.41
CA SER A 6 -5.94 -9.98 34.27
C SER A 6 -6.49 -8.56 34.35
N GLY A 7 -6.97 -8.06 33.23
CA GLY A 7 -7.53 -6.72 33.19
C GLY A 7 -8.19 -6.40 31.87
N PHE A 8 -8.97 -5.32 31.85
CA PHE A 8 -9.66 -4.91 30.63
C PHE A 8 -8.72 -4.16 29.69
N ARG A 9 -8.20 -4.88 28.69
CA ARG A 9 -7.29 -4.29 27.72
C ARG A 9 -7.84 -4.41 26.31
N VAL A 10 -8.52 -3.36 25.85
CA VAL A 10 -9.10 -3.35 24.52
C VAL A 10 -8.03 -3.49 23.45
N GLU A 11 -8.25 -4.41 22.52
CA GLU A 11 -7.30 -4.64 21.43
C GLU A 11 -8.00 -4.66 20.08
N ARG A 12 -7.84 -3.58 19.31
CA ARG A 12 -8.46 -3.48 18.00
C ARG A 12 -7.56 -4.07 16.93
N SER A 13 -8.15 -4.44 15.80
CA SER A 13 -7.41 -5.03 14.68
C SER A 13 -7.86 -4.44 13.36
N GLN A 14 -6.89 -4.00 12.56
CA GLN A 14 -7.18 -3.40 11.26
C GLN A 14 -6.09 -3.75 10.24
N PRO A 15 -6.49 -3.95 8.99
CA PRO A 15 -5.56 -4.30 7.90
C PRO A 15 -4.67 -3.11 7.52
N ALA A 16 -5.28 -1.95 7.36
CA ALA A 16 -4.54 -0.75 6.99
C ALA A 16 -5.37 0.51 7.22
N SER A 17 -4.70 1.62 7.47
CA SER A 17 -5.39 2.89 7.71
C SER A 17 -6.15 3.34 6.47
N GLN A 18 -5.44 3.41 5.34
CA GLN A 18 -6.06 3.83 4.08
C GLN A 18 -6.23 2.64 3.15
N PRO A 19 -7.43 2.51 2.56
CA PRO A 19 -7.76 1.42 1.64
C PRO A 19 -7.02 1.55 0.31
N LEU A 20 -6.69 0.40 -0.29
CA LEU A 20 -5.99 0.39 -1.56
C LEU A 20 -6.33 -0.87 -2.36
N THR A 21 -6.90 -0.66 -3.55
CA THR A 21 -7.28 -1.78 -4.41
C THR A 21 -6.78 -1.55 -5.84
N TYR A 22 -7.10 -2.50 -6.72
CA TYR A 22 -6.68 -2.42 -8.11
C TYR A 22 -7.50 -1.38 -8.87
N GLU A 23 -8.76 -1.22 -8.46
CA GLU A 23 -9.65 -0.26 -9.10
C GLU A 23 -9.23 1.17 -8.78
N SER A 24 -8.26 1.30 -7.88
CA SER A 24 -7.76 2.62 -7.48
C SER A 24 -7.04 3.30 -8.63
N GLY A 25 -6.46 4.47 -8.36
CA GLY A 25 -5.75 5.21 -9.39
C GLY A 25 -4.58 5.99 -8.83
N PRO A 26 -4.04 6.91 -9.64
CA PRO A 26 -2.91 7.75 -9.25
C PRO A 26 -3.28 8.78 -8.18
N ASP A 27 -4.58 8.99 -8.01
CA ASP A 27 -5.08 9.94 -7.02
C ASP A 27 -5.23 9.27 -5.66
N GLU A 28 -5.52 7.98 -5.67
CA GLU A 28 -5.69 7.23 -4.43
C GLU A 28 -4.38 6.58 -3.99
N VAL A 29 -3.66 6.01 -4.96
CA VAL A 29 -2.38 5.36 -4.67
C VAL A 29 -1.47 6.27 -3.85
N ARG A 30 -1.53 7.58 -4.15
CA ARG A 30 -0.70 8.55 -3.43
C ARG A 30 -1.18 8.71 -2.00
N ALA A 31 -2.49 8.58 -1.79
CA ALA A 31 -3.07 8.71 -0.47
C ALA A 31 -2.65 7.56 0.44
N TRP A 32 -2.74 6.34 -0.08
CA TRP A 32 -2.36 5.15 0.67
C TRP A 32 -1.00 5.33 1.34
N LEU A 33 -0.04 5.84 0.56
CA LEU A 33 1.32 6.06 1.08
C LEU A 33 1.30 7.08 2.22
N GLU A 34 0.81 8.28 1.93
CA GLU A 34 0.74 9.34 2.92
C GLU A 34 0.19 8.81 4.25
N ALA A 35 -0.77 7.91 4.17
CA ALA A 35 -1.38 7.32 5.36
C ALA A 35 -0.33 6.63 6.21
N LYS A 36 0.65 6.01 5.56
CA LYS A 36 1.72 5.31 6.26
C LYS A 36 2.77 6.28 6.77
N ALA A 37 2.79 7.49 6.19
CA ALA A 37 3.75 8.51 6.58
C ALA A 37 5.19 8.04 6.35
N PHE A 38 5.42 7.43 5.19
CA PHE A 38 6.74 6.93 4.84
C PHE A 38 7.71 8.10 4.61
N SER A 39 7.45 8.88 3.57
CA SER A 39 8.29 10.02 3.23
C SER A 39 7.66 10.85 2.12
N PRO A 40 8.01 12.14 2.08
CA PRO A 40 7.49 13.08 1.08
C PRO A 40 8.05 12.79 -0.31
N ARG A 41 8.99 11.86 -0.39
CA ARG A 41 9.61 11.49 -1.66
C ARG A 41 8.94 10.26 -2.26
N ILE A 42 8.81 9.22 -1.45
CA ILE A 42 8.18 7.97 -1.89
C ILE A 42 6.74 8.19 -2.29
N VAL A 43 6.05 9.06 -1.54
CA VAL A 43 4.66 9.36 -1.82
C VAL A 43 4.49 9.97 -3.22
N GLU A 44 5.45 10.82 -3.60
CA GLU A 44 5.41 11.46 -4.91
C GLU A 44 5.94 10.53 -5.99
N ASN A 45 6.89 9.67 -5.61
CA ASN A 45 7.48 8.74 -6.55
C ASN A 45 6.49 7.63 -6.92
N LEU A 46 5.65 7.26 -5.95
CA LEU A 46 4.66 6.22 -6.16
C LEU A 46 3.25 6.81 -6.26
N GLY A 47 3.14 8.10 -5.96
CA GLY A 47 1.85 8.76 -6.03
C GLY A 47 1.48 9.17 -7.44
N ILE A 48 2.21 8.66 -8.42
CA ILE A 48 1.94 8.97 -9.82
C ILE A 48 1.48 7.74 -10.58
N LEU A 49 1.67 6.58 -9.97
CA LEU A 49 1.27 5.32 -10.60
C LEU A 49 -0.13 4.91 -10.16
N THR A 50 -0.82 4.14 -11.02
CA THR A 50 -2.16 3.69 -10.71
C THR A 50 -2.15 2.55 -9.70
N GLY A 51 -3.32 2.04 -9.37
CA GLY A 51 -3.42 0.96 -8.41
C GLY A 51 -2.53 -0.21 -8.77
N PRO A 52 -2.77 -0.79 -9.96
CA PRO A 52 -2.00 -1.94 -10.45
C PRO A 52 -0.57 -1.56 -10.81
N GLN A 53 -0.41 -0.40 -11.45
CA GLN A 53 0.91 0.07 -11.86
C GLN A 53 1.88 0.05 -10.68
N LEU A 54 1.36 0.35 -9.49
CA LEU A 54 2.19 0.36 -8.29
C LEU A 54 2.52 -1.06 -7.84
N PHE A 55 1.49 -1.86 -7.61
CA PHE A 55 1.66 -3.24 -7.18
C PHE A 55 2.58 -3.99 -8.13
N SER A 56 2.61 -3.55 -9.38
CA SER A 56 3.44 -4.18 -10.40
C SER A 56 4.92 -4.02 -10.07
N LEU A 57 5.23 -3.01 -9.26
CA LEU A 57 6.61 -2.74 -8.88
C LEU A 57 7.16 -3.87 -7.99
N ASN A 58 8.39 -4.28 -8.27
CA ASN A 58 9.02 -5.35 -7.49
C ASN A 58 9.86 -4.76 -6.36
N LYS A 59 10.41 -5.65 -5.53
CA LYS A 59 11.24 -5.23 -4.41
C LYS A 59 12.30 -4.23 -4.86
N GLU A 60 13.24 -4.69 -5.67
CA GLU A 60 14.31 -3.84 -6.18
C GLU A 60 13.74 -2.56 -6.79
N GLU A 61 12.76 -2.71 -7.67
CA GLU A 61 12.13 -1.58 -8.32
C GLU A 61 11.72 -0.52 -7.29
N LEU A 62 11.04 -0.96 -6.25
CA LEU A 62 10.58 -0.07 -5.20
C LEU A 62 11.76 0.51 -4.43
N LYS A 63 12.85 -0.25 -4.34
CA LYS A 63 14.04 0.19 -3.64
C LYS A 63 14.68 1.38 -4.33
N LYS A 64 15.10 1.18 -5.58
CA LYS A 64 15.73 2.24 -6.36
C LYS A 64 14.89 3.52 -6.31
N VAL A 65 13.61 3.39 -6.64
CA VAL A 65 12.70 4.53 -6.64
C VAL A 65 12.61 5.16 -5.24
N CYS A 66 12.29 4.34 -4.25
CA CYS A 66 12.18 4.81 -2.87
C CYS A 66 13.49 4.61 -2.12
N GLY A 67 14.60 4.74 -2.84
CA GLY A 67 15.90 4.56 -2.22
C GLY A 67 15.93 3.41 -1.23
N GLU A 68 15.99 3.73 0.05
CA GLU A 68 16.03 2.71 1.09
C GLU A 68 14.62 2.38 1.58
N GLU A 69 13.82 3.42 1.81
CA GLU A 69 12.45 3.24 2.29
C GLU A 69 11.75 2.14 1.50
N GLY A 70 11.98 2.10 0.19
CA GLY A 70 11.36 1.10 -0.65
C GLY A 70 11.29 -0.26 0.03
N VAL A 71 12.36 -0.63 0.72
CA VAL A 71 12.42 -1.91 1.42
C VAL A 71 11.19 -2.11 2.29
N ARG A 72 10.80 -1.06 3.01
CA ARG A 72 9.63 -1.12 3.88
C ARG A 72 8.34 -1.15 3.07
N VAL A 73 8.28 -0.30 2.05
CA VAL A 73 7.09 -0.23 1.20
C VAL A 73 6.70 -1.61 0.68
N TYR A 74 7.68 -2.37 0.22
CA TYR A 74 7.44 -3.71 -0.30
C TYR A 74 6.91 -4.63 0.80
N SER A 75 7.42 -4.45 2.01
CA SER A 75 7.01 -5.27 3.14
C SER A 75 5.56 -4.95 3.53
N GLN A 76 5.27 -3.66 3.68
CA GLN A 76 3.92 -3.23 4.06
C GLN A 76 2.93 -3.52 2.94
N LEU A 77 3.35 -3.31 1.71
CA LEU A 77 2.50 -3.55 0.55
C LEU A 77 1.79 -4.89 0.67
N THR A 78 2.57 -5.95 0.82
CA THR A 78 2.02 -7.30 0.95
C THR A 78 0.83 -7.32 1.90
N MET A 79 1.06 -6.84 3.12
CA MET A 79 0.00 -6.80 4.13
C MET A 79 -1.34 -6.43 3.50
N GLN A 80 -1.30 -5.62 2.45
CA GLN A 80 -2.50 -5.19 1.76
C GLN A 80 -2.87 -6.16 0.65
N LYS A 81 -1.95 -6.37 -0.29
CA LYS A 81 -2.18 -7.28 -1.40
C LYS A 81 -2.79 -8.59 -0.92
N ALA A 82 -2.23 -9.15 0.13
CA ALA A 82 -2.73 -10.40 0.70
C ALA A 82 -4.14 -10.23 1.26
N PHE A 83 -4.46 -9.00 1.66
CA PHE A 83 -5.77 -8.70 2.22
C PHE A 83 -6.80 -8.51 1.11
N LEU A 84 -6.32 -8.23 -0.09
CA LEU A 84 -7.19 -8.02 -1.24
C LEU A 84 -7.46 -9.33 -1.96
N GLU A 85 -6.43 -10.15 -2.09
CA GLU A 85 -6.55 -11.45 -2.76
C GLU A 85 -7.57 -12.33 -2.05
N LYS A 86 -7.46 -12.41 -0.73
CA LYS A 86 -8.36 -13.23 0.07
C LYS A 86 -9.81 -12.80 -0.14
N GLN A 87 -9.99 -11.60 -0.67
CA GLN A 87 -11.32 -11.07 -0.93
C GLN A 87 -12.02 -11.86 -2.03
N GLN A 88 -11.40 -11.91 -3.21
CA GLN A 88 -11.97 -12.63 -4.34
C GLN A 88 -11.70 -14.13 -4.21
N SER A 89 -12.75 -14.88 -3.89
CA SER A 89 -12.63 -16.33 -3.74
C SER A 89 -12.83 -17.03 -5.07
N GLY A 90 -12.04 -18.08 -5.31
CA GLY A 90 -12.14 -18.82 -6.55
C GLY A 90 -11.99 -20.31 -6.34
N SER A 91 -12.52 -20.81 -5.22
CA SER A 91 -12.44 -22.23 -4.90
C SER A 91 -12.81 -23.07 -6.12
N GLU A 92 -11.99 -24.09 -6.40
CA GLU A 92 -12.22 -24.98 -7.53
C GLU A 92 -12.41 -26.42 -7.06
N LEU A 93 -13.32 -27.12 -7.73
CA LEU A 93 -13.61 -28.51 -7.39
C LEU A 93 -13.39 -29.43 -8.58
N SER A 94 -12.43 -30.33 -8.47
CA SER A 94 -12.13 -31.26 -9.54
C SER A 94 -12.57 -32.68 -9.18
N GLY A 95 -12.93 -33.46 -10.20
CA GLY A 95 -13.38 -34.82 -9.97
C GLY A 95 -13.65 -35.56 -11.26
N PRO A 96 -12.57 -35.89 -11.99
CA PRO A 96 -12.68 -36.62 -13.26
C PRO A 96 -13.12 -38.06 -13.07
N SER A 97 -14.19 -38.45 -13.77
CA SER A 97 -14.71 -39.80 -13.68
C SER A 97 -13.72 -40.82 -14.26
N SER A 98 -13.36 -40.62 -15.52
CA SER A 98 -12.43 -41.51 -16.20
C SER A 98 -11.18 -41.73 -15.35
N GLY A 99 -10.88 -43.00 -15.08
CA GLY A 99 -9.72 -43.34 -14.27
C GLY A 99 -8.92 -44.47 -14.86
N GLY A 1 28.95 -15.93 22.03
CA GLY A 1 28.75 -14.70 21.29
C GLY A 1 27.37 -14.12 21.51
N SER A 2 27.28 -13.06 22.30
CA SER A 2 26.00 -12.42 22.59
C SER A 2 25.89 -11.08 21.87
N SER A 3 24.76 -10.86 21.21
CA SER A 3 24.54 -9.62 20.48
C SER A 3 23.04 -9.39 20.26
N GLY A 4 22.57 -8.19 20.62
CA GLY A 4 21.17 -7.86 20.46
C GLY A 4 20.96 -6.44 20.02
N SER A 5 20.03 -6.23 19.09
CA SER A 5 19.74 -4.90 18.57
C SER A 5 18.96 -4.08 19.61
N SER A 6 19.21 -2.77 19.62
CA SER A 6 18.52 -1.88 20.56
C SER A 6 18.04 -0.62 19.86
N GLY A 7 16.80 -0.23 20.16
CA GLY A 7 16.23 0.96 19.54
C GLY A 7 14.75 1.11 19.82
N PHE A 8 14.35 2.30 20.24
CA PHE A 8 12.95 2.57 20.55
C PHE A 8 12.19 3.00 19.29
N ARG A 9 10.96 2.52 19.18
CA ARG A 9 10.12 2.84 18.03
C ARG A 9 8.74 3.32 18.48
N VAL A 10 8.18 4.26 17.72
CA VAL A 10 6.86 4.81 18.04
C VAL A 10 5.76 3.78 17.78
N GLU A 11 5.10 3.34 18.85
CA GLU A 11 4.04 2.36 18.74
C GLU A 11 2.71 3.03 18.38
N ARG A 12 2.10 2.58 17.28
CA ARG A 12 0.84 3.13 16.82
C ARG A 12 -0.26 2.07 16.83
N SER A 13 0.07 0.88 16.34
CA SER A 13 -0.88 -0.22 16.28
C SER A 13 -2.07 0.14 15.39
N GLN A 14 -1.77 0.59 14.18
CA GLN A 14 -2.81 0.97 13.22
C GLN A 14 -2.75 0.09 11.98
N PRO A 15 -3.33 -1.12 12.08
CA PRO A 15 -3.35 -2.07 10.96
C PRO A 15 -4.27 -1.62 9.83
N ALA A 16 -5.10 -0.62 10.12
CA ALA A 16 -6.03 -0.10 9.12
C ALA A 16 -6.01 1.43 9.10
N SER A 17 -5.20 2.00 8.20
CA SER A 17 -5.09 3.45 8.10
C SER A 17 -5.90 3.97 6.90
N GLN A 18 -5.51 3.55 5.71
CA GLN A 18 -6.20 3.97 4.48
C GLN A 18 -6.41 2.79 3.55
N PRO A 19 -7.63 2.68 2.99
CA PRO A 19 -7.98 1.60 2.06
C PRO A 19 -7.27 1.74 0.72
N LEU A 20 -6.87 0.61 0.15
CA LEU A 20 -6.18 0.60 -1.14
C LEU A 20 -6.51 -0.66 -1.92
N THR A 21 -7.17 -0.50 -3.06
CA THR A 21 -7.54 -1.62 -3.91
C THR A 21 -7.06 -1.42 -5.34
N TYR A 22 -7.43 -2.35 -6.22
CA TYR A 22 -7.03 -2.27 -7.62
C TYR A 22 -7.84 -1.20 -8.35
N GLU A 23 -9.08 -1.01 -7.92
CA GLU A 23 -9.95 -0.02 -8.53
C GLU A 23 -9.49 1.39 -8.21
N SER A 24 -8.54 1.50 -7.28
CA SER A 24 -8.00 2.79 -6.87
C SER A 24 -6.95 3.28 -7.86
N GLY A 25 -7.16 4.49 -8.38
CA GLY A 25 -6.21 5.05 -9.33
C GLY A 25 -5.04 5.72 -8.65
N PRO A 26 -4.33 6.58 -9.40
CA PRO A 26 -3.15 7.30 -8.88
C PRO A 26 -3.53 8.35 -7.85
N ASP A 27 -4.79 8.76 -7.86
CA ASP A 27 -5.28 9.76 -6.91
C ASP A 27 -5.30 9.21 -5.50
N GLU A 28 -5.60 7.92 -5.37
CA GLU A 28 -5.66 7.27 -4.07
C GLU A 28 -4.31 6.65 -3.71
N VAL A 29 -3.61 6.17 -4.72
CA VAL A 29 -2.30 5.55 -4.52
C VAL A 29 -1.35 6.50 -3.80
N ARG A 30 -1.51 7.79 -4.06
CA ARG A 30 -0.66 8.81 -3.45
C ARG A 30 -1.10 9.08 -2.01
N ALA A 31 -2.39 8.92 -1.74
CA ALA A 31 -2.94 9.14 -0.42
C ALA A 31 -2.56 8.02 0.53
N TRP A 32 -2.60 6.79 0.02
CA TRP A 32 -2.25 5.62 0.83
C TRP A 32 -0.82 5.73 1.37
N LEU A 33 0.11 6.05 0.48
CA LEU A 33 1.51 6.18 0.86
C LEU A 33 1.67 7.17 2.02
N GLU A 34 1.10 8.36 1.84
CA GLU A 34 1.18 9.39 2.88
C GLU A 34 0.65 8.88 4.20
N ALA A 35 -0.41 8.07 4.14
CA ALA A 35 -1.01 7.51 5.34
C ALA A 35 0.03 6.76 6.19
N LYS A 36 0.94 6.06 5.52
CA LYS A 36 1.98 5.31 6.21
C LYS A 36 3.10 6.24 6.65
N ALA A 37 3.24 7.38 5.97
CA ALA A 37 4.28 8.34 6.30
C ALA A 37 5.66 7.81 5.95
N PHE A 38 5.81 7.30 4.74
CA PHE A 38 7.08 6.74 4.28
C PHE A 38 8.09 7.86 4.02
N SER A 39 7.82 8.66 3.00
CA SER A 39 8.71 9.76 2.64
C SER A 39 8.08 10.66 1.58
N PRO A 40 8.51 11.93 1.54
CA PRO A 40 7.99 12.91 0.57
C PRO A 40 8.45 12.60 -0.85
N ARG A 41 9.37 11.66 -0.99
CA ARG A 41 9.89 11.29 -2.29
C ARG A 41 9.13 10.07 -2.85
N ILE A 42 8.96 9.06 -2.01
CA ILE A 42 8.26 7.85 -2.42
C ILE A 42 6.80 8.14 -2.73
N VAL A 43 6.22 9.10 -2.01
CA VAL A 43 4.83 9.48 -2.22
C VAL A 43 4.64 10.15 -3.58
N GLU A 44 5.62 10.96 -3.97
CA GLU A 44 5.57 11.67 -5.25
C GLU A 44 6.07 10.78 -6.38
N ASN A 45 6.86 9.77 -6.03
CA ASN A 45 7.41 8.85 -7.02
C ASN A 45 6.44 7.71 -7.30
N LEU A 46 5.70 7.31 -6.28
CA LEU A 46 4.73 6.21 -6.42
C LEU A 46 3.31 6.77 -6.44
N GLY A 47 3.17 8.07 -6.21
CA GLY A 47 1.87 8.69 -6.21
C GLY A 47 1.38 9.02 -7.61
N ILE A 48 1.95 8.35 -8.61
CA ILE A 48 1.56 8.57 -9.99
C ILE A 48 1.05 7.29 -10.64
N LEU A 49 1.46 6.15 -10.09
CA LEU A 49 1.05 4.85 -10.61
C LEU A 49 -0.32 4.47 -10.08
N THR A 50 -1.15 3.89 -10.95
CA THR A 50 -2.50 3.48 -10.57
C THR A 50 -2.45 2.36 -9.54
N GLY A 51 -3.62 1.98 -9.03
CA GLY A 51 -3.69 0.92 -8.04
C GLY A 51 -2.84 -0.27 -8.41
N PRO A 52 -3.14 -0.89 -9.56
CA PRO A 52 -2.40 -2.06 -10.05
C PRO A 52 -0.98 -1.71 -10.49
N GLN A 53 -0.83 -0.55 -11.11
CA GLN A 53 0.48 -0.10 -11.58
C GLN A 53 1.49 -0.10 -10.44
N LEU A 54 1.04 0.30 -9.25
CA LEU A 54 1.92 0.34 -8.08
C LEU A 54 2.17 -1.07 -7.54
N PHE A 55 1.08 -1.80 -7.30
CA PHE A 55 1.18 -3.16 -6.78
C PHE A 55 2.13 -4.01 -7.63
N SER A 56 2.28 -3.61 -8.89
CA SER A 56 3.15 -4.33 -9.81
C SER A 56 4.62 -4.20 -9.40
N LEU A 57 4.93 -3.11 -8.73
CA LEU A 57 6.29 -2.85 -8.27
C LEU A 57 6.67 -3.79 -7.13
N ASN A 58 7.89 -4.33 -7.19
CA ASN A 58 8.37 -5.24 -6.16
C ASN A 58 9.34 -4.53 -5.22
N LYS A 59 9.84 -5.26 -4.23
CA LYS A 59 10.79 -4.71 -3.27
C LYS A 59 11.92 -3.98 -3.98
N GLU A 60 12.75 -4.74 -4.70
CA GLU A 60 13.87 -4.17 -5.43
C GLU A 60 13.45 -2.89 -6.16
N GLU A 61 12.42 -2.99 -6.98
CA GLU A 61 11.92 -1.85 -7.73
C GLU A 61 11.72 -0.65 -6.81
N LEU A 62 10.88 -0.82 -5.79
CA LEU A 62 10.60 0.24 -4.84
C LEU A 62 11.90 0.84 -4.29
N LYS A 63 12.92 0.01 -4.17
CA LYS A 63 14.22 0.45 -3.66
C LYS A 63 14.95 1.29 -4.70
N LYS A 64 14.70 1.01 -5.96
CA LYS A 64 15.33 1.74 -7.05
C LYS A 64 14.90 3.20 -7.06
N VAL A 65 13.67 3.45 -6.62
CA VAL A 65 13.14 4.81 -6.56
C VAL A 65 13.12 5.33 -5.13
N CYS A 66 12.46 4.58 -4.24
CA CYS A 66 12.37 4.97 -2.84
C CYS A 66 13.75 4.99 -2.18
N GLY A 67 14.45 3.86 -2.25
CA GLY A 67 15.76 3.77 -1.66
C GLY A 67 15.74 3.13 -0.29
N GLU A 68 15.43 3.92 0.74
CA GLU A 68 15.37 3.41 2.10
C GLU A 68 13.97 2.95 2.46
N GLU A 69 12.99 3.84 2.27
CA GLU A 69 11.60 3.52 2.56
C GLU A 69 11.12 2.33 1.74
N GLY A 70 11.53 2.29 0.47
CA GLY A 70 11.13 1.21 -0.40
C GLY A 70 11.10 -0.13 0.31
N VAL A 71 12.14 -0.41 1.08
CA VAL A 71 12.23 -1.67 1.81
C VAL A 71 11.03 -1.85 2.72
N ARG A 72 10.64 -0.79 3.42
CA ARG A 72 9.50 -0.84 4.33
C ARG A 72 8.19 -0.89 3.55
N VAL A 73 8.10 -0.06 2.51
CA VAL A 73 6.89 -0.01 1.69
C VAL A 73 6.53 -1.40 1.17
N TYR A 74 7.53 -2.14 0.70
CA TYR A 74 7.32 -3.48 0.18
C TYR A 74 6.76 -4.40 1.24
N SER A 75 7.28 -4.29 2.46
CA SER A 75 6.83 -5.12 3.57
C SER A 75 5.35 -4.91 3.84
N GLN A 76 4.85 -3.71 3.52
CA GLN A 76 3.45 -3.39 3.73
C GLN A 76 2.62 -3.79 2.51
N LEU A 77 3.08 -3.41 1.33
CA LEU A 77 2.39 -3.72 0.09
C LEU A 77 1.94 -5.18 0.07
N THR A 78 2.92 -6.09 0.10
CA THR A 78 2.63 -7.52 0.09
C THR A 78 1.47 -7.85 1.00
N MET A 79 1.48 -7.29 2.22
CA MET A 79 0.42 -7.53 3.18
C MET A 79 -0.93 -7.07 2.64
N GLN A 80 -0.93 -5.92 1.97
CA GLN A 80 -2.15 -5.37 1.40
C GLN A 80 -2.62 -6.20 0.22
N LYS A 81 -1.68 -6.63 -0.61
CA LYS A 81 -1.99 -7.43 -1.79
C LYS A 81 -2.61 -8.77 -1.38
N ALA A 82 -2.01 -9.41 -0.40
CA ALA A 82 -2.49 -10.70 0.10
C ALA A 82 -3.86 -10.55 0.75
N PHE A 83 -4.14 -9.37 1.28
CA PHE A 83 -5.42 -9.10 1.93
C PHE A 83 -6.52 -8.91 0.90
N LEU A 84 -6.18 -8.31 -0.23
CA LEU A 84 -7.15 -8.08 -1.30
C LEU A 84 -7.51 -9.38 -2.00
N GLU A 85 -6.51 -10.21 -2.26
CA GLU A 85 -6.73 -11.49 -2.93
C GLU A 85 -8.02 -12.14 -2.44
N LYS A 86 -8.35 -11.90 -1.18
CA LYS A 86 -9.55 -12.48 -0.57
C LYS A 86 -10.77 -11.62 -0.90
N GLN A 87 -10.73 -10.35 -0.48
CA GLN A 87 -11.83 -9.43 -0.73
C GLN A 87 -11.96 -9.11 -2.22
N GLN A 88 -13.19 -9.08 -2.71
CA GLN A 88 -13.44 -8.79 -4.12
C GLN A 88 -14.66 -7.90 -4.27
N SER A 89 -14.69 -7.13 -5.37
CA SER A 89 -15.80 -6.23 -5.63
C SER A 89 -16.32 -6.40 -7.05
N GLY A 90 -16.98 -7.53 -7.30
CA GLY A 90 -17.52 -7.79 -8.63
C GLY A 90 -17.26 -9.22 -9.07
N SER A 91 -18.06 -9.69 -10.03
CA SER A 91 -17.92 -11.05 -10.53
C SER A 91 -17.00 -11.08 -11.76
N GLU A 92 -16.05 -12.00 -11.73
CA GLU A 92 -15.09 -12.14 -12.83
C GLU A 92 -15.62 -13.11 -13.89
N LEU A 93 -16.37 -12.57 -14.86
CA LEU A 93 -16.93 -13.39 -15.93
C LEU A 93 -15.87 -14.27 -16.56
N SER A 94 -16.31 -15.32 -17.24
CA SER A 94 -15.39 -16.24 -17.90
C SER A 94 -15.78 -16.47 -19.35
N GLY A 95 -14.85 -16.22 -20.26
CA GLY A 95 -15.12 -16.39 -21.67
C GLY A 95 -15.63 -17.79 -22.00
N PRO A 96 -16.53 -17.88 -23.00
CA PRO A 96 -17.11 -19.15 -23.42
C PRO A 96 -16.10 -20.06 -24.12
N SER A 97 -15.60 -21.03 -23.38
CA SER A 97 -14.62 -21.97 -23.92
C SER A 97 -15.17 -22.68 -25.16
N SER A 98 -14.39 -22.69 -26.23
CA SER A 98 -14.80 -23.33 -27.47
C SER A 98 -13.76 -24.36 -27.92
N GLY A 99 -14.17 -25.63 -27.96
CA GLY A 99 -13.27 -26.69 -28.37
C GLY A 99 -13.94 -27.71 -29.27
N GLY A 1 37.85 11.24 21.42
CA GLY A 1 36.69 10.55 20.88
C GLY A 1 35.89 9.85 21.96
N SER A 2 34.59 9.66 21.70
CA SER A 2 33.72 9.00 22.67
C SER A 2 32.57 8.30 21.94
N SER A 3 32.12 7.18 22.52
CA SER A 3 31.02 6.42 21.93
C SER A 3 29.79 6.46 22.83
N GLY A 4 28.69 6.96 22.28
CA GLY A 4 27.45 7.05 23.03
C GLY A 4 26.29 7.52 22.18
N SER A 5 25.22 6.73 22.15
CA SER A 5 24.04 7.06 21.36
C SER A 5 22.79 7.08 22.24
N SER A 6 21.67 7.50 21.66
CA SER A 6 20.41 7.57 22.40
C SER A 6 19.23 7.67 21.43
N GLY A 7 18.10 7.10 21.84
CA GLY A 7 16.91 7.15 21.00
C GLY A 7 15.73 7.79 21.69
N PHE A 8 14.86 6.98 22.27
CA PHE A 8 13.68 7.48 22.96
C PHE A 8 12.87 8.39 22.06
N ARG A 9 12.58 7.92 20.85
CA ARG A 9 11.81 8.69 19.89
C ARG A 9 10.60 7.89 19.39
N VAL A 10 9.46 8.56 19.29
CA VAL A 10 8.23 7.92 18.83
C VAL A 10 7.35 8.90 18.07
N GLU A 11 6.43 8.37 17.27
CA GLU A 11 5.52 9.19 16.49
C GLU A 11 4.07 8.83 16.76
N ARG A 12 3.15 9.69 16.35
CA ARG A 12 1.72 9.46 16.56
C ARG A 12 1.30 8.14 15.93
N SER A 13 0.24 7.55 16.47
CA SER A 13 -0.27 6.28 15.96
C SER A 13 -1.49 6.51 15.07
N GLN A 14 -1.44 5.97 13.86
CA GLN A 14 -2.54 6.11 12.92
C GLN A 14 -3.30 4.79 12.76
N PRO A 15 -4.23 4.53 13.70
CA PRO A 15 -5.04 3.31 13.69
C PRO A 15 -6.04 3.29 12.54
N ALA A 16 -6.02 4.34 11.72
CA ALA A 16 -6.93 4.44 10.59
C ALA A 16 -6.20 4.17 9.28
N SER A 17 -6.22 2.92 8.83
CA SER A 17 -5.55 2.53 7.59
C SER A 17 -6.44 2.84 6.39
N GLN A 18 -5.82 3.31 5.31
CA GLN A 18 -6.54 3.64 4.09
C GLN A 18 -6.69 2.41 3.19
N PRO A 19 -7.91 2.16 2.73
CA PRO A 19 -8.22 1.02 1.85
C PRO A 19 -7.63 1.19 0.46
N LEU A 20 -6.72 0.29 0.09
CA LEU A 20 -6.08 0.34 -1.22
C LEU A 20 -6.47 -0.87 -2.06
N THR A 21 -7.05 -0.61 -3.23
CA THR A 21 -7.47 -1.68 -4.13
C THR A 21 -6.97 -1.42 -5.55
N TYR A 22 -7.21 -2.38 -6.44
CA TYR A 22 -6.78 -2.27 -7.82
C TYR A 22 -7.62 -1.24 -8.57
N GLU A 23 -8.86 -1.07 -8.13
CA GLU A 23 -9.77 -0.11 -8.75
C GLU A 23 -9.36 1.32 -8.43
N SER A 24 -8.49 1.47 -7.43
CA SER A 24 -8.01 2.78 -7.02
C SER A 24 -7.01 3.34 -8.03
N GLY A 25 -7.16 4.62 -8.36
CA GLY A 25 -6.26 5.24 -9.31
C GLY A 25 -5.03 5.83 -8.65
N PRO A 26 -4.34 6.73 -9.36
CA PRO A 26 -3.14 7.39 -8.85
C PRO A 26 -3.43 8.36 -7.72
N ASP A 27 -4.66 8.88 -7.70
CA ASP A 27 -5.07 9.83 -6.66
C ASP A 27 -5.09 9.16 -5.29
N GLU A 28 -5.54 7.90 -5.25
CA GLU A 28 -5.60 7.16 -4.00
C GLU A 28 -4.23 6.59 -3.64
N VAL A 29 -3.53 6.06 -4.63
CA VAL A 29 -2.20 5.48 -4.43
C VAL A 29 -1.29 6.46 -3.70
N ARG A 30 -1.45 7.75 -3.99
CA ARG A 30 -0.65 8.79 -3.37
C ARG A 30 -1.12 9.06 -1.93
N ALA A 31 -2.42 8.99 -1.72
CA ALA A 31 -3.00 9.22 -0.40
C ALA A 31 -2.65 8.10 0.56
N TRP A 32 -2.73 6.86 0.08
CA TRP A 32 -2.42 5.69 0.90
C TRP A 32 -1.01 5.80 1.48
N LEU A 33 -0.05 6.14 0.64
CA LEU A 33 1.34 6.27 1.06
C LEU A 33 1.45 7.27 2.23
N GLU A 34 1.03 8.51 1.98
CA GLU A 34 1.09 9.54 3.00
C GLU A 34 0.63 9.00 4.35
N ALA A 35 -0.47 8.26 4.34
CA ALA A 35 -1.01 7.68 5.57
C ALA A 35 0.08 6.95 6.36
N LYS A 36 0.94 6.24 5.65
CA LYS A 36 2.03 5.50 6.28
C LYS A 36 3.11 6.45 6.77
N ALA A 37 3.23 7.59 6.11
CA ALA A 37 4.23 8.59 6.49
C ALA A 37 5.64 8.09 6.17
N PHE A 38 5.81 7.52 5.00
CA PHE A 38 7.11 7.00 4.58
C PHE A 38 8.08 8.14 4.28
N SER A 39 7.76 8.94 3.29
CA SER A 39 8.61 10.06 2.90
C SER A 39 7.94 10.89 1.80
N PRO A 40 8.29 12.19 1.75
CA PRO A 40 7.74 13.12 0.75
C PRO A 40 8.25 12.82 -0.65
N ARG A 41 9.22 11.91 -0.75
CA ARG A 41 9.80 11.54 -2.04
C ARG A 41 9.13 10.28 -2.59
N ILE A 42 9.06 9.25 -1.75
CA ILE A 42 8.44 7.99 -2.15
C ILE A 42 6.98 8.19 -2.53
N VAL A 43 6.32 9.12 -1.86
CA VAL A 43 4.91 9.41 -2.13
C VAL A 43 4.74 10.06 -3.49
N GLU A 44 5.63 11.00 -3.81
CA GLU A 44 5.57 11.69 -5.10
C GLU A 44 6.00 10.77 -6.24
N ASN A 45 6.92 9.86 -5.94
CA ASN A 45 7.42 8.93 -6.95
C ASN A 45 6.42 7.80 -7.17
N LEU A 46 5.80 7.33 -6.09
CA LEU A 46 4.83 6.26 -6.16
C LEU A 46 3.41 6.81 -6.26
N GLY A 47 3.26 8.10 -5.98
CA GLY A 47 1.96 8.73 -6.04
C GLY A 47 1.56 9.12 -7.45
N ILE A 48 2.13 8.42 -8.44
CA ILE A 48 1.83 8.70 -9.83
C ILE A 48 1.26 7.48 -10.53
N LEU A 49 1.63 6.29 -10.03
CA LEU A 49 1.15 5.04 -10.61
C LEU A 49 -0.26 4.73 -10.14
N THR A 50 -0.98 3.92 -10.92
CA THR A 50 -2.34 3.55 -10.59
C THR A 50 -2.37 2.41 -9.56
N GLY A 51 -3.57 1.96 -9.21
CA GLY A 51 -3.71 0.90 -8.25
C GLY A 51 -2.85 -0.31 -8.59
N PRO A 52 -3.10 -0.90 -9.76
CA PRO A 52 -2.35 -2.08 -10.23
C PRO A 52 -0.91 -1.74 -10.58
N GLN A 53 -0.73 -0.68 -11.36
CA GLN A 53 0.61 -0.25 -11.78
C GLN A 53 1.56 -0.24 -10.59
N LEU A 54 1.08 0.22 -9.44
CA LEU A 54 1.90 0.28 -8.24
C LEU A 54 2.22 -1.12 -7.72
N PHE A 55 1.18 -1.88 -7.41
CA PHE A 55 1.35 -3.24 -6.91
C PHE A 55 2.37 -4.01 -7.74
N SER A 56 2.38 -3.73 -9.05
CA SER A 56 3.31 -4.39 -9.96
C SER A 56 4.75 -4.21 -9.50
N LEU A 57 5.05 -3.03 -8.96
CA LEU A 57 6.39 -2.74 -8.49
C LEU A 57 6.88 -3.81 -7.50
N ASN A 58 7.92 -4.53 -7.90
CA ASN A 58 8.48 -5.58 -7.06
C ASN A 58 9.55 -5.02 -6.12
N LYS A 59 9.89 -5.80 -5.10
CA LYS A 59 10.90 -5.38 -4.13
C LYS A 59 12.00 -4.57 -4.79
N GLU A 60 12.64 -5.15 -5.80
CA GLU A 60 13.71 -4.47 -6.52
C GLU A 60 13.24 -3.12 -7.03
N GLU A 61 12.02 -3.09 -7.55
CA GLU A 61 11.44 -1.85 -8.08
C GLU A 61 11.18 -0.84 -6.96
N LEU A 62 10.33 -1.22 -6.02
CA LEU A 62 9.99 -0.35 -4.89
C LEU A 62 11.24 0.27 -4.30
N LYS A 63 12.28 -0.54 -4.12
CA LYS A 63 13.54 -0.06 -3.57
C LYS A 63 14.27 0.83 -4.56
N LYS A 64 14.23 0.46 -5.84
CA LYS A 64 14.89 1.23 -6.88
C LYS A 64 14.37 2.66 -6.91
N VAL A 65 13.05 2.81 -6.83
CA VAL A 65 12.42 4.12 -6.84
C VAL A 65 12.49 4.78 -5.48
N CYS A 66 12.11 4.03 -4.44
CA CYS A 66 12.13 4.54 -3.08
C CYS A 66 13.48 4.25 -2.41
N GLY A 67 14.55 4.30 -3.20
CA GLY A 67 15.87 4.04 -2.67
C GLY A 67 15.86 2.96 -1.60
N GLU A 68 16.14 3.34 -0.36
CA GLU A 68 16.17 2.40 0.75
C GLU A 68 14.79 2.25 1.38
N GLU A 69 14.11 3.38 1.57
CA GLU A 69 12.78 3.38 2.16
C GLU A 69 11.92 2.26 1.58
N GLY A 70 12.06 2.02 0.27
CA GLY A 70 11.30 0.98 -0.38
C GLY A 70 11.20 -0.28 0.46
N VAL A 71 12.30 -0.65 1.10
CA VAL A 71 12.32 -1.85 1.94
C VAL A 71 11.12 -1.88 2.88
N ARG A 72 10.82 -0.75 3.50
CA ARG A 72 9.70 -0.65 4.42
C ARG A 72 8.38 -0.63 3.66
N VAL A 73 8.33 0.18 2.60
CA VAL A 73 7.12 0.29 1.79
C VAL A 73 6.60 -1.08 1.37
N TYR A 74 7.50 -1.90 0.84
CA TYR A 74 7.14 -3.24 0.39
C TYR A 74 6.55 -4.06 1.54
N SER A 75 7.11 -3.89 2.73
CA SER A 75 6.64 -4.60 3.90
C SER A 75 5.18 -4.30 4.18
N GLN A 76 4.77 -3.08 3.88
CA GLN A 76 3.38 -2.66 4.10
C GLN A 76 2.51 -3.04 2.90
N LEU A 77 3.10 -3.04 1.72
CA LEU A 77 2.38 -3.38 0.51
C LEU A 77 1.98 -4.85 0.50
N THR A 78 2.81 -5.68 1.12
CA THR A 78 2.55 -7.11 1.19
C THR A 78 1.19 -7.39 1.82
N MET A 79 1.00 -6.93 3.04
CA MET A 79 -0.26 -7.12 3.75
C MET A 79 -1.44 -6.66 2.91
N GLN A 80 -1.17 -5.73 1.99
CA GLN A 80 -2.21 -5.21 1.12
C GLN A 80 -2.47 -6.14 -0.06
N LYS A 81 -1.40 -6.56 -0.71
CA LYS A 81 -1.51 -7.47 -1.86
C LYS A 81 -2.15 -8.78 -1.45
N ALA A 82 -1.64 -9.38 -0.38
CA ALA A 82 -2.16 -10.65 0.12
C ALA A 82 -3.60 -10.49 0.60
N PHE A 83 -3.97 -9.27 0.96
CA PHE A 83 -5.32 -8.99 1.44
C PHE A 83 -6.30 -8.91 0.28
N LEU A 84 -5.82 -8.45 -0.87
CA LEU A 84 -6.66 -8.33 -2.06
C LEU A 84 -6.71 -9.63 -2.83
N GLU A 85 -5.56 -10.30 -2.92
CA GLU A 85 -5.48 -11.58 -3.64
C GLU A 85 -6.45 -12.59 -3.05
N LYS A 86 -6.50 -12.65 -1.71
CA LYS A 86 -7.38 -13.58 -1.02
C LYS A 86 -8.84 -13.11 -1.11
N GLN A 87 -9.02 -11.80 -1.07
CA GLN A 87 -10.36 -11.22 -1.13
C GLN A 87 -11.26 -12.03 -2.07
N GLN A 88 -10.80 -12.22 -3.30
CA GLN A 88 -11.55 -12.98 -4.29
C GLN A 88 -11.40 -14.48 -4.07
N SER A 89 -12.52 -15.15 -3.80
CA SER A 89 -12.51 -16.58 -3.57
C SER A 89 -11.50 -17.28 -4.48
N GLY A 90 -10.59 -18.03 -3.87
CA GLY A 90 -9.58 -18.73 -4.65
C GLY A 90 -10.18 -19.68 -5.67
N SER A 91 -10.73 -20.79 -5.19
CA SER A 91 -11.35 -21.79 -6.06
C SER A 91 -12.27 -22.71 -5.27
N GLU A 92 -13.53 -22.76 -5.69
CA GLU A 92 -14.52 -23.60 -5.02
C GLU A 92 -14.65 -24.95 -5.72
N LEU A 93 -14.57 -24.92 -7.05
CA LEU A 93 -14.67 -26.14 -7.84
C LEU A 93 -13.32 -26.85 -7.94
N SER A 94 -13.08 -27.78 -7.01
CA SER A 94 -11.83 -28.53 -6.99
C SER A 94 -12.08 -30.00 -7.29
N GLY A 95 -11.74 -30.42 -8.50
CA GLY A 95 -11.93 -31.81 -8.89
C GLY A 95 -11.19 -32.15 -10.16
N PRO A 96 -9.86 -32.29 -10.07
CA PRO A 96 -9.01 -32.62 -11.22
C PRO A 96 -9.22 -34.06 -11.69
N SER A 97 -8.49 -34.44 -12.73
CA SER A 97 -8.60 -35.78 -13.28
C SER A 97 -7.75 -36.78 -12.49
N SER A 98 -8.20 -38.02 -12.41
CA SER A 98 -7.49 -39.06 -11.68
C SER A 98 -7.56 -40.39 -12.42
N GLY A 99 -6.57 -41.24 -12.18
CA GLY A 99 -6.53 -42.54 -12.83
C GLY A 99 -5.88 -42.49 -14.21
N GLY A 1 6.78 37.31 20.93
CA GLY A 1 7.15 36.69 19.67
C GLY A 1 6.28 35.48 19.35
N SER A 2 6.77 34.63 18.46
CA SER A 2 6.03 33.44 18.06
C SER A 2 6.21 32.32 19.08
N SER A 3 5.45 32.39 20.16
CA SER A 3 5.52 31.38 21.21
C SER A 3 5.60 29.98 20.62
N GLY A 4 4.60 29.62 19.81
CA GLY A 4 4.58 28.31 19.19
C GLY A 4 4.50 27.19 20.22
N SER A 5 3.99 26.04 19.79
CA SER A 5 3.85 24.89 20.67
C SER A 5 3.74 23.60 19.87
N SER A 6 4.65 22.67 20.13
CA SER A 6 4.67 21.40 19.43
C SER A 6 3.26 20.83 19.29
N GLY A 7 3.01 20.13 18.19
CA GLY A 7 1.70 19.55 17.97
C GLY A 7 1.72 18.03 18.01
N PHE A 8 0.92 17.45 18.88
CA PHE A 8 0.86 16.00 19.01
C PHE A 8 -0.48 15.46 18.50
N ARG A 9 -0.42 14.43 17.66
CA ARG A 9 -1.62 13.83 17.11
C ARG A 9 -1.88 12.46 17.71
N VAL A 10 -3.11 12.24 18.18
CA VAL A 10 -3.49 10.97 18.79
C VAL A 10 -3.42 9.84 17.78
N GLU A 11 -2.87 8.71 18.20
CA GLU A 11 -2.74 7.53 17.33
C GLU A 11 -3.22 6.27 18.04
N ARG A 12 -4.43 5.83 17.71
CA ARG A 12 -5.00 4.64 18.31
C ARG A 12 -4.72 3.41 17.46
N SER A 13 -4.86 2.22 18.06
CA SER A 13 -4.62 0.98 17.35
C SER A 13 -5.60 0.79 16.21
N GLN A 14 -5.08 0.60 15.00
CA GLN A 14 -5.91 0.41 13.82
C GLN A 14 -5.28 -0.59 12.85
N PRO A 15 -6.13 -1.37 12.18
CA PRO A 15 -5.67 -2.38 11.21
C PRO A 15 -5.09 -1.75 9.95
N ALA A 16 -5.83 -0.82 9.36
CA ALA A 16 -5.39 -0.14 8.15
C ALA A 16 -5.80 1.32 8.16
N SER A 17 -4.86 2.21 7.86
CA SER A 17 -5.13 3.64 7.83
C SER A 17 -6.08 3.99 6.70
N GLN A 18 -5.70 3.63 5.48
CA GLN A 18 -6.52 3.92 4.30
C GLN A 18 -6.64 2.68 3.41
N PRO A 19 -7.83 2.49 2.82
CA PRO A 19 -8.08 1.35 1.94
C PRO A 19 -7.34 1.46 0.61
N LEU A 20 -6.60 0.41 0.26
CA LEU A 20 -5.84 0.39 -0.98
C LEU A 20 -6.14 -0.87 -1.78
N THR A 21 -6.51 -0.70 -3.05
CA THR A 21 -6.83 -1.81 -3.92
C THR A 21 -6.46 -1.51 -5.36
N TYR A 22 -6.77 -2.43 -6.26
CA TYR A 22 -6.47 -2.26 -7.68
C TYR A 22 -7.41 -1.23 -8.31
N GLU A 23 -8.64 -1.17 -7.81
CA GLU A 23 -9.63 -0.23 -8.32
C GLU A 23 -9.24 1.21 -7.97
N SER A 24 -8.27 1.35 -7.08
CA SER A 24 -7.81 2.67 -6.66
C SER A 24 -6.80 3.23 -7.64
N GLY A 25 -7.11 4.39 -8.20
CA GLY A 25 -6.22 5.03 -9.16
C GLY A 25 -5.02 5.68 -8.49
N PRO A 26 -4.35 6.58 -9.21
CA PRO A 26 -3.18 7.29 -8.70
C PRO A 26 -3.54 8.31 -7.62
N ASP A 27 -4.75 8.83 -7.68
CA ASP A 27 -5.21 9.80 -6.71
C ASP A 27 -5.28 9.19 -5.31
N GLU A 28 -5.58 7.89 -5.26
CA GLU A 28 -5.67 7.18 -3.99
C GLU A 28 -4.31 6.64 -3.56
N VAL A 29 -3.60 6.04 -4.51
CA VAL A 29 -2.29 5.47 -4.24
C VAL A 29 -1.44 6.43 -3.40
N ARG A 30 -1.42 7.70 -3.81
CA ARG A 30 -0.65 8.72 -3.11
C ARG A 30 -1.14 8.87 -1.67
N ALA A 31 -2.46 8.98 -1.51
CA ALA A 31 -3.05 9.14 -0.18
C ALA A 31 -2.66 7.97 0.72
N TRP A 32 -2.62 6.77 0.17
CA TRP A 32 -2.25 5.58 0.93
C TRP A 32 -0.84 5.70 1.48
N LEU A 33 0.08 6.19 0.65
CA LEU A 33 1.47 6.34 1.04
C LEU A 33 1.60 7.42 2.12
N GLU A 34 1.12 8.62 1.83
CA GLU A 34 1.18 9.74 2.77
C GLU A 34 0.73 9.29 4.17
N ALA A 35 -0.37 8.55 4.22
CA ALA A 35 -0.90 8.06 5.48
C ALA A 35 0.18 7.37 6.30
N LYS A 36 1.00 6.55 5.63
CA LYS A 36 2.07 5.83 6.28
C LYS A 36 3.19 6.77 6.72
N ALA A 37 3.34 7.88 6.00
CA ALA A 37 4.36 8.86 6.31
C ALA A 37 5.76 8.33 5.99
N PHE A 38 5.88 7.65 4.86
CA PHE A 38 7.15 7.09 4.44
C PHE A 38 8.15 8.20 4.09
N SER A 39 7.88 8.91 3.01
CA SER A 39 8.75 9.99 2.57
C SER A 39 8.14 10.72 1.36
N PRO A 40 8.64 11.94 1.11
CA PRO A 40 8.17 12.77 -0.01
C PRO A 40 8.59 12.20 -1.36
N ARG A 41 9.60 11.34 -1.35
CA ARG A 41 10.09 10.73 -2.58
C ARG A 41 9.20 9.58 -3.02
N ILE A 42 8.94 8.66 -2.10
CA ILE A 42 8.09 7.50 -2.39
C ILE A 42 6.66 7.94 -2.69
N VAL A 43 6.21 8.98 -2.01
CA VAL A 43 4.85 9.50 -2.21
C VAL A 43 4.70 10.14 -3.58
N GLU A 44 5.74 10.85 -4.01
CA GLU A 44 5.71 11.51 -5.31
C GLU A 44 6.15 10.55 -6.42
N ASN A 45 6.92 9.54 -6.04
CA ASN A 45 7.41 8.55 -7.00
C ASN A 45 6.39 7.44 -7.19
N LEU A 46 5.59 7.19 -6.16
CA LEU A 46 4.57 6.14 -6.21
C LEU A 46 3.16 6.75 -6.23
N GLY A 47 3.10 8.07 -6.07
CA GLY A 47 1.82 8.75 -6.07
C GLY A 47 1.35 9.11 -7.47
N ILE A 48 1.94 8.45 -8.47
CA ILE A 48 1.59 8.71 -9.86
C ILE A 48 1.13 7.42 -10.55
N LEU A 49 1.55 6.29 -10.01
CA LEU A 49 1.17 4.99 -10.57
C LEU A 49 -0.21 4.57 -10.11
N THR A 50 -0.97 3.94 -11.00
CA THR A 50 -2.32 3.49 -10.68
C THR A 50 -2.28 2.32 -9.69
N GLY A 51 -3.44 2.01 -9.12
CA GLY A 51 -3.53 0.93 -8.16
C GLY A 51 -2.68 -0.27 -8.57
N PRO A 52 -2.97 -0.83 -9.74
CA PRO A 52 -2.24 -1.99 -10.28
C PRO A 52 -0.82 -1.64 -10.69
N GLN A 53 -0.66 -0.48 -11.31
CA GLN A 53 0.66 -0.02 -11.75
C GLN A 53 1.65 -0.01 -10.59
N LEU A 54 1.16 0.33 -9.41
CA LEU A 54 2.01 0.38 -8.22
C LEU A 54 2.40 -1.02 -7.77
N PHE A 55 1.40 -1.88 -7.58
CA PHE A 55 1.64 -3.25 -7.15
C PHE A 55 2.69 -3.92 -8.03
N SER A 56 2.71 -3.55 -9.31
CA SER A 56 3.64 -4.11 -10.27
C SER A 56 5.08 -3.90 -9.80
N LEU A 57 5.30 -2.86 -9.01
CA LEU A 57 6.62 -2.55 -8.50
C LEU A 57 7.03 -3.53 -7.40
N ASN A 58 8.08 -4.29 -7.65
CA ASN A 58 8.57 -5.26 -6.69
C ASN A 58 9.52 -4.62 -5.69
N LYS A 59 9.92 -5.37 -4.67
CA LYS A 59 10.83 -4.88 -3.65
C LYS A 59 12.05 -4.22 -4.27
N GLU A 60 12.67 -4.93 -5.23
CA GLU A 60 13.85 -4.41 -5.90
C GLU A 60 13.54 -3.10 -6.62
N GLU A 61 12.31 -2.97 -7.09
CA GLU A 61 11.89 -1.76 -7.79
C GLU A 61 11.69 -0.60 -6.82
N LEU A 62 10.76 -0.77 -5.89
CA LEU A 62 10.48 0.26 -4.90
C LEU A 62 11.77 0.79 -4.26
N LYS A 63 12.69 -0.14 -3.96
CA LYS A 63 13.96 0.23 -3.35
C LYS A 63 14.84 1.00 -4.35
N LYS A 64 14.60 0.78 -5.63
CA LYS A 64 15.35 1.46 -6.68
C LYS A 64 14.93 2.92 -6.80
N VAL A 65 13.67 3.19 -6.45
CA VAL A 65 13.14 4.55 -6.52
C VAL A 65 13.40 5.31 -5.22
N CYS A 66 12.96 4.73 -4.10
CA CYS A 66 13.15 5.35 -2.80
C CYS A 66 14.57 5.16 -2.30
N GLY A 67 14.94 3.91 -2.05
CA GLY A 67 16.28 3.60 -1.58
C GLY A 67 16.28 2.72 -0.34
N GLU A 68 16.22 3.33 0.83
CA GLU A 68 16.20 2.59 2.08
C GLU A 68 14.78 2.29 2.52
N GLU A 69 14.00 3.33 2.77
CA GLU A 69 12.62 3.19 3.20
C GLU A 69 11.87 2.21 2.29
N GLY A 70 12.15 2.29 0.99
CA GLY A 70 11.49 1.42 0.03
C GLY A 70 11.33 0.01 0.56
N VAL A 71 12.31 -0.44 1.35
CA VAL A 71 12.26 -1.78 1.92
C VAL A 71 10.99 -2.00 2.73
N ARG A 72 10.64 -1.00 3.54
CA ARG A 72 9.45 -1.09 4.38
C ARG A 72 8.18 -0.95 3.52
N VAL A 73 8.19 0.01 2.62
CA VAL A 73 7.05 0.25 1.74
C VAL A 73 6.55 -1.05 1.11
N TYR A 74 7.49 -1.82 0.58
CA TYR A 74 7.15 -3.09 -0.06
C TYR A 74 6.44 -4.02 0.92
N SER A 75 6.99 -4.13 2.13
CA SER A 75 6.41 -4.99 3.16
C SER A 75 4.96 -4.63 3.41
N GLN A 76 4.65 -3.34 3.32
CA GLN A 76 3.28 -2.86 3.54
C GLN A 76 2.40 -3.16 2.33
N LEU A 77 2.96 -2.98 1.13
CA LEU A 77 2.22 -3.24 -0.10
C LEU A 77 1.78 -4.69 -0.18
N THR A 78 2.75 -5.60 -0.13
CA THR A 78 2.47 -7.03 -0.20
C THR A 78 1.32 -7.41 0.74
N MET A 79 1.44 -7.01 2.00
CA MET A 79 0.42 -7.31 2.99
C MET A 79 -0.98 -7.04 2.43
N GLN A 80 -1.13 -5.91 1.75
CA GLN A 80 -2.42 -5.53 1.17
C GLN A 80 -2.83 -6.52 0.08
N LYS A 81 -1.94 -6.73 -0.88
CA LYS A 81 -2.20 -7.66 -1.98
C LYS A 81 -2.74 -8.98 -1.46
N ALA A 82 -2.05 -9.54 -0.47
CA ALA A 82 -2.46 -10.81 0.13
C ALA A 82 -3.85 -10.71 0.74
N PHE A 83 -4.11 -9.58 1.41
CA PHE A 83 -5.40 -9.36 2.05
C PHE A 83 -6.53 -9.36 1.02
N LEU A 84 -6.30 -8.67 -0.09
CA LEU A 84 -7.29 -8.59 -1.15
C LEU A 84 -7.57 -9.98 -1.75
N GLU A 85 -6.51 -10.69 -2.08
CA GLU A 85 -6.65 -12.02 -2.65
C GLU A 85 -7.56 -12.90 -1.80
N LYS A 86 -7.31 -12.91 -0.50
CA LYS A 86 -8.12 -13.70 0.43
C LYS A 86 -9.57 -13.27 0.39
N GLN A 87 -9.81 -11.97 0.25
CA GLN A 87 -11.15 -11.43 0.20
C GLN A 87 -11.92 -11.98 -1.00
N GLN A 88 -13.06 -12.59 -0.73
CA GLN A 88 -13.89 -13.16 -1.79
C GLN A 88 -15.31 -12.61 -1.74
N SER A 89 -16.14 -13.04 -2.69
CA SER A 89 -17.52 -12.59 -2.76
C SER A 89 -18.44 -13.53 -1.99
N GLY A 90 -19.65 -13.06 -1.70
CA GLY A 90 -20.61 -13.87 -0.97
C GLY A 90 -21.19 -14.98 -1.82
N SER A 91 -22.12 -14.61 -2.70
CA SER A 91 -22.76 -15.59 -3.58
C SER A 91 -23.50 -14.90 -4.71
N GLU A 92 -23.35 -15.44 -5.93
CA GLU A 92 -24.01 -14.87 -7.10
C GLU A 92 -24.97 -15.87 -7.73
N LEU A 93 -26.07 -15.36 -8.28
CA LEU A 93 -27.07 -16.21 -8.90
C LEU A 93 -26.63 -16.62 -10.31
N SER A 94 -27.00 -17.83 -10.71
CA SER A 94 -26.65 -18.35 -12.03
C SER A 94 -26.83 -17.27 -13.09
N GLY A 95 -25.70 -16.71 -13.54
CA GLY A 95 -25.76 -15.68 -14.57
C GLY A 95 -24.43 -14.95 -14.72
N PRO A 96 -24.12 -14.54 -15.96
CA PRO A 96 -22.88 -13.83 -16.26
C PRO A 96 -22.86 -12.42 -15.69
N SER A 97 -21.77 -12.06 -15.03
CA SER A 97 -21.63 -10.73 -14.44
C SER A 97 -21.12 -9.72 -15.45
N SER A 98 -20.01 -10.05 -16.10
CA SER A 98 -19.41 -9.17 -17.11
C SER A 98 -20.30 -9.08 -18.34
N GLY A 99 -20.72 -7.86 -18.67
CA GLY A 99 -21.57 -7.66 -19.83
C GLY A 99 -22.68 -6.67 -19.56
N GLY A 1 21.31 24.01 1.98
CA GLY A 1 20.09 24.69 1.60
C GLY A 1 19.01 24.55 2.66
N SER A 2 17.76 24.70 2.23
CA SER A 2 16.62 24.60 3.15
C SER A 2 15.52 23.73 2.55
N SER A 3 14.83 22.98 3.39
CA SER A 3 13.76 22.10 2.94
C SER A 3 12.52 22.27 3.82
N GLY A 4 11.36 21.90 3.28
CA GLY A 4 10.13 22.02 4.03
C GLY A 4 9.54 20.67 4.39
N SER A 5 8.64 20.65 5.37
CA SER A 5 8.01 19.42 5.80
C SER A 5 6.67 19.70 6.48
N SER A 6 5.64 18.97 6.07
CA SER A 6 4.30 19.14 6.62
C SER A 6 3.73 17.81 7.10
N GLY A 7 2.62 17.88 7.84
CA GLY A 7 2.00 16.68 8.35
C GLY A 7 1.00 16.96 9.45
N PHE A 8 0.04 17.84 9.18
CA PHE A 8 -0.97 18.20 10.16
C PHE A 8 -1.74 16.97 10.62
N ARG A 9 -1.31 16.38 11.72
CA ARG A 9 -1.95 15.19 12.26
C ARG A 9 -2.44 15.44 13.69
N VAL A 10 -3.04 16.61 13.91
CA VAL A 10 -3.55 16.96 15.23
C VAL A 10 -4.53 15.92 15.73
N GLU A 11 -5.20 15.24 14.81
CA GLU A 11 -6.17 14.21 15.16
C GLU A 11 -6.69 13.49 13.92
N ARG A 12 -6.82 12.18 14.03
CA ARG A 12 -7.30 11.37 12.90
C ARG A 12 -8.42 10.45 13.35
N SER A 13 -9.66 10.77 12.93
CA SER A 13 -10.82 9.97 13.29
C SER A 13 -11.18 9.00 12.17
N GLN A 14 -10.63 7.79 12.24
CA GLN A 14 -10.89 6.77 11.23
C GLN A 14 -10.42 5.41 11.70
N PRO A 15 -11.18 4.36 11.34
CA PRO A 15 -10.85 2.98 11.71
C PRO A 15 -9.62 2.45 11.00
N ALA A 16 -9.60 2.60 9.67
CA ALA A 16 -8.46 2.15 8.87
C ALA A 16 -7.60 3.33 8.42
N SER A 17 -6.30 3.07 8.27
CA SER A 17 -5.36 4.12 7.85
C SER A 17 -5.79 4.71 6.52
N GLN A 18 -5.90 3.86 5.51
CA GLN A 18 -6.29 4.31 4.17
C GLN A 18 -6.62 3.12 3.28
N PRO A 19 -7.80 3.17 2.64
CA PRO A 19 -8.26 2.11 1.74
C PRO A 19 -7.46 2.05 0.45
N LEU A 20 -6.88 0.88 0.17
CA LEU A 20 -6.08 0.70 -1.03
C LEU A 20 -6.51 -0.55 -1.77
N THR A 21 -6.81 -0.40 -3.06
CA THR A 21 -7.24 -1.53 -3.89
C THR A 21 -6.86 -1.30 -5.35
N TYR A 22 -7.24 -2.26 -6.21
CA TYR A 22 -6.93 -2.16 -7.63
C TYR A 22 -7.83 -1.12 -8.30
N GLU A 23 -9.04 -0.97 -7.79
CA GLU A 23 -9.99 -0.01 -8.35
C GLU A 23 -9.55 1.41 -8.07
N SER A 24 -8.46 1.56 -7.33
CA SER A 24 -7.93 2.87 -6.98
C SER A 24 -7.14 3.47 -8.14
N GLY A 25 -6.80 4.75 -8.04
CA GLY A 25 -6.04 5.41 -9.08
C GLY A 25 -4.81 6.11 -8.55
N PRO A 26 -4.26 7.03 -9.36
CA PRO A 26 -3.07 7.80 -8.98
C PRO A 26 -3.34 8.79 -7.87
N ASP A 27 -4.61 9.17 -7.71
CA ASP A 27 -5.00 10.12 -6.67
C ASP A 27 -5.12 9.42 -5.32
N GLU A 28 -5.51 8.15 -5.35
CA GLU A 28 -5.66 7.38 -4.12
C GLU A 28 -4.33 6.78 -3.68
N VAL A 29 -3.68 6.07 -4.60
CA VAL A 29 -2.39 5.44 -4.30
C VAL A 29 -1.45 6.43 -3.60
N ARG A 30 -1.51 7.69 -4.00
CA ARG A 30 -0.67 8.72 -3.40
C ARG A 30 -1.08 8.99 -1.96
N ALA A 31 -2.39 8.91 -1.70
CA ALA A 31 -2.91 9.14 -0.36
C ALA A 31 -2.58 7.99 0.57
N TRP A 32 -2.78 6.76 0.09
CA TRP A 32 -2.50 5.57 0.88
C TRP A 32 -1.08 5.62 1.47
N LEU A 33 -0.12 5.94 0.62
CA LEU A 33 1.28 6.03 1.05
C LEU A 33 1.44 7.07 2.15
N GLU A 34 1.06 8.31 1.85
CA GLU A 34 1.16 9.40 2.82
C GLU A 34 0.63 8.97 4.19
N ALA A 35 -0.46 8.22 4.18
CA ALA A 35 -1.07 7.74 5.42
C ALA A 35 -0.05 6.99 6.26
N LYS A 36 0.84 6.25 5.61
CA LYS A 36 1.86 5.48 6.30
C LYS A 36 3.01 6.39 6.76
N ALA A 37 3.14 7.54 6.11
CA ALA A 37 4.19 8.49 6.44
C ALA A 37 5.56 7.96 6.05
N PHE A 38 5.66 7.41 4.84
CA PHE A 38 6.92 6.86 4.34
C PHE A 38 7.91 7.97 4.05
N SER A 39 7.65 8.74 3.00
CA SER A 39 8.51 9.84 2.61
C SER A 39 7.87 10.69 1.52
N PRO A 40 8.25 11.98 1.47
CA PRO A 40 7.72 12.92 0.48
C PRO A 40 8.21 12.62 -0.93
N ARG A 41 9.24 11.78 -1.03
CA ARG A 41 9.81 11.41 -2.32
C ARG A 41 9.15 10.13 -2.85
N ILE A 42 8.99 9.15 -1.98
CA ILE A 42 8.38 7.89 -2.37
C ILE A 42 6.89 8.05 -2.64
N VAL A 43 6.27 9.01 -1.95
CA VAL A 43 4.85 9.27 -2.12
C VAL A 43 4.57 9.90 -3.49
N GLU A 44 5.45 10.80 -3.91
CA GLU A 44 5.30 11.48 -5.19
C GLU A 44 5.81 10.59 -6.33
N ASN A 45 6.79 9.75 -6.03
CA ASN A 45 7.36 8.85 -7.03
C ASN A 45 6.43 7.66 -7.29
N LEU A 46 5.71 7.26 -6.26
CA LEU A 46 4.78 6.13 -6.36
C LEU A 46 3.34 6.61 -6.36
N GLY A 47 3.14 7.89 -6.08
CA GLY A 47 1.81 8.46 -6.05
C GLY A 47 1.29 8.82 -7.42
N ILE A 48 2.01 8.39 -8.46
CA ILE A 48 1.63 8.68 -9.83
C ILE A 48 1.06 7.43 -10.52
N LEU A 49 1.33 6.27 -9.93
CA LEU A 49 0.86 5.01 -10.48
C LEU A 49 -0.51 4.65 -9.90
N THR A 50 -1.33 3.98 -10.72
CA THR A 50 -2.66 3.58 -10.29
C THR A 50 -2.61 2.41 -9.32
N GLY A 51 -3.78 1.90 -8.94
CA GLY A 51 -3.83 0.78 -8.00
C GLY A 51 -2.92 -0.35 -8.41
N PRO A 52 -3.14 -0.90 -9.62
CA PRO A 52 -2.34 -2.00 -10.14
C PRO A 52 -0.92 -1.58 -10.49
N GLN A 53 -0.80 -0.50 -11.26
CA GLN A 53 0.50 0.01 -11.67
C GLN A 53 1.47 0.02 -10.50
N LEU A 54 0.97 0.33 -9.32
CA LEU A 54 1.80 0.38 -8.11
C LEU A 54 2.20 -1.02 -7.69
N PHE A 55 1.21 -1.89 -7.51
CA PHE A 55 1.47 -3.28 -7.11
C PHE A 55 2.50 -3.93 -8.02
N SER A 56 2.50 -3.51 -9.28
CA SER A 56 3.43 -4.06 -10.27
C SER A 56 4.88 -3.87 -9.82
N LEU A 57 5.10 -2.87 -8.97
CA LEU A 57 6.43 -2.58 -8.46
C LEU A 57 6.81 -3.55 -7.34
N ASN A 58 7.79 -4.40 -7.62
CA ASN A 58 8.24 -5.38 -6.64
C ASN A 58 9.28 -4.77 -5.70
N LYS A 59 9.59 -5.47 -4.62
CA LYS A 59 10.58 -5.00 -3.65
C LYS A 59 11.75 -4.33 -4.35
N GLU A 60 12.49 -5.11 -5.14
CA GLU A 60 13.64 -4.59 -5.86
C GLU A 60 13.29 -3.29 -6.58
N GLU A 61 12.12 -3.27 -7.22
CA GLU A 61 11.68 -2.11 -7.96
C GLU A 61 11.49 -0.91 -7.02
N LEU A 62 10.57 -1.05 -6.08
CA LEU A 62 10.30 0.02 -5.11
C LEU A 62 11.59 0.61 -4.57
N LYS A 63 12.49 -0.27 -4.12
CA LYS A 63 13.76 0.17 -3.58
C LYS A 63 14.58 0.94 -4.62
N LYS A 64 14.34 0.62 -5.90
CA LYS A 64 15.04 1.29 -6.99
C LYS A 64 14.84 2.79 -6.92
N VAL A 65 13.59 3.20 -6.77
CA VAL A 65 13.26 4.63 -6.69
C VAL A 65 13.26 5.12 -5.24
N CYS A 66 12.48 4.45 -4.40
CA CYS A 66 12.39 4.81 -2.99
C CYS A 66 13.78 4.82 -2.34
N GLY A 67 14.47 3.69 -2.42
CA GLY A 67 15.79 3.59 -1.84
C GLY A 67 15.78 2.96 -0.45
N GLU A 68 15.74 3.81 0.58
CA GLU A 68 15.72 3.33 1.95
C GLU A 68 14.31 2.92 2.37
N GLU A 69 13.34 3.78 2.07
CA GLU A 69 11.95 3.51 2.42
C GLU A 69 11.41 2.31 1.63
N GLY A 70 11.86 2.20 0.38
CA GLY A 70 11.41 1.11 -0.46
C GLY A 70 11.35 -0.21 0.28
N VAL A 71 12.29 -0.43 1.19
CA VAL A 71 12.34 -1.66 1.97
C VAL A 71 11.10 -1.80 2.85
N ARG A 72 10.71 -0.69 3.49
CA ARG A 72 9.53 -0.69 4.35
C ARG A 72 8.25 -0.71 3.53
N VAL A 73 8.19 0.14 2.51
CA VAL A 73 7.02 0.23 1.65
C VAL A 73 6.60 -1.15 1.16
N TYR A 74 7.58 -1.94 0.73
CA TYR A 74 7.32 -3.28 0.23
C TYR A 74 6.76 -4.19 1.33
N SER A 75 7.24 -3.96 2.56
CA SER A 75 6.79 -4.75 3.69
C SER A 75 5.32 -4.50 3.99
N GLN A 76 4.88 -3.26 3.80
CA GLN A 76 3.50 -2.89 4.04
C GLN A 76 2.60 -3.32 2.88
N LEU A 77 3.01 -2.97 1.66
CA LEU A 77 2.25 -3.31 0.47
C LEU A 77 1.80 -4.78 0.52
N THR A 78 2.76 -5.69 0.51
CA THR A 78 2.46 -7.12 0.55
C THR A 78 1.25 -7.39 1.42
N MET A 79 1.30 -6.94 2.67
CA MET A 79 0.21 -7.14 3.61
C MET A 79 -1.14 -6.92 2.93
N GLN A 80 -1.26 -5.79 2.24
CA GLN A 80 -2.50 -5.46 1.54
C GLN A 80 -2.71 -6.38 0.33
N LYS A 81 -1.66 -6.55 -0.46
CA LYS A 81 -1.72 -7.41 -1.64
C LYS A 81 -2.34 -8.75 -1.30
N ALA A 82 -1.77 -9.44 -0.31
CA ALA A 82 -2.27 -10.74 0.11
C ALA A 82 -3.73 -10.66 0.54
N PHE A 83 -4.07 -9.59 1.24
CA PHE A 83 -5.43 -9.39 1.72
C PHE A 83 -6.41 -9.28 0.53
N LEU A 84 -6.03 -8.49 -0.46
CA LEU A 84 -6.87 -8.30 -1.64
C LEU A 84 -6.93 -9.57 -2.46
N GLU A 85 -5.79 -10.23 -2.62
CA GLU A 85 -5.72 -11.47 -3.40
C GLU A 85 -6.92 -12.36 -3.10
N LYS A 86 -7.22 -12.54 -1.82
CA LYS A 86 -8.35 -13.37 -1.40
C LYS A 86 -9.66 -12.61 -1.52
N GLN A 87 -9.57 -11.28 -1.56
CA GLN A 87 -10.75 -10.43 -1.67
C GLN A 87 -11.51 -10.72 -2.96
N GLN A 88 -12.84 -10.68 -2.88
CA GLN A 88 -13.67 -10.94 -4.05
C GLN A 88 -13.04 -10.39 -5.31
N SER A 89 -12.53 -9.16 -5.23
CA SER A 89 -11.89 -8.51 -6.37
C SER A 89 -11.06 -9.52 -7.17
N GLY A 90 -11.27 -9.52 -8.49
CA GLY A 90 -10.53 -10.43 -9.35
C GLY A 90 -11.23 -11.77 -9.49
N SER A 91 -10.60 -12.68 -10.24
CA SER A 91 -11.18 -13.99 -10.47
C SER A 91 -10.08 -15.06 -10.49
N GLU A 92 -10.35 -16.18 -9.82
CA GLU A 92 -9.39 -17.27 -9.76
C GLU A 92 -9.58 -18.24 -10.92
N LEU A 93 -8.64 -18.24 -11.85
CA LEU A 93 -8.71 -19.12 -13.02
C LEU A 93 -7.78 -20.32 -12.84
N SER A 94 -6.48 -20.05 -12.75
CA SER A 94 -5.48 -21.10 -12.59
C SER A 94 -5.89 -22.06 -11.46
N GLY A 95 -5.96 -21.53 -10.25
CA GLY A 95 -6.33 -22.34 -9.11
C GLY A 95 -5.82 -23.77 -9.23
N PRO A 96 -6.70 -24.67 -9.71
CA PRO A 96 -6.35 -26.09 -9.89
C PRO A 96 -5.35 -26.31 -11.01
N SER A 97 -4.36 -27.17 -10.76
CA SER A 97 -3.33 -27.46 -11.75
C SER A 97 -3.21 -28.96 -11.97
N SER A 98 -4.06 -29.49 -12.85
CA SER A 98 -4.06 -30.92 -13.15
C SER A 98 -2.65 -31.47 -13.14
N GLY A 99 -1.74 -30.81 -13.87
CA GLY A 99 -0.37 -31.25 -13.92
C GLY A 99 0.29 -31.28 -12.56
N GLY A 1 25.93 20.82 17.44
CA GLY A 1 25.32 19.60 16.93
C GLY A 1 24.43 18.93 17.96
N SER A 2 23.36 19.62 18.35
CA SER A 2 22.43 19.08 19.34
C SER A 2 21.20 18.49 18.65
N SER A 3 20.41 17.75 19.42
CA SER A 3 19.19 17.13 18.89
C SER A 3 18.30 16.62 20.02
N GLY A 4 17.11 16.17 19.67
CA GLY A 4 16.18 15.65 20.66
C GLY A 4 14.73 15.75 20.20
N SER A 5 14.16 14.60 19.86
CA SER A 5 12.77 14.56 19.40
C SER A 5 11.81 14.88 20.54
N SER A 6 11.99 14.21 21.67
CA SER A 6 11.14 14.42 22.84
C SER A 6 9.69 14.56 22.42
N GLY A 7 9.26 13.73 21.48
CA GLY A 7 7.89 13.77 21.00
C GLY A 7 6.95 12.96 21.87
N PHE A 8 5.78 12.64 21.34
CA PHE A 8 4.79 11.86 22.07
C PHE A 8 4.44 10.58 21.33
N ARG A 9 5.09 9.48 21.71
CA ARG A 9 4.85 8.19 21.07
C ARG A 9 3.35 7.93 20.94
N VAL A 10 2.96 7.39 19.79
CA VAL A 10 1.56 7.09 19.52
C VAL A 10 1.33 5.58 19.42
N GLU A 11 0.10 5.16 19.70
CA GLU A 11 -0.24 3.74 19.64
C GLU A 11 -0.28 3.24 18.21
N ARG A 12 -0.88 4.03 17.32
CA ARG A 12 -0.98 3.67 15.91
C ARG A 12 -1.12 2.16 15.75
N SER A 13 -1.86 1.52 16.65
CA SER A 13 -2.05 0.08 16.61
C SER A 13 -3.37 -0.26 15.93
N GLN A 14 -3.40 -0.19 14.61
CA GLN A 14 -4.60 -0.49 13.84
C GLN A 14 -4.29 -1.49 12.73
N PRO A 15 -5.25 -2.39 12.46
CA PRO A 15 -5.11 -3.40 11.41
C PRO A 15 -5.13 -2.81 10.01
N ALA A 16 -5.97 -1.80 9.82
CA ALA A 16 -6.09 -1.14 8.52
C ALA A 16 -5.97 0.38 8.67
N SER A 17 -5.38 1.02 7.67
CA SER A 17 -5.20 2.47 7.69
C SER A 17 -5.98 3.13 6.55
N GLN A 18 -5.64 2.75 5.32
CA GLN A 18 -6.29 3.31 4.14
C GLN A 18 -6.55 2.22 3.10
N PRO A 19 -7.75 2.23 2.52
CA PRO A 19 -8.14 1.24 1.50
C PRO A 19 -7.40 1.45 0.18
N LEU A 20 -6.79 0.39 -0.32
CA LEU A 20 -6.05 0.44 -1.58
C LEU A 20 -6.33 -0.78 -2.44
N THR A 21 -6.95 -0.55 -3.60
CA THR A 21 -7.27 -1.63 -4.51
C THR A 21 -6.80 -1.32 -5.93
N TYR A 22 -7.08 -2.22 -6.86
CA TYR A 22 -6.70 -2.03 -8.25
C TYR A 22 -7.57 -0.99 -8.92
N GLU A 23 -8.81 -0.87 -8.47
CA GLU A 23 -9.74 0.11 -9.03
C GLU A 23 -9.34 1.52 -8.65
N SER A 24 -8.45 1.64 -7.68
CA SER A 24 -7.98 2.95 -7.22
C SER A 24 -6.96 3.52 -8.19
N GLY A 25 -7.16 4.78 -8.58
CA GLY A 25 -6.25 5.44 -9.50
C GLY A 25 -5.06 6.05 -8.80
N PRO A 26 -4.33 6.93 -9.51
CA PRO A 26 -3.15 7.61 -8.97
C PRO A 26 -3.50 8.61 -7.89
N ASP A 27 -4.79 8.97 -7.80
CA ASP A 27 -5.25 9.92 -6.81
C ASP A 27 -5.28 9.30 -5.42
N GLU A 28 -5.60 8.02 -5.36
CA GLU A 28 -5.66 7.30 -4.09
C GLU A 28 -4.31 6.71 -3.73
N VAL A 29 -3.62 6.17 -4.73
CA VAL A 29 -2.31 5.57 -4.52
C VAL A 29 -1.40 6.52 -3.74
N ARG A 30 -1.54 7.81 -3.99
CA ARG A 30 -0.72 8.81 -3.31
C ARG A 30 -1.19 8.99 -1.86
N ALA A 31 -2.47 8.76 -1.62
CA ALA A 31 -3.03 8.90 -0.29
C ALA A 31 -2.59 7.75 0.61
N TRP A 32 -2.69 6.53 0.10
CA TRP A 32 -2.29 5.35 0.85
C TRP A 32 -0.87 5.48 1.39
N LEU A 33 0.06 5.81 0.51
CA LEU A 33 1.45 5.98 0.89
C LEU A 33 1.59 7.03 1.99
N GLU A 34 1.00 8.20 1.77
CA GLU A 34 1.06 9.28 2.73
C GLU A 34 0.52 8.84 4.09
N ALA A 35 -0.49 7.97 4.06
CA ALA A 35 -1.10 7.46 5.28
C ALA A 35 -0.07 6.77 6.16
N LYS A 36 0.86 6.06 5.52
CA LYS A 36 1.91 5.35 6.24
C LYS A 36 3.02 6.29 6.66
N ALA A 37 3.13 7.42 5.97
CA ALA A 37 4.16 8.41 6.28
C ALA A 37 5.55 7.88 5.94
N PHE A 38 5.69 7.32 4.75
CA PHE A 38 6.97 6.76 4.31
C PHE A 38 7.98 7.88 4.05
N SER A 39 7.71 8.67 3.02
CA SER A 39 8.60 9.78 2.66
C SER A 39 7.99 10.62 1.53
N PRO A 40 8.43 11.87 1.43
CA PRO A 40 7.96 12.80 0.40
C PRO A 40 8.43 12.41 -1.00
N ARG A 41 9.48 11.59 -1.05
CA ARG A 41 10.02 11.14 -2.33
C ARG A 41 9.26 9.94 -2.86
N ILE A 42 9.04 8.95 -2.01
CA ILE A 42 8.32 7.75 -2.39
C ILE A 42 6.87 8.06 -2.74
N VAL A 43 6.29 9.04 -2.03
CA VAL A 43 4.92 9.43 -2.27
C VAL A 43 4.77 10.14 -3.62
N GLU A 44 5.72 11.02 -3.92
CA GLU A 44 5.70 11.76 -5.17
C GLU A 44 6.15 10.88 -6.33
N ASN A 45 6.92 9.84 -6.01
CA ASN A 45 7.43 8.93 -7.03
C ASN A 45 6.45 7.77 -7.26
N LEU A 46 5.71 7.41 -6.21
CA LEU A 46 4.74 6.33 -6.29
C LEU A 46 3.32 6.87 -6.34
N GLY A 47 3.16 8.15 -5.97
CA GLY A 47 1.85 8.76 -5.98
C GLY A 47 1.38 9.10 -7.39
N ILE A 48 2.19 8.74 -8.37
CA ILE A 48 1.85 9.02 -9.77
C ILE A 48 1.36 7.76 -10.47
N LEU A 49 1.62 6.60 -9.86
CA LEU A 49 1.21 5.32 -10.42
C LEU A 49 -0.21 4.97 -10.00
N THR A 50 -0.89 4.17 -10.82
CA THR A 50 -2.25 3.76 -10.53
C THR A 50 -2.28 2.61 -9.53
N GLY A 51 -3.48 2.10 -9.25
CA GLY A 51 -3.62 1.01 -8.32
C GLY A 51 -2.76 -0.19 -8.68
N PRO A 52 -2.98 -0.75 -9.88
CA PRO A 52 -2.22 -1.90 -10.36
C PRO A 52 -0.78 -1.55 -10.69
N GLN A 53 -0.58 -0.41 -11.35
CA GLN A 53 0.75 0.03 -11.72
C GLN A 53 1.69 0.02 -10.51
N LEU A 54 1.17 0.44 -9.36
CA LEU A 54 1.95 0.47 -8.14
C LEU A 54 2.21 -0.93 -7.61
N PHE A 55 1.14 -1.68 -7.37
CA PHE A 55 1.25 -3.04 -6.87
C PHE A 55 2.20 -3.86 -7.74
N SER A 56 2.25 -3.54 -9.02
CA SER A 56 3.13 -4.25 -9.95
C SER A 56 4.59 -4.14 -9.51
N LEU A 57 4.91 -3.05 -8.83
CA LEU A 57 6.27 -2.82 -8.36
C LEU A 57 6.58 -3.67 -7.13
N ASN A 58 7.59 -4.53 -7.24
CA ASN A 58 7.98 -5.40 -6.14
C ASN A 58 9.07 -4.74 -5.28
N LYS A 59 9.57 -5.49 -4.31
CA LYS A 59 10.62 -4.98 -3.43
C LYS A 59 11.69 -4.25 -4.22
N GLU A 60 12.42 -5.00 -5.04
CA GLU A 60 13.48 -4.41 -5.85
C GLU A 60 13.00 -3.15 -6.57
N GLU A 61 11.79 -3.23 -7.12
CA GLU A 61 11.20 -2.09 -7.84
C GLU A 61 11.09 -0.87 -6.92
N LEU A 62 10.32 -1.00 -5.85
CA LEU A 62 10.14 0.08 -4.90
C LEU A 62 11.47 0.59 -4.37
N LYS A 63 12.40 -0.35 -4.15
CA LYS A 63 13.72 0.00 -3.64
C LYS A 63 14.53 0.76 -4.70
N LYS A 64 14.16 0.58 -5.96
CA LYS A 64 14.84 1.25 -7.05
C LYS A 64 14.39 2.70 -7.17
N VAL A 65 13.14 2.97 -6.78
CA VAL A 65 12.59 4.31 -6.83
C VAL A 65 12.95 5.10 -5.58
N CYS A 66 12.61 4.55 -4.43
CA CYS A 66 12.89 5.20 -3.15
C CYS A 66 14.36 5.05 -2.78
N GLY A 67 14.77 3.82 -2.52
CA GLY A 67 16.15 3.56 -2.15
C GLY A 67 16.28 2.66 -0.94
N GLU A 68 16.36 3.26 0.24
CA GLU A 68 16.48 2.49 1.48
C GLU A 68 15.10 2.21 2.09
N GLU A 69 14.34 3.28 2.33
CA GLU A 69 13.01 3.15 2.90
C GLU A 69 12.16 2.20 2.08
N GLY A 70 12.30 2.26 0.76
CA GLY A 70 11.53 1.40 -0.12
C GLY A 70 11.39 0.00 0.42
N VAL A 71 12.40 -0.45 1.17
CA VAL A 71 12.39 -1.79 1.75
C VAL A 71 11.21 -1.96 2.69
N ARG A 72 10.95 -0.95 3.52
CA ARG A 72 9.86 -1.00 4.47
C ARG A 72 8.50 -0.91 3.76
N VAL A 73 8.44 -0.07 2.72
CA VAL A 73 7.22 0.10 1.95
C VAL A 73 6.72 -1.24 1.40
N TYR A 74 7.61 -1.96 0.74
CA TYR A 74 7.27 -3.26 0.16
C TYR A 74 6.67 -4.18 1.22
N SER A 75 7.24 -4.16 2.41
CA SER A 75 6.77 -5.00 3.50
C SER A 75 5.33 -4.64 3.87
N GLN A 76 5.03 -3.35 3.87
CA GLN A 76 3.68 -2.88 4.20
C GLN A 76 2.70 -3.16 3.07
N LEU A 77 3.21 -3.09 1.83
CA LEU A 77 2.38 -3.33 0.66
C LEU A 77 1.85 -4.76 0.66
N THR A 78 2.72 -5.72 0.96
CA THR A 78 2.35 -7.13 1.00
C THR A 78 1.10 -7.33 1.86
N MET A 79 1.19 -6.92 3.12
CA MET A 79 0.07 -7.07 4.04
C MET A 79 -1.25 -6.75 3.35
N GLN A 80 -1.21 -5.84 2.38
CA GLN A 80 -2.41 -5.45 1.65
C GLN A 80 -2.60 -6.34 0.43
N LYS A 81 -1.58 -6.41 -0.42
CA LYS A 81 -1.66 -7.23 -1.63
C LYS A 81 -2.19 -8.62 -1.31
N ALA A 82 -1.62 -9.25 -0.29
CA ALA A 82 -2.05 -10.59 0.12
C ALA A 82 -3.52 -10.60 0.49
N PHE A 83 -3.99 -9.52 1.10
CA PHE A 83 -5.38 -9.40 1.51
C PHE A 83 -6.30 -9.26 0.29
N LEU A 84 -5.85 -8.47 -0.68
CA LEU A 84 -6.64 -8.24 -1.90
C LEU A 84 -6.88 -9.55 -2.64
N GLU A 85 -5.80 -10.30 -2.88
CA GLU A 85 -5.90 -11.57 -3.58
C GLU A 85 -7.18 -12.31 -3.20
N LYS A 86 -7.38 -12.53 -1.90
CA LYS A 86 -8.56 -13.21 -1.41
C LYS A 86 -9.81 -12.37 -1.63
N GLN A 87 -9.70 -11.07 -1.36
CA GLN A 87 -10.81 -10.15 -1.53
C GLN A 87 -11.65 -10.54 -2.75
N GLN A 88 -10.99 -10.71 -3.88
CA GLN A 88 -11.67 -11.08 -5.13
C GLN A 88 -11.12 -12.39 -5.68
N SER A 89 -12.01 -13.18 -6.27
CA SER A 89 -11.61 -14.47 -6.83
C SER A 89 -12.30 -14.70 -8.17
N GLY A 90 -11.50 -14.94 -9.21
CA GLY A 90 -12.04 -15.17 -10.53
C GLY A 90 -11.02 -14.90 -11.63
N SER A 91 -11.43 -15.12 -12.88
CA SER A 91 -10.55 -14.89 -14.02
C SER A 91 -10.17 -13.43 -14.14
N GLU A 92 -9.10 -13.16 -14.88
CA GLU A 92 -8.63 -11.79 -15.07
C GLU A 92 -9.68 -10.95 -15.78
N LEU A 93 -10.05 -9.84 -15.14
CA LEU A 93 -11.05 -8.93 -15.71
C LEU A 93 -10.46 -7.54 -15.95
N SER A 94 -10.84 -6.93 -17.06
CA SER A 94 -10.35 -5.59 -17.40
C SER A 94 -10.28 -4.71 -16.16
N GLY A 95 -9.35 -3.75 -16.18
CA GLY A 95 -9.19 -2.85 -15.06
C GLY A 95 -9.32 -1.40 -15.45
N PRO A 96 -8.18 -0.70 -15.58
CA PRO A 96 -8.14 0.72 -15.96
C PRO A 96 -8.55 0.94 -17.40
N SER A 97 -8.69 -0.16 -18.15
CA SER A 97 -9.07 -0.08 -19.56
C SER A 97 -10.56 -0.32 -19.73
N SER A 98 -11.28 0.73 -20.13
CA SER A 98 -12.72 0.64 -20.34
C SER A 98 -13.06 -0.42 -21.38
N GLY A 99 -13.66 -1.52 -20.93
CA GLY A 99 -14.03 -2.59 -21.84
C GLY A 99 -15.44 -3.10 -21.59
N GLY A 1 -39.42 18.98 2.83
CA GLY A 1 -40.44 18.24 3.56
C GLY A 1 -39.87 17.03 4.27
N SER A 2 -38.75 17.20 4.94
CA SER A 2 -38.11 16.10 5.65
C SER A 2 -38.08 16.37 7.16
N SER A 3 -38.11 15.30 7.94
CA SER A 3 -38.09 15.41 9.40
C SER A 3 -37.05 14.49 10.00
N GLY A 4 -36.14 15.06 10.78
CA GLY A 4 -35.09 14.26 11.42
C GLY A 4 -33.84 14.18 10.57
N SER A 5 -32.88 15.04 10.85
CA SER A 5 -31.62 15.06 10.10
C SER A 5 -30.44 15.34 11.03
N SER A 6 -29.58 14.34 11.21
CA SER A 6 -28.42 14.48 12.08
C SER A 6 -27.45 13.33 11.85
N GLY A 7 -26.28 13.42 12.48
CA GLY A 7 -25.27 12.39 12.33
C GLY A 7 -23.88 12.96 12.11
N PHE A 8 -22.98 12.69 13.04
CA PHE A 8 -21.61 13.18 12.93
C PHE A 8 -20.64 12.27 13.68
N ARG A 9 -19.61 11.80 12.99
CA ARG A 9 -18.61 10.93 13.59
C ARG A 9 -17.22 11.54 13.51
N VAL A 10 -16.24 10.84 14.06
CA VAL A 10 -14.86 11.32 14.06
C VAL A 10 -13.88 10.17 14.28
N GLU A 11 -12.81 10.16 13.48
CA GLU A 11 -11.80 9.11 13.59
C GLU A 11 -10.60 9.59 14.40
N ARG A 12 -10.02 8.69 15.19
CA ARG A 12 -8.87 9.03 16.01
C ARG A 12 -7.80 9.72 15.19
N SER A 13 -7.18 8.97 14.27
CA SER A 13 -6.13 9.52 13.42
C SER A 13 -6.57 9.53 11.96
N GLN A 14 -6.13 10.55 11.22
CA GLN A 14 -6.48 10.68 9.81
C GLN A 14 -5.76 9.63 8.98
N PRO A 15 -4.42 9.67 9.01
CA PRO A 15 -3.58 8.73 8.26
C PRO A 15 -3.65 7.31 8.82
N ALA A 16 -4.50 7.12 9.83
CA ALA A 16 -4.67 5.81 10.45
C ALA A 16 -4.51 4.70 9.42
N SER A 17 -5.30 4.76 8.36
CA SER A 17 -5.25 3.75 7.31
C SER A 17 -6.17 4.13 6.15
N GLN A 18 -5.85 3.64 4.95
CA GLN A 18 -6.63 3.93 3.77
C GLN A 18 -6.72 2.70 2.86
N PRO A 19 -7.89 2.52 2.23
CA PRO A 19 -8.12 1.39 1.32
C PRO A 19 -7.32 1.51 0.03
N LEU A 20 -6.82 0.37 -0.47
CA LEU A 20 -6.04 0.34 -1.69
C LEU A 20 -6.36 -0.91 -2.50
N THR A 21 -7.01 -0.72 -3.65
CA THR A 21 -7.36 -1.83 -4.52
C THR A 21 -6.81 -1.62 -5.93
N TYR A 22 -7.02 -2.60 -6.79
CA TYR A 22 -6.55 -2.53 -8.16
C TYR A 22 -7.36 -1.51 -8.97
N GLU A 23 -8.61 -1.32 -8.58
CA GLU A 23 -9.49 -0.36 -9.26
C GLU A 23 -9.09 1.07 -8.92
N SER A 24 -8.17 1.22 -7.97
CA SER A 24 -7.72 2.54 -7.56
C SER A 24 -6.97 3.24 -8.69
N GLY A 25 -6.44 4.43 -8.39
CA GLY A 25 -5.71 5.17 -9.40
C GLY A 25 -4.55 5.95 -8.81
N PRO A 26 -4.00 6.90 -9.60
CA PRO A 26 -2.87 7.72 -9.18
C PRO A 26 -3.27 8.73 -8.09
N ASP A 27 -4.58 8.88 -7.88
CA ASP A 27 -5.08 9.80 -6.87
C ASP A 27 -5.21 9.11 -5.52
N GLU A 28 -5.44 7.81 -5.55
CA GLU A 28 -5.59 7.02 -4.32
C GLU A 28 -4.26 6.41 -3.91
N VAL A 29 -3.56 5.84 -4.86
CA VAL A 29 -2.26 5.22 -4.59
C VAL A 29 -1.35 6.15 -3.81
N ARG A 30 -1.47 7.45 -4.08
CA ARG A 30 -0.65 8.45 -3.39
C ARG A 30 -1.16 8.68 -1.98
N ALA A 31 -2.46 8.51 -1.78
CA ALA A 31 -3.07 8.70 -0.47
C ALA A 31 -2.71 7.55 0.47
N TRP A 32 -2.72 6.34 -0.05
CA TRP A 32 -2.40 5.17 0.75
C TRP A 32 -1.02 5.30 1.39
N LEU A 33 -0.09 5.92 0.65
CA LEU A 33 1.26 6.11 1.15
C LEU A 33 1.30 7.17 2.26
N GLU A 34 0.82 8.37 1.94
CA GLU A 34 0.79 9.45 2.91
C GLU A 34 0.30 8.96 4.27
N ALA A 35 -0.73 8.12 4.25
CA ALA A 35 -1.29 7.57 5.48
C ALA A 35 -0.23 6.85 6.30
N LYS A 36 0.67 6.15 5.62
CA LYS A 36 1.74 5.41 6.28
C LYS A 36 2.84 6.36 6.73
N ALA A 37 2.89 7.55 6.14
CA ALA A 37 3.89 8.55 6.48
C ALA A 37 5.31 8.02 6.21
N PHE A 38 5.48 7.40 5.04
CA PHE A 38 6.78 6.86 4.67
C PHE A 38 7.78 7.98 4.39
N SER A 39 7.50 8.79 3.38
CA SER A 39 8.38 9.89 3.02
C SER A 39 7.76 10.73 1.90
N PRO A 40 8.16 12.01 1.84
CA PRO A 40 7.66 12.95 0.83
C PRO A 40 8.18 12.62 -0.56
N ARG A 41 9.14 11.71 -0.63
CA ARG A 41 9.72 11.31 -1.91
C ARG A 41 8.99 10.10 -2.49
N ILE A 42 8.67 9.14 -1.62
CA ILE A 42 7.96 7.93 -2.05
C ILE A 42 6.51 8.24 -2.39
N VAL A 43 5.93 9.17 -1.64
CA VAL A 43 4.53 9.56 -1.86
C VAL A 43 4.37 10.27 -3.20
N GLU A 44 5.38 11.04 -3.59
CA GLU A 44 5.33 11.77 -4.86
C GLU A 44 5.83 10.89 -6.01
N ASN A 45 6.74 9.97 -5.70
CA ASN A 45 7.29 9.08 -6.70
C ASN A 45 6.31 7.95 -7.03
N LEU A 46 5.65 7.45 -5.99
CA LEU A 46 4.68 6.37 -6.17
C LEU A 46 3.26 6.92 -6.27
N GLY A 47 3.12 8.22 -6.02
CA GLY A 47 1.82 8.85 -6.11
C GLY A 47 1.43 9.21 -7.53
N ILE A 48 2.17 8.68 -8.49
CA ILE A 48 1.91 8.95 -9.90
C ILE A 48 1.46 7.69 -10.63
N LEU A 49 1.64 6.55 -9.99
CA LEU A 49 1.25 5.27 -10.58
C LEU A 49 -0.16 4.88 -10.16
N THR A 50 -0.82 4.08 -10.99
CA THR A 50 -2.17 3.64 -10.72
C THR A 50 -2.19 2.50 -9.70
N GLY A 51 -3.37 1.96 -9.43
CA GLY A 51 -3.49 0.88 -8.47
C GLY A 51 -2.59 -0.29 -8.80
N PRO A 52 -2.78 -0.88 -10.00
CA PRO A 52 -1.98 -2.01 -10.46
C PRO A 52 -0.55 -1.63 -10.77
N GLN A 53 -0.37 -0.50 -11.46
CA GLN A 53 0.95 -0.03 -11.83
C GLN A 53 1.89 -0.03 -10.61
N LEU A 54 1.34 0.27 -9.45
CA LEU A 54 2.12 0.31 -8.22
C LEU A 54 2.41 -1.11 -7.73
N PHE A 55 1.35 -1.89 -7.50
CA PHE A 55 1.50 -3.25 -7.02
C PHE A 55 2.46 -4.04 -7.92
N SER A 56 2.57 -3.62 -9.17
CA SER A 56 3.44 -4.28 -10.14
C SER A 56 4.90 -4.14 -9.72
N LEU A 57 5.21 -3.05 -9.02
CA LEU A 57 6.57 -2.80 -8.56
C LEU A 57 7.04 -3.91 -7.63
N ASN A 58 8.24 -4.42 -7.89
CA ASN A 58 8.81 -5.48 -7.06
C ASN A 58 9.71 -4.91 -5.97
N LYS A 59 10.34 -5.79 -5.20
CA LYS A 59 11.22 -5.37 -4.13
C LYS A 59 12.32 -4.45 -4.65
N GLU A 60 13.21 -5.00 -5.48
CA GLU A 60 14.30 -4.23 -6.05
C GLU A 60 13.79 -2.93 -6.68
N GLU A 61 12.67 -3.04 -7.39
CA GLU A 61 12.08 -1.88 -8.04
C GLU A 61 11.73 -0.79 -7.02
N LEU A 62 10.95 -1.16 -6.01
CA LEU A 62 10.55 -0.23 -4.97
C LEU A 62 11.78 0.35 -4.25
N LYS A 63 12.83 -0.46 -4.15
CA LYS A 63 14.06 -0.03 -3.49
C LYS A 63 14.78 1.03 -4.32
N LYS A 64 14.56 1.00 -5.64
CA LYS A 64 15.18 1.96 -6.54
C LYS A 64 14.41 3.27 -6.57
N VAL A 65 13.09 3.16 -6.68
CA VAL A 65 12.23 4.35 -6.72
C VAL A 65 12.10 4.97 -5.33
N CYS A 66 11.98 4.11 -4.32
CA CYS A 66 11.85 4.56 -2.94
C CYS A 66 13.18 4.55 -2.22
N GLY A 67 14.24 4.18 -2.95
CA GLY A 67 15.57 4.14 -2.36
C GLY A 67 15.65 3.16 -1.20
N GLU A 68 15.80 3.70 0.00
CA GLU A 68 15.89 2.88 1.20
C GLU A 68 14.52 2.56 1.77
N GLU A 69 13.66 3.58 1.80
CA GLU A 69 12.31 3.43 2.32
C GLU A 69 11.60 2.25 1.66
N GLY A 70 11.94 2.00 0.39
CA GLY A 70 11.33 0.91 -0.34
C GLY A 70 11.35 -0.39 0.44
N VAL A 71 12.49 -0.71 1.04
CA VAL A 71 12.64 -1.92 1.83
C VAL A 71 11.45 -2.12 2.77
N ARG A 72 10.99 -1.02 3.37
CA ARG A 72 9.87 -1.07 4.29
C ARG A 72 8.54 -0.97 3.54
N VAL A 73 8.52 -0.14 2.51
CA VAL A 73 7.31 0.05 1.70
C VAL A 73 6.84 -1.28 1.11
N TYR A 74 7.79 -2.11 0.70
CA TYR A 74 7.47 -3.41 0.11
C TYR A 74 6.81 -4.32 1.12
N SER A 75 7.30 -4.29 2.36
CA SER A 75 6.75 -5.13 3.42
C SER A 75 5.30 -4.78 3.67
N GLN A 76 4.93 -3.53 3.43
CA GLN A 76 3.56 -3.07 3.64
C GLN A 76 2.72 -3.30 2.38
N LEU A 77 3.31 -3.01 1.23
CA LEU A 77 2.61 -3.18 -0.04
C LEU A 77 2.14 -4.63 -0.22
N THR A 78 3.07 -5.57 -0.06
CA THR A 78 2.74 -6.99 -0.19
C THR A 78 1.61 -7.38 0.75
N MET A 79 1.68 -6.89 1.99
CA MET A 79 0.67 -7.20 2.98
C MET A 79 -0.71 -6.79 2.49
N GLN A 80 -0.79 -5.66 1.81
CA GLN A 80 -2.06 -5.16 1.29
C GLN A 80 -2.62 -6.10 0.24
N LYS A 81 -1.76 -6.54 -0.68
CA LYS A 81 -2.17 -7.45 -1.74
C LYS A 81 -2.92 -8.65 -1.17
N ALA A 82 -2.29 -9.35 -0.24
CA ALA A 82 -2.90 -10.52 0.39
C ALA A 82 -4.25 -10.17 0.99
N PHE A 83 -4.33 -9.01 1.64
CA PHE A 83 -5.57 -8.56 2.26
C PHE A 83 -6.69 -8.48 1.24
N LEU A 84 -6.37 -8.02 0.04
CA LEU A 84 -7.35 -7.90 -1.03
C LEU A 84 -7.73 -9.27 -1.59
N GLU A 85 -6.72 -10.12 -1.76
CA GLU A 85 -6.94 -11.47 -2.29
C GLU A 85 -7.92 -12.24 -1.42
N LYS A 86 -7.91 -11.95 -0.12
CA LYS A 86 -8.80 -12.61 0.82
C LYS A 86 -10.03 -11.75 1.11
N GLN A 87 -10.55 -11.11 0.06
CA GLN A 87 -11.73 -10.26 0.21
C GLN A 87 -12.99 -10.97 -0.28
N GLN A 88 -14.15 -10.43 0.06
CA GLN A 88 -15.42 -11.01 -0.35
C GLN A 88 -15.59 -12.40 0.25
N SER A 89 -15.25 -12.54 1.53
CA SER A 89 -15.36 -13.81 2.23
C SER A 89 -16.80 -14.32 2.19
N GLY A 90 -17.73 -13.48 2.64
CA GLY A 90 -19.12 -13.87 2.66
C GLY A 90 -19.91 -13.19 3.77
N SER A 91 -19.83 -13.75 4.97
CA SER A 91 -20.53 -13.20 6.12
C SER A 91 -19.85 -11.92 6.61
N GLU A 92 -18.76 -11.55 5.94
CA GLU A 92 -18.02 -10.34 6.32
C GLU A 92 -18.04 -9.32 5.19
N LEU A 93 -18.58 -8.15 5.47
CA LEU A 93 -18.66 -7.08 4.47
C LEU A 93 -18.80 -5.71 5.15
N SER A 94 -18.47 -4.65 4.41
CA SER A 94 -18.55 -3.31 4.94
C SER A 94 -19.71 -2.54 4.29
N GLY A 95 -20.17 -1.49 4.97
CA GLY A 95 -21.27 -0.70 4.44
C GLY A 95 -22.58 -1.44 4.46
N PRO A 96 -23.56 -0.93 3.71
CA PRO A 96 -24.89 -1.55 3.62
C PRO A 96 -24.88 -2.87 2.87
N SER A 97 -25.86 -3.72 3.16
CA SER A 97 -25.96 -5.03 2.51
C SER A 97 -27.24 -5.14 1.69
N SER A 98 -27.57 -4.07 0.97
CA SER A 98 -28.77 -4.05 0.15
C SER A 98 -28.46 -4.50 -1.28
N GLY A 99 -29.31 -5.36 -1.82
CA GLY A 99 -29.11 -5.85 -3.16
C GLY A 99 -28.70 -4.76 -4.13
N GLY A 1 -3.68 51.78 -2.16
CA GLY A 1 -3.25 51.19 -0.91
C GLY A 1 -3.74 49.77 -0.75
N SER A 2 -4.35 49.48 0.39
CA SER A 2 -4.86 48.13 0.67
C SER A 2 -5.48 47.52 -0.59
N SER A 3 -4.71 46.66 -1.25
CA SER A 3 -5.19 45.99 -2.47
C SER A 3 -6.06 44.80 -2.13
N GLY A 4 -5.50 43.86 -1.35
CA GLY A 4 -6.24 42.68 -0.97
C GLY A 4 -5.39 41.44 -0.96
N SER A 5 -5.82 40.41 -0.24
CA SER A 5 -5.08 39.17 -0.14
C SER A 5 -6.00 38.01 0.22
N SER A 6 -5.70 36.83 -0.31
CA SER A 6 -6.51 35.64 -0.04
C SER A 6 -5.63 34.44 0.31
N GLY A 7 -6.25 33.38 0.81
CA GLY A 7 -5.50 32.19 1.18
C GLY A 7 -6.39 30.99 1.40
N PHE A 8 -5.81 29.89 1.87
CA PHE A 8 -6.56 28.67 2.11
C PHE A 8 -5.90 27.84 3.21
N ARG A 9 -6.71 27.04 3.90
CA ARG A 9 -6.21 26.20 4.98
C ARG A 9 -6.86 24.82 4.95
N VAL A 10 -6.12 23.80 5.35
CA VAL A 10 -6.62 22.43 5.37
C VAL A 10 -6.89 21.96 6.79
N GLU A 11 -8.16 22.02 7.21
CA GLU A 11 -8.54 21.59 8.54
C GLU A 11 -9.39 20.33 8.49
N ARG A 12 -8.73 19.18 8.64
CA ARG A 12 -9.42 17.90 8.61
C ARG A 12 -8.70 16.87 9.47
N SER A 13 -9.31 15.69 9.62
CA SER A 13 -8.72 14.63 10.42
C SER A 13 -7.43 14.11 9.80
N GLN A 14 -6.77 13.20 10.49
CA GLN A 14 -5.52 12.63 10.00
C GLN A 14 -5.53 11.11 10.13
N PRO A 15 -6.23 10.43 9.21
CA PRO A 15 -6.34 8.97 9.21
C PRO A 15 -5.03 8.30 8.84
N ALA A 16 -4.83 7.08 9.33
CA ALA A 16 -3.62 6.33 9.04
C ALA A 16 -3.90 5.14 8.14
N SER A 17 -4.93 4.37 8.50
CA SER A 17 -5.30 3.19 7.72
C SER A 17 -6.25 3.57 6.58
N GLN A 18 -5.70 3.65 5.37
CA GLN A 18 -6.50 4.00 4.20
C GLN A 18 -6.67 2.80 3.27
N PRO A 19 -7.86 2.71 2.66
CA PRO A 19 -8.18 1.61 1.74
C PRO A 19 -7.38 1.69 0.43
N LEU A 20 -6.92 0.53 -0.05
CA LEU A 20 -6.15 0.48 -1.28
C LEU A 20 -6.46 -0.79 -2.07
N THR A 21 -7.04 -0.62 -3.25
CA THR A 21 -7.40 -1.74 -4.10
C THR A 21 -6.97 -1.51 -5.54
N TYR A 22 -7.25 -2.47 -6.40
CA TYR A 22 -6.89 -2.38 -7.81
C TYR A 22 -7.77 -1.35 -8.53
N GLU A 23 -8.90 -1.02 -7.91
CA GLU A 23 -9.83 -0.05 -8.49
C GLU A 23 -9.43 1.37 -8.11
N SER A 24 -8.39 1.49 -7.28
CA SER A 24 -7.92 2.80 -6.84
C SER A 24 -6.92 3.39 -7.84
N GLY A 25 -7.18 4.63 -8.25
CA GLY A 25 -6.31 5.28 -9.21
C GLY A 25 -5.08 5.90 -8.55
N PRO A 26 -4.39 6.78 -9.28
CA PRO A 26 -3.19 7.45 -8.77
C PRO A 26 -3.51 8.47 -7.69
N ASP A 27 -4.77 8.89 -7.63
CA ASP A 27 -5.20 9.86 -6.64
C ASP A 27 -5.28 9.23 -5.25
N GLU A 28 -5.63 7.95 -5.22
CA GLU A 28 -5.74 7.23 -3.95
C GLU A 28 -4.41 6.58 -3.58
N VAL A 29 -3.70 6.06 -4.57
CA VAL A 29 -2.41 5.41 -4.35
C VAL A 29 -1.44 6.36 -3.65
N ARG A 30 -1.59 7.65 -3.92
CA ARG A 30 -0.73 8.66 -3.33
C ARG A 30 -1.17 8.98 -1.90
N ALA A 31 -2.47 8.85 -1.65
CA ALA A 31 -3.02 9.13 -0.33
C ALA A 31 -2.70 8.00 0.65
N TRP A 32 -2.69 6.77 0.14
CA TRP A 32 -2.40 5.61 0.97
C TRP A 32 -0.99 5.68 1.53
N LEU A 33 -0.04 6.15 0.73
CA LEU A 33 1.34 6.27 1.15
C LEU A 33 1.49 7.34 2.23
N GLU A 34 1.06 8.55 1.92
CA GLU A 34 1.14 9.65 2.87
C GLU A 34 0.62 9.24 4.24
N ALA A 35 -0.48 8.48 4.25
CA ALA A 35 -1.08 8.01 5.49
C ALA A 35 -0.07 7.23 6.33
N LYS A 36 0.80 6.48 5.66
CA LYS A 36 1.81 5.69 6.34
C LYS A 36 3.02 6.56 6.71
N ALA A 37 3.10 7.74 6.11
CA ALA A 37 4.20 8.66 6.39
C ALA A 37 5.54 8.02 6.06
N PHE A 38 5.64 7.44 4.87
CA PHE A 38 6.87 6.80 4.43
C PHE A 38 7.96 7.83 4.11
N SER A 39 7.74 8.58 3.04
CA SER A 39 8.69 9.61 2.61
C SER A 39 8.06 10.54 1.58
N PRO A 40 8.56 11.79 1.54
CA PRO A 40 8.06 12.80 0.60
C PRO A 40 8.45 12.49 -0.85
N ARG A 41 9.29 11.48 -1.02
CA ARG A 41 9.74 11.08 -2.35
C ARG A 41 8.93 9.90 -2.86
N ILE A 42 8.84 8.85 -2.04
CA ILE A 42 8.09 7.65 -2.41
C ILE A 42 6.64 7.99 -2.74
N VAL A 43 6.11 9.00 -2.08
CA VAL A 43 4.73 9.43 -2.30
C VAL A 43 4.59 10.14 -3.63
N GLU A 44 5.64 10.86 -4.03
CA GLU A 44 5.63 11.59 -5.30
C GLU A 44 6.13 10.71 -6.44
N ASN A 45 6.79 9.61 -6.09
CA ASN A 45 7.33 8.70 -7.08
C ASN A 45 6.39 7.52 -7.30
N LEU A 46 5.65 7.16 -6.25
CA LEU A 46 4.70 6.05 -6.32
C LEU A 46 3.27 6.56 -6.34
N GLY A 47 3.08 7.83 -6.01
CA GLY A 47 1.76 8.41 -6.01
C GLY A 47 1.28 8.79 -7.39
N ILE A 48 1.98 8.30 -8.40
CA ILE A 48 1.63 8.58 -9.79
C ILE A 48 1.08 7.34 -10.49
N LEU A 49 1.43 6.18 -9.96
CA LEU A 49 0.97 4.91 -10.53
C LEU A 49 -0.43 4.56 -10.04
N THR A 50 -1.18 3.85 -10.86
CA THR A 50 -2.54 3.45 -10.51
C THR A 50 -2.53 2.31 -9.50
N GLY A 51 -3.72 1.80 -9.17
CA GLY A 51 -3.82 0.71 -8.23
C GLY A 51 -2.88 -0.44 -8.56
N PRO A 52 -3.04 -1.02 -9.76
CA PRO A 52 -2.21 -2.12 -10.22
C PRO A 52 -0.78 -1.70 -10.50
N GLN A 53 -0.63 -0.64 -11.29
CA GLN A 53 0.70 -0.13 -11.64
C GLN A 53 1.61 -0.09 -10.42
N LEU A 54 1.04 0.28 -9.27
CA LEU A 54 1.81 0.35 -8.03
C LEU A 54 2.18 -1.04 -7.53
N PHE A 55 1.17 -1.86 -7.27
CA PHE A 55 1.39 -3.22 -6.79
C PHE A 55 2.34 -3.96 -7.71
N SER A 56 2.34 -3.60 -8.99
CA SER A 56 3.19 -4.25 -9.97
C SER A 56 4.67 -4.10 -9.59
N LEU A 57 4.96 -3.08 -8.79
CA LEU A 57 6.33 -2.83 -8.35
C LEU A 57 6.75 -3.84 -7.28
N ASN A 58 7.88 -4.51 -7.51
CA ASN A 58 8.39 -5.50 -6.57
C ASN A 58 9.43 -4.88 -5.64
N LYS A 59 9.75 -5.59 -4.57
CA LYS A 59 10.74 -5.12 -3.61
C LYS A 59 11.92 -4.47 -4.31
N GLU A 60 12.48 -5.17 -5.30
CA GLU A 60 13.61 -4.66 -6.06
C GLU A 60 13.29 -3.29 -6.66
N GLU A 61 12.04 -3.10 -7.06
CA GLU A 61 11.62 -1.84 -7.64
C GLU A 61 11.49 -0.75 -6.58
N LEU A 62 10.54 -0.92 -5.68
CA LEU A 62 10.33 0.05 -4.60
C LEU A 62 11.66 0.60 -4.09
N LYS A 63 12.69 -0.24 -4.14
CA LYS A 63 14.02 0.15 -3.68
C LYS A 63 14.71 1.05 -4.71
N LYS A 64 14.62 0.67 -5.98
CA LYS A 64 15.23 1.43 -7.06
C LYS A 64 14.62 2.82 -7.15
N VAL A 65 13.40 2.96 -6.64
CA VAL A 65 12.70 4.24 -6.67
C VAL A 65 13.04 5.08 -5.44
N CYS A 66 12.81 4.50 -4.26
CA CYS A 66 13.09 5.19 -3.01
C CYS A 66 14.55 5.01 -2.60
N GLY A 67 14.91 3.77 -2.25
CA GLY A 67 16.27 3.49 -1.83
C GLY A 67 16.34 2.64 -0.58
N GLU A 68 16.31 3.28 0.57
CA GLU A 68 16.37 2.57 1.85
C GLU A 68 14.97 2.27 2.37
N GLU A 69 14.16 3.32 2.50
CA GLU A 69 12.79 3.17 2.99
C GLU A 69 12.00 2.20 2.10
N GLY A 70 12.27 2.24 0.80
CA GLY A 70 11.58 1.36 -0.13
C GLY A 70 11.47 -0.06 0.39
N VAL A 71 12.48 -0.51 1.12
CA VAL A 71 12.48 -1.85 1.68
C VAL A 71 11.33 -2.05 2.65
N ARG A 72 11.12 -1.06 3.52
CA ARG A 72 10.05 -1.13 4.51
C ARG A 72 8.69 -0.98 3.85
N VAL A 73 8.63 -0.12 2.84
CA VAL A 73 7.38 0.13 2.12
C VAL A 73 6.84 -1.16 1.51
N TYR A 74 7.69 -1.90 0.83
CA TYR A 74 7.29 -3.16 0.21
C TYR A 74 6.64 -4.09 1.23
N SER A 75 7.23 -4.14 2.43
CA SER A 75 6.72 -4.99 3.50
C SER A 75 5.31 -4.59 3.89
N GLN A 76 5.01 -3.29 3.74
CA GLN A 76 3.69 -2.78 4.07
C GLN A 76 2.71 -2.95 2.92
N LEU A 77 3.25 -2.99 1.71
CA LEU A 77 2.44 -3.16 0.51
C LEU A 77 1.91 -4.58 0.40
N THR A 78 2.82 -5.55 0.37
CA THR A 78 2.45 -6.95 0.27
C THR A 78 1.24 -7.26 1.13
N MET A 79 1.28 -6.83 2.39
CA MET A 79 0.19 -7.06 3.33
C MET A 79 -1.17 -6.82 2.65
N GLN A 80 -1.25 -5.73 1.88
CA GLN A 80 -2.48 -5.40 1.18
C GLN A 80 -2.74 -6.36 0.03
N LYS A 81 -1.77 -6.46 -0.88
CA LYS A 81 -1.89 -7.35 -2.03
C LYS A 81 -2.45 -8.71 -1.61
N ALA A 82 -1.78 -9.35 -0.65
CA ALA A 82 -2.21 -10.66 -0.16
C ALA A 82 -3.65 -10.60 0.33
N PHE A 83 -4.01 -9.51 0.99
CA PHE A 83 -5.36 -9.34 1.52
C PHE A 83 -6.38 -9.25 0.38
N LEU A 84 -6.06 -8.45 -0.63
CA LEU A 84 -6.95 -8.28 -1.77
C LEU A 84 -7.26 -9.63 -2.42
N GLU A 85 -6.22 -10.37 -2.76
CA GLU A 85 -6.38 -11.68 -3.39
C GLU A 85 -7.47 -12.49 -2.68
N LYS A 86 -7.39 -12.55 -1.36
CA LYS A 86 -8.37 -13.29 -0.57
C LYS A 86 -9.34 -12.34 0.12
N GLN A 87 -9.81 -11.33 -0.62
CA GLN A 87 -10.74 -10.36 -0.09
C GLN A 87 -12.17 -10.69 -0.50
N GLN A 88 -13.12 -10.36 0.36
CA GLN A 88 -14.53 -10.63 0.08
C GLN A 88 -14.71 -11.99 -0.57
N SER A 89 -14.00 -12.99 -0.06
CA SER A 89 -14.07 -14.34 -0.60
C SER A 89 -13.47 -15.36 0.38
N GLY A 90 -13.80 -16.62 0.19
CA GLY A 90 -13.28 -17.67 1.06
C GLY A 90 -12.70 -18.83 0.29
N SER A 91 -12.77 -20.02 0.88
CA SER A 91 -12.25 -21.22 0.24
C SER A 91 -12.75 -22.48 0.94
N GLU A 92 -12.66 -23.61 0.26
CA GLU A 92 -13.11 -24.89 0.82
C GLU A 92 -11.95 -25.88 0.89
N LEU A 93 -12.20 -27.00 1.55
CA LEU A 93 -11.19 -28.05 1.70
C LEU A 93 -11.75 -29.42 1.37
N SER A 94 -10.87 -30.36 1.04
CA SER A 94 -11.29 -31.72 0.71
C SER A 94 -11.26 -32.62 1.93
N GLY A 95 -12.21 -33.55 2.01
CA GLY A 95 -12.27 -34.45 3.13
C GLY A 95 -13.60 -34.39 3.86
N PRO A 96 -13.66 -35.02 5.05
CA PRO A 96 -14.88 -35.04 5.86
C PRO A 96 -15.22 -33.68 6.45
N SER A 97 -16.42 -33.56 7.01
CA SER A 97 -16.87 -32.30 7.60
C SER A 97 -17.20 -32.50 9.08
N SER A 98 -16.67 -31.61 9.92
CA SER A 98 -16.91 -31.67 11.36
C SER A 98 -17.84 -30.56 11.80
N GLY A 99 -17.54 -29.33 11.37
CA GLY A 99 -18.35 -28.19 11.73
C GLY A 99 -19.65 -28.13 10.95
N GLY A 1 -17.29 -27.87 31.32
CA GLY A 1 -17.02 -26.53 30.80
C GLY A 1 -16.51 -25.58 31.86
N SER A 2 -17.34 -24.59 32.20
CA SER A 2 -16.96 -23.62 33.21
C SER A 2 -15.56 -23.06 32.95
N SER A 3 -15.27 -22.80 31.67
CA SER A 3 -13.97 -22.27 31.28
C SER A 3 -14.06 -20.78 30.95
N GLY A 4 -14.97 -20.45 30.02
CA GLY A 4 -15.14 -19.06 29.63
C GLY A 4 -14.31 -18.71 28.41
N SER A 5 -13.06 -18.31 28.64
CA SER A 5 -12.17 -17.92 27.56
C SER A 5 -12.69 -16.69 26.83
N SER A 6 -13.18 -15.72 27.60
CA SER A 6 -13.71 -14.49 27.03
C SER A 6 -13.03 -13.27 27.65
N GLY A 7 -12.38 -12.48 26.80
CA GLY A 7 -11.69 -11.29 27.29
C GLY A 7 -10.88 -10.61 26.20
N PHE A 8 -11.55 -9.78 25.40
CA PHE A 8 -10.87 -9.07 24.32
C PHE A 8 -10.53 -7.64 24.74
N ARG A 9 -9.23 -7.33 24.75
CA ARG A 9 -8.78 -6.00 25.13
C ARG A 9 -8.04 -5.33 23.97
N VAL A 10 -8.60 -4.21 23.49
CA VAL A 10 -8.00 -3.47 22.40
C VAL A 10 -8.59 -2.07 22.29
N GLU A 11 -7.76 -1.11 21.91
CA GLU A 11 -8.20 0.27 21.76
C GLU A 11 -8.69 0.55 20.35
N ARG A 12 -7.82 0.31 19.38
CA ARG A 12 -8.16 0.52 17.97
C ARG A 12 -8.76 -0.73 17.35
N SER A 13 -9.86 -0.57 16.63
CA SER A 13 -10.52 -1.70 15.98
C SER A 13 -10.23 -1.71 14.49
N GLN A 14 -10.33 -0.56 13.85
CA GLN A 14 -10.07 -0.44 12.42
C GLN A 14 -8.72 0.23 12.16
N PRO A 15 -7.66 -0.59 12.07
CA PRO A 15 -6.31 -0.09 11.83
C PRO A 15 -6.14 0.45 10.41
N ALA A 16 -7.06 0.09 9.52
CA ALA A 16 -7.01 0.53 8.14
C ALA A 16 -7.46 1.99 8.02
N SER A 17 -6.50 2.90 7.96
CA SER A 17 -6.78 4.32 7.85
C SER A 17 -7.26 4.67 6.44
N GLN A 18 -6.43 4.38 5.44
CA GLN A 18 -6.76 4.66 4.06
C GLN A 18 -6.88 3.37 3.26
N PRO A 19 -8.07 3.14 2.67
CA PRO A 19 -8.34 1.95 1.86
C PRO A 19 -7.57 1.96 0.54
N LEU A 20 -6.85 0.87 0.28
CA LEU A 20 -6.08 0.75 -0.95
C LEU A 20 -6.42 -0.54 -1.68
N THR A 21 -6.79 -0.41 -2.96
CA THR A 21 -7.14 -1.57 -3.77
C THR A 21 -6.70 -1.38 -5.22
N TYR A 22 -7.02 -2.35 -6.07
CA TYR A 22 -6.65 -2.30 -7.48
C TYR A 22 -7.52 -1.29 -8.23
N GLU A 23 -8.75 -1.11 -7.75
CA GLU A 23 -9.69 -0.18 -8.37
C GLU A 23 -9.30 1.26 -8.06
N SER A 24 -8.36 1.43 -7.14
CA SER A 24 -7.89 2.76 -6.75
C SER A 24 -6.88 3.30 -7.74
N GLY A 25 -7.19 4.45 -8.34
CA GLY A 25 -6.30 5.05 -9.30
C GLY A 25 -5.08 5.68 -8.66
N PRO A 26 -4.39 6.56 -9.39
CA PRO A 26 -3.20 7.24 -8.90
C PRO A 26 -3.52 8.27 -7.81
N ASP A 27 -4.68 8.89 -7.93
CA ASP A 27 -5.11 9.90 -6.96
C ASP A 27 -5.17 9.30 -5.56
N GLU A 28 -5.62 8.05 -5.46
CA GLU A 28 -5.73 7.38 -4.18
C GLU A 28 -4.39 6.77 -3.77
N VAL A 29 -3.69 6.18 -4.74
CA VAL A 29 -2.39 5.57 -4.47
C VAL A 29 -1.46 6.54 -3.76
N ARG A 30 -1.61 7.83 -4.07
CA ARG A 30 -0.77 8.86 -3.46
C ARG A 30 -1.24 9.16 -2.04
N ALA A 31 -2.52 8.90 -1.77
CA ALA A 31 -3.09 9.15 -0.45
C ALA A 31 -2.73 8.02 0.51
N TRP A 32 -2.86 6.78 0.05
CA TRP A 32 -2.56 5.63 0.88
C TRP A 32 -1.16 5.73 1.47
N LEU A 33 -0.18 6.01 0.60
CA LEU A 33 1.21 6.14 1.04
C LEU A 33 1.33 7.17 2.16
N GLU A 34 0.94 8.40 1.88
CA GLU A 34 1.00 9.47 2.86
C GLU A 34 0.45 9.00 4.22
N ALA A 35 -0.69 8.31 4.17
CA ALA A 35 -1.32 7.81 5.38
C ALA A 35 -0.31 7.04 6.25
N LYS A 36 0.52 6.23 5.60
CA LYS A 36 1.53 5.44 6.31
C LYS A 36 2.70 6.32 6.73
N ALA A 37 2.86 7.46 6.06
CA ALA A 37 3.94 8.38 6.37
C ALA A 37 5.30 7.79 6.00
N PHE A 38 5.35 7.14 4.83
CA PHE A 38 6.58 6.53 4.36
C PHE A 38 7.66 7.59 4.12
N SER A 39 7.45 8.41 3.10
CA SER A 39 8.40 9.45 2.76
C SER A 39 7.82 10.42 1.73
N PRO A 40 8.26 11.68 1.78
CA PRO A 40 7.78 12.72 0.86
C PRO A 40 8.28 12.51 -0.56
N ARG A 41 9.22 11.58 -0.72
CA ARG A 41 9.78 11.28 -2.03
C ARG A 41 9.10 10.06 -2.65
N ILE A 42 8.97 9.00 -1.86
CA ILE A 42 8.33 7.78 -2.33
C ILE A 42 6.87 8.02 -2.70
N VAL A 43 6.24 8.97 -2.01
CA VAL A 43 4.85 9.31 -2.26
C VAL A 43 4.70 10.03 -3.59
N GLU A 44 5.58 10.99 -3.83
CA GLU A 44 5.55 11.77 -5.07
C GLU A 44 6.00 10.93 -6.26
N ASN A 45 6.81 9.91 -5.98
CA ASN A 45 7.32 9.04 -7.02
C ASN A 45 6.37 7.87 -7.27
N LEU A 46 5.70 7.43 -6.21
CA LEU A 46 4.76 6.33 -6.30
C LEU A 46 3.31 6.83 -6.33
N GLY A 47 3.15 8.14 -6.10
CA GLY A 47 1.82 8.72 -6.11
C GLY A 47 1.35 9.10 -7.50
N ILE A 48 1.94 8.46 -8.51
CA ILE A 48 1.57 8.73 -9.89
C ILE A 48 1.07 7.47 -10.58
N LEU A 49 1.43 6.31 -10.03
CA LEU A 49 1.01 5.04 -10.59
C LEU A 49 -0.38 4.65 -10.09
N THR A 50 -1.09 3.86 -10.88
CA THR A 50 -2.44 3.42 -10.51
C THR A 50 -2.38 2.31 -9.46
N GLY A 51 -3.54 1.87 -9.02
CA GLY A 51 -3.61 0.82 -8.02
C GLY A 51 -2.70 -0.36 -8.35
N PRO A 52 -2.94 -0.98 -9.51
CA PRO A 52 -2.15 -2.13 -9.96
C PRO A 52 -0.73 -1.74 -10.37
N GLN A 53 -0.62 -0.66 -11.14
CA GLN A 53 0.69 -0.18 -11.59
C GLN A 53 1.68 -0.13 -10.43
N LEU A 54 1.20 0.30 -9.27
CA LEU A 54 2.04 0.40 -8.08
C LEU A 54 2.39 -0.99 -7.55
N PHE A 55 1.37 -1.78 -7.25
CA PHE A 55 1.57 -3.13 -6.74
C PHE A 55 2.53 -3.92 -7.63
N SER A 56 2.48 -3.64 -8.93
CA SER A 56 3.35 -4.32 -9.89
C SER A 56 4.81 -4.18 -9.50
N LEU A 57 5.12 -3.14 -8.74
CA LEU A 57 6.48 -2.88 -8.29
C LEU A 57 6.86 -3.80 -7.14
N ASN A 58 7.89 -4.62 -7.36
CA ASN A 58 8.35 -5.55 -6.34
C ASN A 58 9.33 -4.87 -5.39
N LYS A 59 9.88 -5.64 -4.45
CA LYS A 59 10.83 -5.12 -3.48
C LYS A 59 11.89 -4.26 -4.18
N GLU A 60 12.71 -4.89 -5.00
CA GLU A 60 13.77 -4.19 -5.72
C GLU A 60 13.20 -2.97 -6.44
N GLU A 61 12.09 -3.16 -7.14
CA GLU A 61 11.45 -2.08 -7.89
C GLU A 61 11.21 -0.87 -6.99
N LEU A 62 10.59 -1.10 -5.84
CA LEU A 62 10.30 -0.03 -4.89
C LEU A 62 11.59 0.61 -4.40
N LYS A 63 12.64 -0.19 -4.28
CA LYS A 63 13.93 0.30 -3.82
C LYS A 63 14.60 1.17 -4.88
N LYS A 64 14.41 0.79 -6.15
CA LYS A 64 14.99 1.55 -7.26
C LYS A 64 14.73 3.04 -7.11
N VAL A 65 13.53 3.38 -6.64
CA VAL A 65 13.16 4.78 -6.43
C VAL A 65 13.18 5.15 -4.95
N CYS A 66 12.44 4.39 -4.16
CA CYS A 66 12.36 4.64 -2.72
C CYS A 66 13.72 4.41 -2.06
N GLY A 67 14.41 3.35 -2.49
CA GLY A 67 15.71 3.04 -1.93
C GLY A 67 15.62 2.35 -0.59
N GLU A 68 16.54 2.65 0.31
CA GLU A 68 16.56 2.05 1.63
C GLU A 68 15.15 1.98 2.22
N GLU A 69 14.40 3.07 2.06
CA GLU A 69 13.03 3.13 2.57
C GLU A 69 12.13 2.15 1.83
N GLY A 70 12.37 1.99 0.53
CA GLY A 70 11.57 1.08 -0.26
C GLY A 70 11.38 -0.26 0.41
N VAL A 71 12.44 -0.78 1.01
CA VAL A 71 12.38 -2.06 1.70
C VAL A 71 11.17 -2.14 2.62
N ARG A 72 10.96 -1.11 3.42
CA ARG A 72 9.84 -1.05 4.34
C ARG A 72 8.51 -1.02 3.59
N VAL A 73 8.43 -0.16 2.58
CA VAL A 73 7.23 -0.03 1.77
C VAL A 73 6.76 -1.38 1.26
N TYR A 74 7.69 -2.14 0.70
CA TYR A 74 7.38 -3.46 0.16
C TYR A 74 6.79 -4.36 1.24
N SER A 75 7.33 -4.25 2.45
CA SER A 75 6.86 -5.06 3.58
C SER A 75 5.39 -4.81 3.85
N GLN A 76 4.96 -3.57 3.66
CA GLN A 76 3.57 -3.19 3.90
C GLN A 76 2.71 -3.52 2.68
N LEU A 77 3.23 -3.21 1.49
CA LEU A 77 2.50 -3.46 0.25
C LEU A 77 2.22 -4.96 0.09
N THR A 78 3.16 -5.78 0.52
CA THR A 78 3.01 -7.23 0.42
C THR A 78 1.83 -7.72 1.26
N MET A 79 1.55 -7.00 2.35
CA MET A 79 0.45 -7.36 3.22
C MET A 79 -0.89 -7.02 2.59
N GLN A 80 -0.97 -5.85 1.96
CA GLN A 80 -2.19 -5.41 1.31
C GLN A 80 -2.52 -6.30 0.12
N LYS A 81 -1.51 -6.66 -0.65
CA LYS A 81 -1.69 -7.51 -1.82
C LYS A 81 -2.37 -8.82 -1.44
N ALA A 82 -1.91 -9.43 -0.35
CA ALA A 82 -2.47 -10.68 0.12
C ALA A 82 -3.91 -10.49 0.61
N PHE A 83 -4.16 -9.36 1.27
CA PHE A 83 -5.49 -9.06 1.78
C PHE A 83 -6.49 -8.91 0.65
N LEU A 84 -6.13 -8.12 -0.36
CA LEU A 84 -7.00 -7.89 -1.51
C LEU A 84 -7.44 -9.21 -2.13
N GLU A 85 -6.48 -10.10 -2.34
CA GLU A 85 -6.76 -11.41 -2.93
C GLU A 85 -8.00 -12.03 -2.30
N LYS A 86 -8.11 -11.92 -0.98
CA LYS A 86 -9.25 -12.47 -0.26
C LYS A 86 -10.09 -11.35 0.36
N GLN A 87 -10.31 -10.29 -0.42
CA GLN A 87 -11.11 -9.17 0.06
C GLN A 87 -12.59 -9.52 0.10
N GLN A 88 -13.39 -8.62 0.68
CA GLN A 88 -14.83 -8.84 0.78
C GLN A 88 -15.13 -10.23 1.31
N SER A 89 -14.40 -10.63 2.35
CA SER A 89 -14.59 -11.95 2.95
C SER A 89 -15.24 -11.83 4.33
N GLY A 90 -16.10 -12.78 4.66
CA GLY A 90 -16.77 -12.76 5.94
C GLY A 90 -16.32 -13.88 6.85
N SER A 91 -16.63 -15.12 6.47
CA SER A 91 -16.25 -16.28 7.25
C SER A 91 -14.80 -16.69 6.97
N GLU A 92 -13.89 -16.25 7.82
CA GLU A 92 -12.48 -16.56 7.66
C GLU A 92 -12.03 -17.60 8.68
N LEU A 93 -11.99 -18.86 8.25
CA LEU A 93 -11.58 -19.96 9.11
C LEU A 93 -10.07 -20.00 9.26
N SER A 94 -9.60 -19.92 10.51
CA SER A 94 -8.17 -19.95 10.78
C SER A 94 -7.59 -21.35 10.53
N GLY A 95 -6.80 -21.46 9.46
CA GLY A 95 -6.21 -22.74 9.13
C GLY A 95 -4.70 -22.74 9.30
N PRO A 96 -4.24 -23.05 10.52
CA PRO A 96 -2.80 -23.09 10.84
C PRO A 96 -2.09 -24.25 10.16
N SER A 97 -2.84 -25.03 9.38
CA SER A 97 -2.28 -26.17 8.68
C SER A 97 -1.77 -27.23 9.67
N SER A 98 -2.58 -27.51 10.67
CA SER A 98 -2.22 -28.49 11.70
C SER A 98 -3.38 -28.73 12.66
N GLY A 99 -3.81 -29.98 12.76
CA GLY A 99 -4.91 -30.31 13.65
C GLY A 99 -4.72 -31.67 14.32
N GLY A 1 29.91 33.63 -4.73
CA GLY A 1 28.58 33.07 -4.70
C GLY A 1 28.03 32.94 -3.29
N SER A 2 26.99 32.13 -3.14
CA SER A 2 26.37 31.92 -1.83
C SER A 2 25.37 30.77 -1.89
N SER A 3 24.85 30.39 -0.72
CA SER A 3 23.88 29.30 -0.63
C SER A 3 23.15 29.34 0.70
N GLY A 4 21.88 28.94 0.68
CA GLY A 4 21.09 28.93 1.90
C GLY A 4 19.60 28.99 1.62
N SER A 5 18.83 28.21 2.37
CA SER A 5 17.38 28.17 2.20
C SER A 5 16.70 27.66 3.46
N SER A 6 15.46 28.09 3.67
CA SER A 6 14.69 27.69 4.84
C SER A 6 13.54 26.77 4.45
N GLY A 7 13.16 25.87 5.36
CA GLY A 7 12.08 24.95 5.08
C GLY A 7 11.59 24.24 6.33
N PHE A 8 10.28 24.32 6.58
CA PHE A 8 9.69 23.68 7.75
C PHE A 8 9.21 22.27 7.42
N ARG A 9 8.28 22.17 6.47
CA ARG A 9 7.74 20.88 6.07
C ARG A 9 7.41 20.02 7.29
N VAL A 10 6.78 20.64 8.29
CA VAL A 10 6.41 19.93 9.51
C VAL A 10 4.97 19.43 9.42
N GLU A 11 4.63 18.82 8.29
CA GLU A 11 3.28 18.29 8.09
C GLU A 11 2.90 17.33 9.21
N ARG A 12 3.81 16.42 9.54
CA ARG A 12 3.58 15.43 10.59
C ARG A 12 2.13 14.96 10.56
N SER A 13 1.65 14.61 9.37
CA SER A 13 0.28 14.14 9.21
C SER A 13 0.23 12.62 9.23
N GLN A 14 0.09 12.05 10.43
CA GLN A 14 0.03 10.60 10.59
C GLN A 14 -1.37 10.15 10.95
N PRO A 15 -2.24 10.05 9.92
CA PRO A 15 -3.63 9.63 10.10
C PRO A 15 -3.75 8.16 10.48
N ALA A 16 -4.99 7.67 10.56
CA ALA A 16 -5.23 6.28 10.91
C ALA A 16 -4.80 5.34 9.79
N SER A 17 -5.56 5.34 8.69
CA SER A 17 -5.25 4.48 7.56
C SER A 17 -6.20 4.76 6.40
N GLN A 18 -5.78 4.41 5.18
CA GLN A 18 -6.59 4.62 3.99
C GLN A 18 -6.70 3.34 3.17
N PRO A 19 -7.88 3.13 2.57
CA PRO A 19 -8.15 1.94 1.76
C PRO A 19 -7.37 1.95 0.45
N LEU A 20 -6.63 0.88 0.19
CA LEU A 20 -5.83 0.77 -1.02
C LEU A 20 -6.13 -0.54 -1.75
N THR A 21 -6.50 -0.43 -3.03
CA THR A 21 -6.80 -1.61 -3.83
C THR A 21 -6.47 -1.37 -5.30
N TYR A 22 -6.79 -2.36 -6.14
CA TYR A 22 -6.52 -2.25 -7.57
C TYR A 22 -7.50 -1.30 -8.24
N GLU A 23 -8.67 -1.13 -7.63
CA GLU A 23 -9.70 -0.25 -8.17
C GLU A 23 -9.34 1.21 -7.94
N SER A 24 -8.26 1.44 -7.20
CA SER A 24 -7.81 2.79 -6.89
C SER A 24 -6.91 3.33 -8.00
N GLY A 25 -6.83 4.65 -8.10
CA GLY A 25 -6.00 5.26 -9.12
C GLY A 25 -4.81 6.00 -8.54
N PRO A 26 -4.23 6.92 -9.32
CA PRO A 26 -3.07 7.70 -8.90
C PRO A 26 -3.42 8.71 -7.82
N ASP A 27 -4.68 9.11 -7.77
CA ASP A 27 -5.15 10.07 -6.77
C ASP A 27 -5.19 9.44 -5.38
N GLU A 28 -5.53 8.15 -5.34
CA GLU A 28 -5.62 7.43 -4.07
C GLU A 28 -4.27 6.81 -3.71
N VAL A 29 -3.63 6.20 -4.69
CA VAL A 29 -2.33 5.56 -4.47
C VAL A 29 -1.38 6.51 -3.76
N ARG A 30 -1.55 7.80 -3.99
CA ARG A 30 -0.69 8.81 -3.38
C ARG A 30 -1.13 9.09 -1.94
N ALA A 31 -2.42 8.88 -1.67
CA ALA A 31 -2.95 9.11 -0.34
C ALA A 31 -2.59 7.97 0.61
N TRP A 32 -2.63 6.74 0.08
CA TRP A 32 -2.31 5.56 0.87
C TRP A 32 -0.91 5.67 1.47
N LEU A 33 0.07 5.98 0.62
CA LEU A 33 1.45 6.12 1.05
C LEU A 33 1.57 7.13 2.19
N GLU A 34 1.11 8.35 1.94
CA GLU A 34 1.16 9.41 2.94
C GLU A 34 0.65 8.91 4.29
N ALA A 35 -0.46 8.18 4.26
CA ALA A 35 -1.05 7.64 5.48
C ALA A 35 -0.02 6.87 6.29
N LYS A 36 0.85 6.14 5.58
CA LYS A 36 1.88 5.34 6.23
C LYS A 36 3.03 6.23 6.72
N ALA A 37 3.16 7.40 6.11
CA ALA A 37 4.21 8.34 6.47
C ALA A 37 5.58 7.83 6.04
N PHE A 38 5.63 7.20 4.87
CA PHE A 38 6.88 6.66 4.34
C PHE A 38 7.89 7.77 4.10
N SER A 39 7.61 8.61 3.11
CA SER A 39 8.50 9.71 2.76
C SER A 39 7.88 10.59 1.68
N PRO A 40 8.34 11.84 1.59
CA PRO A 40 7.85 12.82 0.62
C PRO A 40 8.27 12.46 -0.81
N ARG A 41 9.31 11.64 -0.92
CA ARG A 41 9.82 11.23 -2.22
C ARG A 41 9.03 10.03 -2.76
N ILE A 42 8.90 9.00 -1.94
CA ILE A 42 8.17 7.80 -2.32
C ILE A 42 6.70 8.11 -2.58
N VAL A 43 6.16 9.07 -1.84
CA VAL A 43 4.77 9.47 -1.99
C VAL A 43 4.54 10.18 -3.32
N GLU A 44 5.57 10.83 -3.82
CA GLU A 44 5.48 11.55 -5.09
C GLU A 44 5.91 10.66 -6.25
N ASN A 45 6.86 9.77 -5.99
CA ASN A 45 7.35 8.86 -7.02
C ASN A 45 6.35 7.73 -7.27
N LEU A 46 5.66 7.32 -6.22
CA LEU A 46 4.67 6.25 -6.32
C LEU A 46 3.26 6.81 -6.33
N GLY A 47 3.14 8.10 -6.02
CA GLY A 47 1.83 8.73 -6.02
C GLY A 47 1.33 9.08 -7.42
N ILE A 48 2.05 8.60 -8.42
CA ILE A 48 1.68 8.86 -9.81
C ILE A 48 1.21 7.57 -10.49
N LEU A 49 1.51 6.44 -9.88
CA LEU A 49 1.12 5.15 -10.43
C LEU A 49 -0.25 4.72 -9.91
N THR A 50 -1.03 4.06 -10.76
CA THR A 50 -2.35 3.60 -10.38
C THR A 50 -2.28 2.42 -9.41
N GLY A 51 -3.43 1.86 -9.06
CA GLY A 51 -3.47 0.74 -8.15
C GLY A 51 -2.60 -0.41 -8.62
N PRO A 52 -2.91 -0.95 -9.81
CA PRO A 52 -2.16 -2.06 -10.40
C PRO A 52 -0.75 -1.66 -10.83
N GLN A 53 -0.63 -0.44 -11.35
CA GLN A 53 0.66 0.07 -11.80
C GLN A 53 1.70 0.01 -10.68
N LEU A 54 1.26 0.33 -9.46
CA LEU A 54 2.14 0.31 -8.31
C LEU A 54 2.45 -1.11 -7.87
N PHE A 55 1.40 -1.92 -7.73
CA PHE A 55 1.55 -3.31 -7.31
C PHE A 55 2.53 -4.04 -8.23
N SER A 56 2.64 -3.58 -9.47
CA SER A 56 3.53 -4.19 -10.44
C SER A 56 4.99 -4.02 -10.02
N LEU A 57 5.24 -3.02 -9.19
CA LEU A 57 6.60 -2.75 -8.72
C LEU A 57 6.98 -3.70 -7.59
N ASN A 58 8.01 -4.51 -7.83
CA ASN A 58 8.47 -5.48 -6.83
C ASN A 58 9.44 -4.81 -5.85
N LYS A 59 9.73 -5.52 -4.76
CA LYS A 59 10.65 -5.01 -3.74
C LYS A 59 11.84 -4.30 -4.40
N GLU A 60 12.58 -5.04 -5.21
CA GLU A 60 13.75 -4.49 -5.89
C GLU A 60 13.40 -3.19 -6.60
N GLU A 61 12.25 -3.19 -7.28
CA GLU A 61 11.80 -2.01 -8.00
C GLU A 61 11.56 -0.84 -7.05
N LEU A 62 10.66 -1.03 -6.11
CA LEU A 62 10.34 0.01 -5.14
C LEU A 62 11.60 0.61 -4.55
N LYS A 63 12.49 -0.25 -4.06
CA LYS A 63 13.75 0.19 -3.47
C LYS A 63 14.59 0.95 -4.50
N LYS A 64 14.36 0.67 -5.77
CA LYS A 64 15.10 1.33 -6.85
C LYS A 64 14.94 2.85 -6.76
N VAL A 65 13.71 3.30 -6.53
CA VAL A 65 13.44 4.72 -6.42
C VAL A 65 13.34 5.16 -4.96
N CYS A 66 12.47 4.49 -4.20
CA CYS A 66 12.28 4.81 -2.80
C CYS A 66 13.62 4.80 -2.05
N GLY A 67 14.41 3.77 -2.29
CA GLY A 67 15.70 3.66 -1.64
C GLY A 67 15.63 2.93 -0.31
N GLU A 68 15.77 3.66 0.78
CA GLU A 68 15.70 3.08 2.11
C GLU A 68 14.27 2.84 2.54
N GLU A 69 13.40 3.82 2.26
CA GLU A 69 12.00 3.71 2.62
C GLU A 69 11.33 2.54 1.90
N GLY A 70 11.70 2.35 0.64
CA GLY A 70 11.13 1.27 -0.15
C GLY A 70 10.97 -0.01 0.66
N VAL A 71 12.05 -0.46 1.27
CA VAL A 71 12.03 -1.68 2.07
C VAL A 71 10.76 -1.77 2.90
N ARG A 72 10.34 -0.64 3.48
CA ARG A 72 9.13 -0.59 4.28
C ARG A 72 7.89 -0.67 3.40
N VAL A 73 7.86 0.12 2.34
CA VAL A 73 6.73 0.14 1.42
C VAL A 73 6.39 -1.27 0.95
N TYR A 74 7.41 -2.02 0.54
CA TYR A 74 7.21 -3.37 0.06
C TYR A 74 6.55 -4.25 1.12
N SER A 75 6.98 -4.07 2.37
CA SER A 75 6.42 -4.84 3.48
C SER A 75 4.97 -4.46 3.73
N GLN A 76 4.62 -3.22 3.40
CA GLN A 76 3.26 -2.73 3.58
C GLN A 76 2.39 -3.07 2.39
N LEU A 77 3.02 -3.20 1.22
CA LEU A 77 2.30 -3.51 -0.01
C LEU A 77 2.03 -5.01 -0.10
N THR A 78 3.06 -5.82 0.15
CA THR A 78 2.93 -7.27 0.10
C THR A 78 1.88 -7.77 1.09
N MET A 79 1.77 -7.08 2.22
CA MET A 79 0.80 -7.46 3.25
C MET A 79 -0.62 -7.12 2.80
N GLN A 80 -0.77 -5.97 2.17
CA GLN A 80 -2.08 -5.53 1.69
C GLN A 80 -2.51 -6.32 0.45
N LYS A 81 -1.52 -6.77 -0.32
CA LYS A 81 -1.78 -7.53 -1.54
C LYS A 81 -2.38 -8.89 -1.20
N ALA A 82 -1.78 -9.57 -0.23
CA ALA A 82 -2.25 -10.89 0.18
C ALA A 82 -3.65 -10.80 0.80
N PHE A 83 -3.98 -9.62 1.34
CA PHE A 83 -5.27 -9.41 1.95
C PHE A 83 -6.35 -9.20 0.89
N LEU A 84 -6.06 -8.33 -0.07
CA LEU A 84 -7.01 -8.05 -1.14
C LEU A 84 -7.43 -9.32 -1.86
N GLU A 85 -6.48 -10.24 -2.03
CA GLU A 85 -6.76 -11.50 -2.70
C GLU A 85 -7.77 -12.33 -1.90
N LYS A 86 -7.93 -11.99 -0.63
CA LYS A 86 -8.85 -12.70 0.24
C LYS A 86 -10.04 -11.81 0.61
N GLN A 87 -10.47 -10.98 -0.34
CA GLN A 87 -11.59 -10.08 -0.11
C GLN A 87 -12.81 -10.51 -0.92
N GLN A 88 -12.56 -11.23 -2.01
CA GLN A 88 -13.63 -11.71 -2.87
C GLN A 88 -14.03 -13.13 -2.51
N SER A 89 -15.33 -13.35 -2.33
CA SER A 89 -15.84 -14.67 -1.98
C SER A 89 -17.31 -14.82 -2.38
N GLY A 90 -17.82 -16.04 -2.29
CA GLY A 90 -19.21 -16.28 -2.64
C GLY A 90 -19.53 -17.77 -2.74
N SER A 91 -20.77 -18.08 -3.09
CA SER A 91 -21.19 -19.47 -3.21
C SER A 91 -20.18 -20.28 -3.99
N GLU A 92 -20.05 -21.57 -3.64
CA GLU A 92 -19.12 -22.46 -4.32
C GLU A 92 -19.54 -22.71 -5.76
N LEU A 93 -18.56 -22.89 -6.63
CA LEU A 93 -18.82 -23.13 -8.05
C LEU A 93 -18.27 -24.48 -8.48
N SER A 94 -17.03 -24.76 -8.09
CA SER A 94 -16.38 -26.01 -8.44
C SER A 94 -17.06 -27.19 -7.75
N GLY A 95 -16.98 -27.22 -6.42
CA GLY A 95 -17.59 -28.30 -5.66
C GLY A 95 -19.05 -28.51 -6.04
N PRO A 96 -19.49 -29.77 -5.98
CA PRO A 96 -20.88 -30.14 -6.32
C PRO A 96 -21.88 -29.63 -5.28
N SER A 97 -21.38 -29.25 -4.12
CA SER A 97 -22.22 -28.76 -3.04
C SER A 97 -23.09 -27.60 -3.52
N SER A 98 -24.36 -27.63 -3.13
CA SER A 98 -25.31 -26.58 -3.53
C SER A 98 -25.24 -25.40 -2.58
N GLY A 99 -24.92 -24.22 -3.12
CA GLY A 99 -24.82 -23.03 -2.30
C GLY A 99 -23.68 -23.10 -1.31
N GLY A 1 18.87 26.96 -0.82
CA GLY A 1 18.27 28.25 -0.54
C GLY A 1 17.76 28.36 0.89
N SER A 2 16.47 28.13 1.07
CA SER A 2 15.86 28.20 2.38
C SER A 2 14.86 27.07 2.59
N SER A 3 14.36 26.93 3.81
CA SER A 3 13.40 25.89 4.14
C SER A 3 12.52 26.30 5.32
N GLY A 4 11.50 25.50 5.60
CA GLY A 4 10.60 25.80 6.69
C GLY A 4 10.25 24.58 7.51
N SER A 5 9.49 24.77 8.58
CA SER A 5 9.09 23.68 9.46
C SER A 5 7.58 23.48 9.43
N SER A 6 7.14 22.30 9.01
CA SER A 6 5.72 22.00 8.93
C SER A 6 5.45 20.57 9.39
N GLY A 7 4.18 20.24 9.57
CA GLY A 7 3.80 18.90 10.01
C GLY A 7 2.37 18.83 10.50
N PHE A 8 1.73 17.69 10.31
CA PHE A 8 0.36 17.50 10.74
C PHE A 8 0.14 16.06 11.23
N ARG A 9 -0.61 15.92 12.32
CA ARG A 9 -0.89 14.61 12.88
C ARG A 9 -2.02 13.93 12.13
N VAL A 10 -1.86 12.63 11.88
CA VAL A 10 -2.88 11.86 11.16
C VAL A 10 -3.69 10.99 12.11
N GLU A 11 -4.97 10.84 11.82
CA GLU A 11 -5.86 10.04 12.65
C GLU A 11 -5.36 8.60 12.74
N ARG A 12 -5.32 8.07 13.96
CA ARG A 12 -4.85 6.70 14.18
C ARG A 12 -5.81 5.95 15.10
N SER A 13 -7.07 6.39 15.13
CA SER A 13 -8.08 5.76 15.96
C SER A 13 -8.44 4.38 15.44
N GLN A 14 -8.79 4.31 14.16
CA GLN A 14 -9.16 3.05 13.53
C GLN A 14 -7.93 2.16 13.33
N PRO A 15 -8.15 0.84 13.32
CA PRO A 15 -7.08 -0.14 13.14
C PRO A 15 -6.50 -0.13 11.73
N ALA A 16 -7.11 0.67 10.86
CA ALA A 16 -6.65 0.79 9.48
C ALA A 16 -6.00 2.14 9.22
N SER A 17 -5.45 2.31 8.03
CA SER A 17 -4.79 3.55 7.66
C SER A 17 -5.42 4.16 6.41
N GLN A 18 -5.47 3.38 5.34
CA GLN A 18 -6.05 3.83 4.08
C GLN A 18 -6.27 2.67 3.13
N PRO A 19 -7.44 2.65 2.48
CA PRO A 19 -7.79 1.59 1.52
C PRO A 19 -6.97 1.67 0.24
N LEU A 20 -6.62 0.51 -0.30
CA LEU A 20 -5.84 0.44 -1.52
C LEU A 20 -6.15 -0.84 -2.30
N THR A 21 -6.61 -0.67 -3.54
CA THR A 21 -6.95 -1.81 -4.39
C THR A 21 -6.47 -1.59 -5.82
N TYR A 22 -6.78 -2.54 -6.69
CA TYR A 22 -6.38 -2.45 -8.09
C TYR A 22 -7.26 -1.46 -8.84
N GLU A 23 -8.49 -1.31 -8.39
CA GLU A 23 -9.43 -0.38 -9.02
C GLU A 23 -9.08 1.06 -8.69
N SER A 24 -8.05 1.25 -7.88
CA SER A 24 -7.61 2.57 -7.48
C SER A 24 -6.79 3.23 -8.59
N GLY A 25 -6.37 4.47 -8.36
CA GLY A 25 -5.58 5.18 -9.34
C GLY A 25 -4.45 5.97 -8.71
N PRO A 26 -3.89 6.92 -9.48
CA PRO A 26 -2.79 7.76 -9.02
C PRO A 26 -3.22 8.75 -7.94
N ASP A 27 -4.52 8.95 -7.82
CA ASP A 27 -5.07 9.88 -6.83
C ASP A 27 -5.21 9.19 -5.48
N GLU A 28 -5.46 7.89 -5.50
CA GLU A 28 -5.62 7.12 -4.27
C GLU A 28 -4.28 6.56 -3.80
N VAL A 29 -3.56 5.93 -4.72
CA VAL A 29 -2.26 5.35 -4.41
C VAL A 29 -1.36 6.36 -3.70
N ARG A 30 -1.58 7.64 -3.99
CA ARG A 30 -0.80 8.71 -3.38
C ARG A 30 -1.20 8.92 -1.92
N ALA A 31 -2.48 8.76 -1.64
CA ALA A 31 -2.99 8.94 -0.29
C ALA A 31 -2.58 7.77 0.61
N TRP A 32 -2.64 6.56 0.06
CA TRP A 32 -2.28 5.37 0.82
C TRP A 32 -0.87 5.50 1.39
N LEU A 33 0.04 6.04 0.59
CA LEU A 33 1.42 6.22 1.02
C LEU A 33 1.53 7.29 2.10
N GLU A 34 0.87 8.43 1.87
CA GLU A 34 0.89 9.52 2.83
C GLU A 34 0.34 9.08 4.18
N ALA A 35 -0.73 8.28 4.15
CA ALA A 35 -1.34 7.77 5.38
C ALA A 35 -0.33 7.02 6.22
N LYS A 36 0.55 6.25 5.57
CA LYS A 36 1.56 5.48 6.26
C LYS A 36 2.73 6.36 6.67
N ALA A 37 2.90 7.47 5.96
CA ALA A 37 3.99 8.40 6.25
C ALA A 37 5.35 7.79 5.92
N PHE A 38 5.43 7.16 4.76
CA PHE A 38 6.67 6.52 4.32
C PHE A 38 7.76 7.57 4.10
N SER A 39 7.53 8.45 3.14
CA SER A 39 8.49 9.51 2.82
C SER A 39 7.93 10.47 1.79
N PRO A 40 8.42 11.72 1.81
CA PRO A 40 7.98 12.75 0.87
C PRO A 40 8.45 12.49 -0.55
N ARG A 41 9.48 11.66 -0.68
CA ARG A 41 10.02 11.32 -2.00
C ARG A 41 9.27 10.13 -2.61
N ILE A 42 8.99 9.14 -1.77
CA ILE A 42 8.29 7.95 -2.22
C ILE A 42 6.81 8.23 -2.49
N VAL A 43 6.24 9.15 -1.69
CA VAL A 43 4.85 9.52 -1.83
C VAL A 43 4.60 10.21 -3.17
N GLU A 44 5.64 10.82 -3.71
CA GLU A 44 5.54 11.52 -4.99
C GLU A 44 6.00 10.63 -6.14
N ASN A 45 6.99 9.79 -5.86
CA ASN A 45 7.53 8.89 -6.87
C ASN A 45 6.57 7.71 -7.12
N LEU A 46 5.73 7.42 -6.14
CA LEU A 46 4.76 6.34 -6.26
C LEU A 46 3.35 6.87 -6.45
N GLY A 47 3.11 8.07 -5.92
CA GLY A 47 1.79 8.68 -6.04
C GLY A 47 1.38 8.86 -7.49
N ILE A 48 2.34 8.75 -8.41
CA ILE A 48 2.06 8.90 -9.83
C ILE A 48 1.65 7.57 -10.46
N LEU A 49 1.90 6.48 -9.74
CA LEU A 49 1.56 5.15 -10.22
C LEU A 49 0.14 4.77 -9.80
N THR A 50 -0.62 4.21 -10.73
CA THR A 50 -1.99 3.80 -10.46
C THR A 50 -2.02 2.62 -9.48
N GLY A 51 -3.22 2.23 -9.07
CA GLY A 51 -3.36 1.12 -8.14
C GLY A 51 -2.49 -0.06 -8.52
N PRO A 52 -2.71 -0.60 -9.73
CA PRO A 52 -1.96 -1.75 -10.23
C PRO A 52 -0.51 -1.40 -10.55
N GLN A 53 -0.32 -0.21 -11.12
CA GLN A 53 1.02 0.25 -11.47
C GLN A 53 1.97 0.16 -10.28
N LEU A 54 1.45 0.44 -9.10
CA LEU A 54 2.23 0.39 -7.87
C LEU A 54 2.51 -1.05 -7.46
N PHE A 55 1.45 -1.82 -7.28
CA PHE A 55 1.57 -3.22 -6.89
C PHE A 55 2.51 -3.97 -7.84
N SER A 56 2.54 -3.53 -9.09
CA SER A 56 3.39 -4.17 -10.10
C SER A 56 4.86 -4.03 -9.73
N LEU A 57 5.18 -3.01 -8.93
CA LEU A 57 6.56 -2.77 -8.51
C LEU A 57 6.94 -3.72 -7.38
N ASN A 58 7.93 -4.58 -7.65
CA ASN A 58 8.40 -5.54 -6.66
C ASN A 58 9.32 -4.86 -5.64
N LYS A 59 9.89 -5.66 -4.75
CA LYS A 59 10.79 -5.14 -3.73
C LYS A 59 11.95 -4.38 -4.35
N GLU A 60 12.81 -5.10 -5.07
CA GLU A 60 13.97 -4.47 -5.73
C GLU A 60 13.53 -3.32 -6.60
N GLU A 61 12.29 -3.37 -7.09
CA GLU A 61 11.75 -2.33 -7.95
C GLU A 61 11.47 -1.06 -7.15
N LEU A 62 10.74 -1.22 -6.04
CA LEU A 62 10.40 -0.08 -5.19
C LEU A 62 11.66 0.62 -4.69
N LYS A 63 12.65 -0.16 -4.28
CA LYS A 63 13.91 0.39 -3.79
C LYS A 63 14.58 1.25 -4.85
N LYS A 64 14.37 0.90 -6.11
CA LYS A 64 14.95 1.65 -7.23
C LYS A 64 14.65 3.14 -7.09
N VAL A 65 13.38 3.48 -6.89
CA VAL A 65 12.98 4.87 -6.74
C VAL A 65 12.78 5.23 -5.27
N CYS A 66 11.94 4.46 -4.59
CA CYS A 66 11.65 4.70 -3.18
C CYS A 66 12.95 4.82 -2.38
N GLY A 67 14.01 4.16 -2.87
CA GLY A 67 15.28 4.20 -2.19
C GLY A 67 15.31 3.33 -0.94
N GLU A 68 15.57 3.94 0.20
CA GLU A 68 15.63 3.21 1.46
C GLU A 68 14.23 2.83 1.93
N GLU A 69 13.29 3.76 1.78
CA GLU A 69 11.91 3.52 2.20
C GLU A 69 11.33 2.30 1.48
N GLY A 70 11.63 2.18 0.19
CA GLY A 70 11.14 1.07 -0.58
C GLY A 70 11.11 -0.23 0.21
N VAL A 71 12.24 -0.56 0.84
CA VAL A 71 12.34 -1.77 1.64
C VAL A 71 11.15 -1.92 2.57
N ARG A 72 10.80 -0.84 3.26
CA ARG A 72 9.67 -0.85 4.19
C ARG A 72 8.35 -0.86 3.44
N VAL A 73 8.24 0.01 2.43
CA VAL A 73 7.03 0.11 1.63
C VAL A 73 6.60 -1.27 1.12
N TYR A 74 7.57 -2.04 0.64
CA TYR A 74 7.29 -3.38 0.12
C TYR A 74 6.77 -4.30 1.21
N SER A 75 7.33 -4.16 2.41
CA SER A 75 6.93 -4.97 3.55
C SER A 75 5.46 -4.73 3.91
N GLN A 76 5.00 -3.52 3.64
CA GLN A 76 3.61 -3.16 3.93
C GLN A 76 2.70 -3.49 2.75
N LEU A 77 3.01 -2.90 1.59
CA LEU A 77 2.22 -3.13 0.39
C LEU A 77 1.79 -4.59 0.28
N THR A 78 2.77 -5.50 0.33
CA THR A 78 2.50 -6.93 0.25
C THR A 78 1.28 -7.31 1.08
N MET A 79 1.27 -6.88 2.34
CA MET A 79 0.17 -7.18 3.24
C MET A 79 -1.17 -6.94 2.55
N GLN A 80 -1.32 -5.75 1.98
CA GLN A 80 -2.55 -5.39 1.29
C GLN A 80 -2.85 -6.36 0.16
N LYS A 81 -1.83 -6.67 -0.63
CA LYS A 81 -1.98 -7.60 -1.75
C LYS A 81 -2.56 -8.93 -1.28
N ALA A 82 -1.98 -9.47 -0.22
CA ALA A 82 -2.44 -10.74 0.33
C ALA A 82 -3.87 -10.62 0.87
N PHE A 83 -4.20 -9.45 1.38
CA PHE A 83 -5.53 -9.21 1.93
C PHE A 83 -6.59 -9.20 0.83
N LEU A 84 -6.27 -8.52 -0.27
CA LEU A 84 -7.20 -8.42 -1.40
C LEU A 84 -7.51 -9.81 -1.95
N GLU A 85 -6.48 -10.63 -2.10
CA GLU A 85 -6.65 -11.98 -2.62
C GLU A 85 -7.72 -12.74 -1.84
N LYS A 86 -7.70 -12.58 -0.52
CA LYS A 86 -8.68 -13.24 0.35
C LYS A 86 -9.85 -12.31 0.66
N GLN A 87 -10.40 -11.68 -0.38
CA GLN A 87 -11.52 -10.76 -0.21
C GLN A 87 -12.85 -11.48 -0.48
N GLN A 88 -12.86 -12.31 -1.52
CA GLN A 88 -14.06 -13.05 -1.89
C GLN A 88 -13.73 -14.51 -2.19
N SER A 89 -14.60 -15.41 -1.74
CA SER A 89 -14.39 -16.83 -1.96
C SER A 89 -15.62 -17.62 -1.51
N GLY A 90 -15.74 -18.85 -2.01
CA GLY A 90 -16.87 -19.70 -1.66
C GLY A 90 -16.68 -20.37 -0.32
N SER A 91 -15.52 -20.97 -0.11
CA SER A 91 -15.21 -21.66 1.14
C SER A 91 -13.78 -21.40 1.58
N GLU A 92 -13.64 -20.80 2.76
CA GLU A 92 -12.32 -20.48 3.31
C GLU A 92 -12.33 -20.57 4.83
N LEU A 93 -11.39 -21.34 5.37
CA LEU A 93 -11.27 -21.51 6.82
C LEU A 93 -10.72 -20.24 7.47
N SER A 94 -10.82 -20.18 8.80
CA SER A 94 -10.34 -19.03 9.54
C SER A 94 -9.24 -19.44 10.52
N GLY A 95 -8.04 -18.91 10.32
CA GLY A 95 -6.92 -19.24 11.19
C GLY A 95 -6.47 -18.06 12.01
N PRO A 96 -5.28 -18.17 12.60
CA PRO A 96 -4.70 -17.10 13.44
C PRO A 96 -4.29 -15.88 12.62
N SER A 97 -5.04 -14.80 12.76
CA SER A 97 -4.76 -13.57 12.02
C SER A 97 -3.63 -12.79 12.70
N SER A 98 -3.10 -11.80 11.98
CA SER A 98 -2.00 -10.98 12.50
C SER A 98 -2.40 -9.50 12.53
N GLY A 99 -2.14 -8.85 13.65
CA GLY A 99 -2.48 -7.45 13.79
C GLY A 99 -1.66 -6.75 14.86
N GLY A 1 -22.82 36.11 -1.77
CA GLY A 1 -23.96 35.81 -0.91
C GLY A 1 -24.01 34.35 -0.51
N SER A 2 -23.38 34.03 0.63
CA SER A 2 -23.36 32.66 1.12
C SER A 2 -24.72 32.25 1.67
N SER A 3 -25.51 31.55 0.85
CA SER A 3 -26.83 31.10 1.26
C SER A 3 -26.80 30.53 2.67
N GLY A 4 -25.82 29.68 2.93
CA GLY A 4 -25.70 29.07 4.25
C GLY A 4 -24.95 27.76 4.22
N SER A 5 -24.08 27.55 5.20
CA SER A 5 -23.28 26.33 5.27
C SER A 5 -23.89 25.35 6.28
N SER A 6 -23.76 24.06 5.97
CA SER A 6 -24.30 23.02 6.85
C SER A 6 -23.23 22.00 7.20
N GLY A 7 -23.26 21.52 8.44
CA GLY A 7 -22.29 20.54 8.88
C GLY A 7 -20.98 21.17 9.32
N PHE A 8 -20.54 20.83 10.52
CA PHE A 8 -19.29 21.37 11.06
C PHE A 8 -18.34 20.26 11.46
N ARG A 9 -18.88 19.23 12.12
CA ARG A 9 -18.07 18.10 12.57
C ARG A 9 -18.68 16.79 12.10
N VAL A 10 -19.18 16.77 10.87
CA VAL A 10 -19.79 15.58 10.30
C VAL A 10 -18.77 14.45 10.17
N GLU A 11 -18.88 13.45 11.04
CA GLU A 11 -17.96 12.32 11.02
C GLU A 11 -18.41 11.25 12.01
N ARG A 12 -18.30 9.99 11.59
CA ARG A 12 -18.70 8.86 12.43
C ARG A 12 -17.47 8.20 13.06
N SER A 13 -16.40 8.08 12.28
CA SER A 13 -15.18 7.45 12.76
C SER A 13 -13.98 7.94 11.96
N GLN A 14 -12.80 7.88 12.58
CA GLN A 14 -11.57 8.32 11.93
C GLN A 14 -10.85 7.14 11.26
N PRO A 15 -10.50 7.32 9.98
CA PRO A 15 -9.81 6.28 9.21
C PRO A 15 -8.37 6.07 9.67
N ALA A 16 -8.05 4.83 10.05
CA ALA A 16 -6.71 4.50 10.52
C ALA A 16 -5.81 4.12 9.35
N SER A 17 -6.35 3.33 8.42
CA SER A 17 -5.59 2.88 7.27
C SER A 17 -6.41 3.03 5.99
N GLN A 18 -5.93 3.83 5.06
CA GLN A 18 -6.62 4.06 3.79
C GLN A 18 -6.66 2.78 2.97
N PRO A 19 -7.86 2.40 2.51
CA PRO A 19 -8.06 1.20 1.70
C PRO A 19 -7.47 1.33 0.31
N LEU A 20 -6.54 0.44 -0.03
CA LEU A 20 -5.91 0.47 -1.35
C LEU A 20 -6.30 -0.75 -2.17
N THR A 21 -6.77 -0.51 -3.38
CA THR A 21 -7.19 -1.60 -4.27
C THR A 21 -6.73 -1.34 -5.71
N TYR A 22 -7.02 -2.28 -6.59
CA TYR A 22 -6.64 -2.16 -7.99
C TYR A 22 -7.50 -1.13 -8.70
N GLU A 23 -8.74 -0.96 -8.22
CA GLU A 23 -9.66 -0.01 -8.80
C GLU A 23 -9.28 1.42 -8.46
N SER A 24 -8.31 1.56 -7.54
CA SER A 24 -7.85 2.87 -7.11
C SER A 24 -6.88 3.47 -8.13
N GLY A 25 -7.08 4.75 -8.45
CA GLY A 25 -6.21 5.41 -9.40
C GLY A 25 -5.00 6.05 -8.75
N PRO A 26 -4.34 6.95 -9.49
CA PRO A 26 -3.14 7.64 -8.99
C PRO A 26 -3.46 8.64 -7.89
N ASP A 27 -4.73 9.05 -7.82
CA ASP A 27 -5.17 10.00 -6.82
C ASP A 27 -5.23 9.35 -5.44
N GLU A 28 -5.64 8.08 -5.41
CA GLU A 28 -5.73 7.35 -4.15
C GLU A 28 -4.38 6.73 -3.77
N VAL A 29 -3.70 6.16 -4.76
CA VAL A 29 -2.41 5.54 -4.53
C VAL A 29 -1.51 6.45 -3.70
N ARG A 30 -1.55 7.74 -3.98
CA ARG A 30 -0.74 8.70 -3.25
C ARG A 30 -1.21 8.84 -1.80
N ALA A 31 -2.52 8.81 -1.61
CA ALA A 31 -3.10 8.93 -0.28
C ALA A 31 -2.67 7.77 0.62
N TRP A 32 -2.73 6.55 0.07
CA TRP A 32 -2.34 5.37 0.81
C TRP A 32 -0.93 5.52 1.39
N LEU A 33 -0.04 6.11 0.61
CA LEU A 33 1.33 6.32 1.03
C LEU A 33 1.40 7.31 2.18
N GLU A 34 0.95 8.53 1.93
CA GLU A 34 0.95 9.58 2.94
C GLU A 34 0.49 9.03 4.29
N ALA A 35 -0.51 8.15 4.25
CA ALA A 35 -1.05 7.55 5.46
C ALA A 35 0.04 6.86 6.27
N LYS A 36 0.96 6.20 5.57
CA LYS A 36 2.06 5.49 6.21
C LYS A 36 3.13 6.47 6.69
N ALA A 37 3.18 7.64 6.05
CA ALA A 37 4.16 8.65 6.42
C ALA A 37 5.58 8.19 6.12
N PHE A 38 5.79 7.66 4.91
CA PHE A 38 7.10 7.18 4.51
C PHE A 38 8.05 8.34 4.21
N SER A 39 7.79 9.03 3.10
CA SER A 39 8.62 10.16 2.70
C SER A 39 7.97 10.94 1.58
N PRO A 40 8.32 12.24 1.47
CA PRO A 40 7.78 13.12 0.44
C PRO A 40 8.29 12.77 -0.95
N ARG A 41 9.21 11.81 -1.02
CA ARG A 41 9.78 11.39 -2.29
C ARG A 41 9.07 10.15 -2.82
N ILE A 42 8.91 9.14 -1.96
CA ILE A 42 8.24 7.91 -2.34
C ILE A 42 6.77 8.15 -2.66
N VAL A 43 6.16 9.09 -1.93
CA VAL A 43 4.76 9.42 -2.14
C VAL A 43 4.53 10.02 -3.52
N GLU A 44 5.39 10.97 -3.89
CA GLU A 44 5.28 11.63 -5.18
C GLU A 44 5.80 10.73 -6.30
N ASN A 45 6.78 9.89 -5.96
CA ASN A 45 7.36 8.97 -6.93
C ASN A 45 6.46 7.77 -7.17
N LEU A 46 5.69 7.41 -6.15
CA LEU A 46 4.77 6.27 -6.24
C LEU A 46 3.32 6.75 -6.26
N GLY A 47 3.13 8.05 -6.07
CA GLY A 47 1.78 8.61 -6.07
C GLY A 47 1.33 9.01 -7.46
N ILE A 48 2.09 8.61 -8.47
CA ILE A 48 1.75 8.93 -9.85
C ILE A 48 1.21 7.72 -10.59
N LEU A 49 1.58 6.54 -10.12
CA LEU A 49 1.13 5.29 -10.73
C LEU A 49 -0.26 4.90 -10.21
N THR A 50 -0.98 4.13 -11.01
CA THR A 50 -2.32 3.69 -10.64
C THR A 50 -2.27 2.54 -9.64
N GLY A 51 -3.43 2.00 -9.31
CA GLY A 51 -3.49 0.90 -8.36
C GLY A 51 -2.54 -0.23 -8.72
N PRO A 52 -2.71 -0.80 -9.92
CA PRO A 52 -1.87 -1.90 -10.41
C PRO A 52 -0.45 -1.44 -10.72
N GLN A 53 -0.33 -0.37 -11.50
CA GLN A 53 0.98 0.15 -11.86
C GLN A 53 1.92 0.18 -10.66
N LEU A 54 1.38 0.51 -9.50
CA LEU A 54 2.16 0.57 -8.27
C LEU A 54 2.53 -0.83 -7.79
N PHE A 55 1.52 -1.65 -7.54
CA PHE A 55 1.73 -3.02 -7.08
C PHE A 55 2.68 -3.76 -8.01
N SER A 56 2.69 -3.36 -9.28
CA SER A 56 3.55 -3.99 -10.28
C SER A 56 5.02 -3.87 -9.89
N LEU A 57 5.32 -2.85 -9.08
CA LEU A 57 6.70 -2.62 -8.63
C LEU A 57 7.10 -3.65 -7.58
N ASN A 58 8.17 -4.39 -7.86
CA ASN A 58 8.66 -5.40 -6.95
C ASN A 58 9.67 -4.80 -5.97
N LYS A 59 9.95 -5.53 -4.89
CA LYS A 59 10.89 -5.07 -3.87
C LYS A 59 12.04 -4.30 -4.51
N GLU A 60 12.77 -4.96 -5.40
CA GLU A 60 13.90 -4.34 -6.08
C GLU A 60 13.47 -3.05 -6.77
N GLU A 61 12.32 -3.08 -7.42
CA GLU A 61 11.80 -1.91 -8.12
C GLU A 61 11.55 -0.76 -7.14
N LEU A 62 10.69 -1.00 -6.16
CA LEU A 62 10.36 0.00 -5.16
C LEU A 62 11.62 0.64 -4.60
N LYS A 63 12.58 -0.19 -4.20
CA LYS A 63 13.84 0.31 -3.64
C LYS A 63 14.63 1.07 -4.70
N LYS A 64 14.43 0.70 -5.96
CA LYS A 64 15.12 1.36 -7.06
C LYS A 64 14.94 2.87 -7.00
N VAL A 65 13.73 3.30 -6.64
CA VAL A 65 13.43 4.73 -6.54
C VAL A 65 13.46 5.20 -5.10
N CYS A 66 12.69 4.53 -4.25
CA CYS A 66 12.61 4.87 -2.84
C CYS A 66 14.00 4.80 -2.19
N GLY A 67 14.71 3.71 -2.45
CA GLY A 67 16.04 3.53 -1.90
C GLY A 67 16.03 2.71 -0.62
N GLU A 68 16.02 3.40 0.52
CA GLU A 68 16.02 2.72 1.81
C GLU A 68 14.59 2.51 2.31
N GLU A 69 13.77 3.55 2.20
CA GLU A 69 12.38 3.49 2.64
C GLU A 69 11.63 2.39 1.89
N GLY A 70 11.89 2.28 0.59
CA GLY A 70 11.23 1.27 -0.21
C GLY A 70 11.22 -0.10 0.46
N VAL A 71 12.31 -0.41 1.17
CA VAL A 71 12.42 -1.69 1.86
C VAL A 71 11.19 -1.98 2.69
N ARG A 72 10.71 -0.96 3.41
CA ARG A 72 9.52 -1.10 4.25
C ARG A 72 8.26 -1.12 3.40
N VAL A 73 8.17 -0.19 2.46
CA VAL A 73 7.00 -0.09 1.58
C VAL A 73 6.64 -1.45 1.00
N TYR A 74 7.65 -2.19 0.57
CA TYR A 74 7.44 -3.52 -0.01
C TYR A 74 6.82 -4.46 1.02
N SER A 75 7.28 -4.37 2.26
CA SER A 75 6.78 -5.22 3.33
C SER A 75 5.33 -4.89 3.64
N GLN A 76 5.00 -3.61 3.68
CA GLN A 76 3.64 -3.16 3.95
C GLN A 76 2.70 -3.53 2.81
N LEU A 77 3.04 -3.08 1.61
CA LEU A 77 2.23 -3.35 0.43
C LEU A 77 1.61 -4.75 0.51
N THR A 78 2.46 -5.75 0.70
CA THR A 78 2.01 -7.13 0.79
C THR A 78 0.82 -7.25 1.74
N MET A 79 0.99 -6.75 2.96
CA MET A 79 -0.07 -6.81 3.96
C MET A 79 -1.43 -6.48 3.33
N GLN A 80 -1.42 -5.65 2.30
CA GLN A 80 -2.64 -5.25 1.61
C GLN A 80 -2.93 -6.19 0.45
N LYS A 81 -1.92 -6.42 -0.38
CA LYS A 81 -2.06 -7.30 -1.54
C LYS A 81 -2.61 -8.67 -1.13
N ALA A 82 -1.95 -9.28 -0.15
CA ALA A 82 -2.38 -10.59 0.34
C ALA A 82 -3.84 -10.56 0.79
N PHE A 83 -4.25 -9.45 1.39
CA PHE A 83 -5.62 -9.30 1.86
C PHE A 83 -6.61 -9.35 0.70
N LEU A 84 -6.31 -8.63 -0.37
CA LEU A 84 -7.16 -8.60 -1.55
C LEU A 84 -7.32 -10.01 -2.14
N GLU A 85 -6.21 -10.71 -2.26
CA GLU A 85 -6.23 -12.07 -2.81
C GLU A 85 -7.33 -12.90 -2.17
N LYS A 86 -7.50 -12.74 -0.85
CA LYS A 86 -8.52 -13.48 -0.12
C LYS A 86 -9.92 -13.03 -0.53
N GLN A 87 -10.14 -11.71 -0.53
CA GLN A 87 -11.43 -11.16 -0.90
C GLN A 87 -11.97 -11.82 -2.15
N GLN A 88 -13.17 -12.39 -2.04
CA GLN A 88 -13.79 -13.06 -3.18
C GLN A 88 -12.82 -14.02 -3.85
N SER A 89 -12.11 -14.79 -3.04
CA SER A 89 -11.14 -15.75 -3.55
C SER A 89 -11.70 -16.50 -4.76
N GLY A 90 -10.83 -16.82 -5.71
CA GLY A 90 -11.26 -17.52 -6.90
C GLY A 90 -11.34 -19.02 -6.69
N SER A 91 -12.02 -19.43 -5.62
CA SER A 91 -12.17 -20.84 -5.30
C SER A 91 -13.51 -21.11 -4.63
N GLU A 92 -13.89 -22.38 -4.57
CA GLU A 92 -15.15 -22.77 -3.95
C GLU A 92 -15.21 -22.33 -2.49
N LEU A 93 -16.38 -21.89 -2.05
CA LEU A 93 -16.56 -21.43 -0.68
C LEU A 93 -17.64 -22.25 0.03
N SER A 94 -18.84 -22.27 -0.56
CA SER A 94 -19.95 -23.02 0.01
C SER A 94 -20.10 -22.72 1.50
N GLY A 95 -19.84 -21.47 1.87
CA GLY A 95 -19.95 -21.07 3.26
C GLY A 95 -21.10 -20.12 3.50
N PRO A 96 -22.31 -20.68 3.67
CA PRO A 96 -23.52 -19.89 3.91
C PRO A 96 -23.52 -19.24 5.29
N SER A 97 -23.06 -17.99 5.35
CA SER A 97 -23.01 -17.25 6.61
C SER A 97 -23.02 -15.75 6.36
N SER A 98 -23.52 -15.00 7.34
CA SER A 98 -23.60 -13.55 7.23
C SER A 98 -22.20 -12.94 7.10
N GLY A 99 -21.34 -13.26 8.07
CA GLY A 99 -19.98 -12.74 8.05
C GLY A 99 -19.57 -12.15 9.39
N GLY A 1 -18.02 -9.21 31.79
CA GLY A 1 -17.54 -8.57 30.59
C GLY A 1 -16.73 -7.33 30.87
N SER A 2 -15.45 -7.34 30.49
CA SER A 2 -14.57 -6.20 30.72
C SER A 2 -13.80 -5.85 29.46
N SER A 3 -13.59 -4.56 29.23
CA SER A 3 -12.87 -4.09 28.05
C SER A 3 -12.44 -2.64 28.23
N GLY A 4 -11.68 -2.13 27.25
CA GLY A 4 -11.22 -0.76 27.32
C GLY A 4 -9.72 -0.66 27.54
N SER A 5 -8.96 -0.75 26.45
CA SER A 5 -7.51 -0.67 26.54
C SER A 5 -7.05 0.70 27.03
N SER A 6 -5.75 0.86 27.21
CA SER A 6 -5.19 2.12 27.67
C SER A 6 -3.95 2.50 26.86
N GLY A 7 -3.79 3.80 26.60
CA GLY A 7 -2.65 4.26 25.84
C GLY A 7 -2.35 5.74 26.08
N PHE A 8 -1.07 6.07 26.18
CA PHE A 8 -0.66 7.44 26.41
C PHE A 8 0.38 7.89 25.38
N ARG A 9 -0.10 8.42 24.26
CA ARG A 9 0.79 8.87 23.19
C ARG A 9 0.91 10.40 23.21
N VAL A 10 2.09 10.89 22.85
CA VAL A 10 2.34 12.33 22.81
C VAL A 10 1.39 13.04 21.85
N GLU A 11 0.91 12.29 20.85
CA GLU A 11 0.00 12.84 19.86
C GLU A 11 -0.61 11.73 19.01
N ARG A 12 -1.92 11.83 18.76
CA ARG A 12 -2.62 10.83 17.97
C ARG A 12 -3.16 11.45 16.68
N SER A 13 -2.32 12.24 16.01
CA SER A 13 -2.72 12.89 14.77
C SER A 13 -2.18 12.12 13.56
N GLN A 14 -2.89 11.07 13.17
CA GLN A 14 -2.48 10.25 12.03
C GLN A 14 -3.55 9.21 11.70
N PRO A 15 -3.72 8.93 10.41
CA PRO A 15 -4.70 7.93 9.94
C PRO A 15 -4.32 6.51 10.31
N ALA A 16 -5.17 5.85 11.08
CA ALA A 16 -4.92 4.48 11.50
C ALA A 16 -4.52 3.61 10.32
N SER A 17 -5.23 3.77 9.20
CA SER A 17 -4.96 3.00 8.00
C SER A 17 -5.77 3.52 6.82
N GLN A 18 -5.29 3.26 5.61
CA GLN A 18 -5.96 3.71 4.40
C GLN A 18 -6.18 2.54 3.44
N PRO A 19 -7.41 2.44 2.90
CA PRO A 19 -7.77 1.38 1.96
C PRO A 19 -7.08 1.54 0.60
N LEU A 20 -6.64 0.43 0.04
CA LEU A 20 -5.96 0.45 -1.26
C LEU A 20 -6.29 -0.80 -2.07
N THR A 21 -6.92 -0.60 -3.22
CA THR A 21 -7.29 -1.72 -4.08
C THR A 21 -6.77 -1.52 -5.50
N TYR A 22 -7.03 -2.48 -6.38
CA TYR A 22 -6.58 -2.41 -7.76
C TYR A 22 -7.42 -1.41 -8.55
N GLU A 23 -8.65 -1.19 -8.09
CA GLU A 23 -9.55 -0.26 -8.76
C GLU A 23 -9.21 1.18 -8.41
N SER A 24 -8.20 1.35 -7.56
CA SER A 24 -7.77 2.69 -7.14
C SER A 24 -6.82 3.30 -8.17
N GLY A 25 -7.01 4.59 -8.45
CA GLY A 25 -6.16 5.26 -9.41
C GLY A 25 -4.95 5.92 -8.76
N PRO A 26 -4.32 6.85 -9.48
CA PRO A 26 -3.15 7.57 -8.99
C PRO A 26 -3.49 8.54 -7.85
N ASP A 27 -4.74 8.98 -7.82
CA ASP A 27 -5.19 9.91 -6.79
C ASP A 27 -5.28 9.21 -5.43
N GLU A 28 -5.68 7.94 -5.44
CA GLU A 28 -5.80 7.16 -4.22
C GLU A 28 -4.45 6.55 -3.82
N VAL A 29 -3.72 6.07 -4.81
CA VAL A 29 -2.42 5.46 -4.56
C VAL A 29 -1.53 6.38 -3.73
N ARG A 30 -1.60 7.67 -4.03
CA ARG A 30 -0.80 8.65 -3.30
C ARG A 30 -1.29 8.81 -1.87
N ALA A 31 -2.59 8.60 -1.67
CA ALA A 31 -3.19 8.71 -0.34
C ALA A 31 -2.73 7.58 0.57
N TRP A 32 -2.70 6.37 0.02
CA TRP A 32 -2.29 5.20 0.79
C TRP A 32 -0.87 5.38 1.35
N LEU A 33 0.04 5.82 0.49
CA LEU A 33 1.43 6.04 0.90
C LEU A 33 1.50 7.03 2.06
N GLU A 34 0.97 8.22 1.83
CA GLU A 34 0.98 9.27 2.86
C GLU A 34 0.45 8.73 4.18
N ALA A 35 -0.54 7.84 4.11
CA ALA A 35 -1.12 7.25 5.30
C ALA A 35 -0.07 6.56 6.14
N LYS A 36 0.87 5.88 5.48
CA LYS A 36 1.93 5.18 6.18
C LYS A 36 3.01 6.15 6.66
N ALA A 37 3.11 7.29 5.99
CA ALA A 37 4.10 8.30 6.34
C ALA A 37 5.51 7.85 6.00
N PHE A 38 5.65 7.25 4.82
CA PHE A 38 6.95 6.76 4.37
C PHE A 38 7.91 7.92 4.13
N SER A 39 7.64 8.70 3.09
CA SER A 39 8.48 9.84 2.75
C SER A 39 7.88 10.63 1.60
N PRO A 40 8.35 11.89 1.43
CA PRO A 40 7.87 12.77 0.37
C PRO A 40 8.33 12.32 -1.01
N ARG A 41 9.36 11.47 -1.04
CA ARG A 41 9.90 10.97 -2.29
C ARG A 41 9.04 9.83 -2.84
N ILE A 42 8.76 8.84 -1.99
CA ILE A 42 7.96 7.70 -2.39
C ILE A 42 6.52 8.12 -2.67
N VAL A 43 6.03 9.10 -1.92
CA VAL A 43 4.66 9.59 -2.09
C VAL A 43 4.51 10.31 -3.43
N GLU A 44 5.61 10.92 -3.90
CA GLU A 44 5.59 11.65 -5.16
C GLU A 44 6.07 10.76 -6.30
N ASN A 45 6.81 9.71 -5.96
CA ASN A 45 7.34 8.77 -6.95
C ASN A 45 6.39 7.61 -7.17
N LEU A 46 5.57 7.33 -6.16
CA LEU A 46 4.60 6.24 -6.25
C LEU A 46 3.18 6.77 -6.29
N GLY A 47 3.02 8.05 -5.98
CA GLY A 47 1.71 8.66 -5.99
C GLY A 47 1.24 9.00 -7.39
N ILE A 48 2.07 8.69 -8.39
CA ILE A 48 1.73 8.96 -9.78
C ILE A 48 1.26 7.69 -10.49
N LEU A 49 1.53 6.54 -9.87
CA LEU A 49 1.13 5.26 -10.44
C LEU A 49 -0.26 4.86 -9.97
N THR A 50 -0.96 4.09 -10.79
CA THR A 50 -2.31 3.65 -10.46
C THR A 50 -2.28 2.50 -9.46
N GLY A 51 -3.44 1.95 -9.15
CA GLY A 51 -3.52 0.85 -8.20
C GLY A 51 -2.59 -0.29 -8.56
N PRO A 52 -2.79 -0.87 -9.75
CA PRO A 52 -1.98 -1.99 -10.24
C PRO A 52 -0.56 -1.56 -10.58
N GLN A 53 -0.44 -0.47 -11.34
CA GLN A 53 0.86 0.04 -11.73
C GLN A 53 1.83 0.06 -10.55
N LEU A 54 1.31 0.37 -9.37
CA LEU A 54 2.12 0.41 -8.17
C LEU A 54 2.46 -1.00 -7.68
N PHE A 55 1.42 -1.80 -7.46
CA PHE A 55 1.60 -3.17 -6.99
C PHE A 55 2.52 -3.95 -7.93
N SER A 56 2.60 -3.49 -9.17
CA SER A 56 3.44 -4.15 -10.17
C SER A 56 4.92 -3.99 -9.83
N LEU A 57 5.22 -3.01 -8.97
CA LEU A 57 6.60 -2.75 -8.56
C LEU A 57 7.09 -3.82 -7.58
N ASN A 58 8.28 -4.34 -7.83
CA ASN A 58 8.86 -5.35 -6.97
C ASN A 58 9.80 -4.74 -5.93
N LYS A 59 10.40 -5.57 -5.11
CA LYS A 59 11.31 -5.11 -4.07
C LYS A 59 12.40 -4.22 -4.68
N GLU A 60 13.26 -4.82 -5.50
CA GLU A 60 14.35 -4.08 -6.13
C GLU A 60 13.83 -2.80 -6.78
N GLU A 61 12.65 -2.89 -7.39
CA GLU A 61 12.04 -1.75 -8.05
C GLU A 61 11.78 -0.62 -7.05
N LEU A 62 10.93 -0.90 -6.07
CA LEU A 62 10.58 0.09 -5.05
C LEU A 62 11.85 0.70 -4.45
N LYS A 63 12.81 -0.15 -4.13
CA LYS A 63 14.07 0.30 -3.54
C LYS A 63 14.86 1.15 -4.53
N LYS A 64 14.65 0.90 -5.82
CA LYS A 64 15.33 1.63 -6.87
C LYS A 64 14.77 3.05 -7.01
N VAL A 65 13.51 3.21 -6.61
CA VAL A 65 12.85 4.50 -6.69
C VAL A 65 13.06 5.30 -5.42
N CYS A 66 12.69 4.72 -4.29
CA CYS A 66 12.84 5.38 -2.99
C CYS A 66 14.28 5.30 -2.51
N GLY A 67 14.72 4.10 -2.17
CA GLY A 67 16.09 3.92 -1.69
C GLY A 67 16.17 2.99 -0.49
N GLU A 68 16.13 3.56 0.71
CA GLU A 68 16.21 2.78 1.93
C GLU A 68 14.81 2.42 2.43
N GLU A 69 13.96 3.44 2.57
CA GLU A 69 12.59 3.24 3.04
C GLU A 69 11.85 2.25 2.14
N GLY A 70 12.09 2.35 0.83
CA GLY A 70 11.44 1.45 -0.11
C GLY A 70 11.28 0.05 0.44
N VAL A 71 12.31 -0.44 1.12
CA VAL A 71 12.28 -1.78 1.69
C VAL A 71 11.03 -1.98 2.54
N ARG A 72 10.73 -1.01 3.39
CA ARG A 72 9.56 -1.08 4.25
C ARG A 72 8.27 -1.08 3.43
N VAL A 73 8.15 -0.13 2.53
CA VAL A 73 6.97 -0.03 1.67
C VAL A 73 6.58 -1.39 1.10
N TYR A 74 7.53 -2.04 0.43
CA TYR A 74 7.28 -3.34 -0.16
C TYR A 74 6.82 -4.34 0.90
N SER A 75 7.43 -4.26 2.08
CA SER A 75 7.08 -5.17 3.18
C SER A 75 5.60 -5.04 3.54
N GLN A 76 5.14 -3.81 3.72
CA GLN A 76 3.75 -3.55 4.08
C GLN A 76 2.83 -3.90 2.91
N LEU A 77 3.18 -3.43 1.72
CA LEU A 77 2.38 -3.68 0.52
C LEU A 77 1.84 -5.10 0.54
N THR A 78 2.54 -6.00 1.23
CA THR A 78 2.12 -7.40 1.31
C THR A 78 0.79 -7.53 2.05
N MET A 79 0.70 -6.88 3.21
CA MET A 79 -0.52 -6.93 4.01
C MET A 79 -1.71 -6.37 3.23
N GLN A 80 -1.41 -5.57 2.22
CA GLN A 80 -2.46 -4.97 1.39
C GLN A 80 -2.78 -5.86 0.20
N LYS A 81 -1.75 -6.32 -0.49
CA LYS A 81 -1.94 -7.19 -1.64
C LYS A 81 -2.58 -8.52 -1.25
N ALA A 82 -2.05 -9.13 -0.19
CA ALA A 82 -2.57 -10.40 0.31
C ALA A 82 -3.96 -10.23 0.88
N PHE A 83 -4.29 -9.02 1.31
CA PHE A 83 -5.59 -8.72 1.88
C PHE A 83 -6.64 -8.56 0.80
N LEU A 84 -6.20 -8.14 -0.38
CA LEU A 84 -7.11 -7.94 -1.51
C LEU A 84 -7.37 -9.26 -2.24
N GLU A 85 -6.37 -10.14 -2.21
CA GLU A 85 -6.48 -11.43 -2.88
C GLU A 85 -7.51 -12.31 -2.16
N LYS A 86 -7.48 -12.31 -0.85
CA LYS A 86 -8.40 -13.10 -0.04
C LYS A 86 -9.84 -12.63 -0.25
N GLN A 87 -10.01 -11.32 -0.42
CA GLN A 87 -11.33 -10.75 -0.63
C GLN A 87 -12.13 -11.56 -1.67
N GLN A 88 -11.42 -12.03 -2.69
CA GLN A 88 -12.06 -12.81 -3.75
C GLN A 88 -13.12 -13.74 -3.17
N SER A 89 -14.19 -13.95 -3.93
CA SER A 89 -15.28 -14.82 -3.50
C SER A 89 -14.75 -15.98 -2.67
N GLY A 90 -15.46 -16.30 -1.59
CA GLY A 90 -15.04 -17.40 -0.74
C GLY A 90 -16.15 -17.85 0.20
N SER A 91 -16.09 -19.11 0.62
CA SER A 91 -17.09 -19.66 1.52
C SER A 91 -16.75 -19.37 2.98
N GLU A 92 -17.34 -18.31 3.51
CA GLU A 92 -17.09 -17.92 4.90
C GLU A 92 -17.27 -19.11 5.84
N LEU A 93 -18.50 -19.62 5.91
CA LEU A 93 -18.80 -20.76 6.77
C LEU A 93 -18.64 -22.07 6.02
N SER A 94 -18.73 -23.17 6.75
CA SER A 94 -18.60 -24.50 6.14
C SER A 94 -19.81 -24.84 5.29
N GLY A 95 -19.75 -25.99 4.61
CA GLY A 95 -20.85 -26.40 3.77
C GLY A 95 -22.13 -26.65 4.55
N PRO A 96 -23.28 -26.35 3.93
CA PRO A 96 -24.59 -26.53 4.55
C PRO A 96 -24.95 -28.00 4.73
N SER A 97 -24.53 -28.83 3.78
CA SER A 97 -24.81 -30.25 3.82
C SER A 97 -24.19 -30.89 5.07
N SER A 98 -22.90 -30.66 5.27
CA SER A 98 -22.20 -31.20 6.41
C SER A 98 -23.05 -31.13 7.67
N GLY A 99 -23.53 -29.93 7.99
CA GLY A 99 -24.36 -29.75 9.16
C GLY A 99 -25.79 -29.39 8.82
N GLY A 1 28.31 3.96 22.96
CA GLY A 1 27.18 4.08 22.06
C GLY A 1 25.89 3.61 22.67
N SER A 2 25.12 4.56 23.22
CA SER A 2 23.84 4.22 23.85
C SER A 2 22.78 5.26 23.49
N SER A 3 21.53 4.80 23.41
CA SER A 3 20.42 5.68 23.08
C SER A 3 19.78 6.26 24.33
N GLY A 4 18.81 7.15 24.15
CA GLY A 4 18.13 7.77 25.27
C GLY A 4 17.70 9.18 24.98
N SER A 5 16.48 9.33 24.47
CA SER A 5 15.94 10.65 24.14
C SER A 5 14.41 10.62 24.12
N SER A 6 13.81 11.80 23.95
CA SER A 6 12.36 11.91 23.91
C SER A 6 11.91 12.92 22.86
N GLY A 7 10.60 13.02 22.66
CA GLY A 7 10.08 13.96 21.69
C GLY A 7 8.57 13.93 21.62
N PHE A 8 7.98 14.93 20.97
CA PHE A 8 6.53 15.03 20.84
C PHE A 8 6.10 14.69 19.41
N ARG A 9 5.13 13.79 19.29
CA ARG A 9 4.62 13.38 17.99
C ARG A 9 3.28 14.06 17.69
N VAL A 10 2.88 14.02 16.42
CA VAL A 10 1.62 14.63 16.01
C VAL A 10 0.48 13.61 16.03
N GLU A 11 0.43 12.82 17.10
CA GLU A 11 -0.61 11.81 17.24
C GLU A 11 -2.00 12.42 17.06
N ARG A 12 -2.21 13.58 17.67
CA ARG A 12 -3.49 14.26 17.57
C ARG A 12 -4.10 14.09 16.18
N SER A 13 -3.29 14.29 15.15
CA SER A 13 -3.74 14.15 13.78
C SER A 13 -3.00 13.04 13.06
N GLN A 14 -3.63 11.86 12.98
CA GLN A 14 -3.02 10.71 12.32
C GLN A 14 -4.09 9.81 11.72
N PRO A 15 -3.78 9.22 10.56
CA PRO A 15 -4.71 8.32 9.85
C PRO A 15 -4.90 6.99 10.59
N ALA A 16 -5.83 6.19 10.10
CA ALA A 16 -6.12 4.89 10.71
C ALA A 16 -5.86 3.75 9.73
N SER A 17 -6.49 3.83 8.56
CA SER A 17 -6.34 2.80 7.54
C SER A 17 -7.07 3.18 6.26
N GLN A 18 -6.32 3.52 5.23
CA GLN A 18 -6.90 3.91 3.94
C GLN A 18 -7.03 2.71 3.02
N PRO A 19 -8.20 2.56 2.38
CA PRO A 19 -8.47 1.46 1.46
C PRO A 19 -7.68 1.59 0.16
N LEU A 20 -6.83 0.59 -0.10
CA LEU A 20 -6.02 0.59 -1.31
C LEU A 20 -6.28 -0.65 -2.14
N THR A 21 -6.62 -0.46 -3.42
CA THR A 21 -6.90 -1.57 -4.32
C THR A 21 -6.43 -1.25 -5.73
N TYR A 22 -6.60 -2.21 -6.63
CA TYR A 22 -6.18 -2.04 -8.02
C TYR A 22 -7.15 -1.13 -8.76
N GLU A 23 -8.38 -1.04 -8.27
CA GLU A 23 -9.39 -0.19 -8.88
C GLU A 23 -9.17 1.28 -8.55
N SER A 24 -8.18 1.53 -7.69
CA SER A 24 -7.86 2.89 -7.29
C SER A 24 -6.84 3.51 -8.24
N GLY A 25 -7.06 4.78 -8.58
CA GLY A 25 -6.15 5.47 -9.48
C GLY A 25 -4.96 6.06 -8.77
N PRO A 26 -4.20 6.92 -9.47
CA PRO A 26 -3.01 7.56 -8.90
C PRO A 26 -3.35 8.58 -7.83
N ASP A 27 -4.59 9.08 -7.85
CA ASP A 27 -5.04 10.05 -6.87
C ASP A 27 -5.15 9.43 -5.49
N GLU A 28 -5.55 8.15 -5.45
CA GLU A 28 -5.70 7.44 -4.18
C GLU A 28 -4.38 6.80 -3.77
N VAL A 29 -3.67 6.24 -4.75
CA VAL A 29 -2.39 5.59 -4.48
C VAL A 29 -1.44 6.52 -3.73
N ARG A 30 -1.52 7.81 -4.04
CA ARG A 30 -0.66 8.81 -3.39
C ARG A 30 -1.10 9.04 -1.95
N ALA A 31 -2.40 8.90 -1.70
CA ALA A 31 -2.94 9.09 -0.36
C ALA A 31 -2.60 7.91 0.54
N TRP A 32 -2.74 6.70 0.01
CA TRP A 32 -2.45 5.49 0.77
C TRP A 32 -1.05 5.54 1.36
N LEU A 33 -0.07 5.92 0.54
CA LEU A 33 1.31 6.02 0.98
C LEU A 33 1.45 7.03 2.11
N GLU A 34 1.00 8.25 1.88
CA GLU A 34 1.07 9.31 2.88
C GLU A 34 0.57 8.80 4.24
N ALA A 35 -0.48 8.00 4.21
CA ALA A 35 -1.06 7.45 5.44
C ALA A 35 0.00 6.67 6.23
N LYS A 36 0.84 5.94 5.50
CA LYS A 36 1.89 5.14 6.14
C LYS A 36 3.03 6.02 6.61
N ALA A 37 3.16 7.20 5.99
CA ALA A 37 4.22 8.13 6.35
C ALA A 37 5.59 7.58 6.01
N PHE A 38 5.74 7.09 4.77
CA PHE A 38 7.00 6.53 4.32
C PHE A 38 8.04 7.63 4.09
N SER A 39 7.85 8.40 3.03
CA SER A 39 8.77 9.49 2.70
C SER A 39 8.18 10.39 1.63
N PRO A 40 8.65 11.65 1.60
CA PRO A 40 8.17 12.65 0.62
C PRO A 40 8.64 12.32 -0.80
N ARG A 41 9.50 11.32 -0.93
CA ARG A 41 10.01 10.91 -2.23
C ARG A 41 9.22 9.74 -2.79
N ILE A 42 8.87 8.79 -1.93
CA ILE A 42 8.12 7.62 -2.34
C ILE A 42 6.67 7.99 -2.66
N VAL A 43 6.15 8.96 -1.92
CA VAL A 43 4.77 9.42 -2.13
C VAL A 43 4.62 10.16 -3.45
N GLU A 44 5.67 10.88 -3.83
CA GLU A 44 5.66 11.64 -5.08
C GLU A 44 6.05 10.75 -6.26
N ASN A 45 6.91 9.78 -6.00
CA ASN A 45 7.37 8.86 -7.03
C ASN A 45 6.34 7.76 -7.28
N LEU A 46 5.68 7.34 -6.21
CA LEU A 46 4.66 6.29 -6.31
C LEU A 46 3.26 6.89 -6.37
N GLY A 47 3.17 8.18 -6.08
CA GLY A 47 1.87 8.86 -6.12
C GLY A 47 1.43 9.20 -7.52
N ILE A 48 2.21 8.74 -8.51
CA ILE A 48 1.89 9.00 -9.91
C ILE A 48 1.44 7.73 -10.62
N LEU A 49 1.71 6.59 -10.00
CA LEU A 49 1.33 5.31 -10.58
C LEU A 49 -0.07 4.89 -10.13
N THR A 50 -0.75 4.13 -10.98
CA THR A 50 -2.10 3.68 -10.67
C THR A 50 -2.08 2.53 -9.66
N GLY A 51 -3.27 2.07 -9.27
CA GLY A 51 -3.37 0.98 -8.32
C GLY A 51 -2.46 -0.18 -8.67
N PRO A 52 -2.68 -0.76 -9.87
CA PRO A 52 -1.90 -1.91 -10.35
C PRO A 52 -0.47 -1.52 -10.70
N GLN A 53 -0.33 -0.43 -11.45
CA GLN A 53 0.98 0.06 -11.86
C GLN A 53 1.94 0.08 -10.68
N LEU A 54 1.43 0.43 -9.50
CA LEU A 54 2.24 0.49 -8.29
C LEU A 54 2.62 -0.91 -7.82
N PHE A 55 1.60 -1.75 -7.62
CA PHE A 55 1.83 -3.12 -7.16
C PHE A 55 2.84 -3.83 -8.07
N SER A 56 2.87 -3.44 -9.34
CA SER A 56 3.78 -4.04 -10.31
C SER A 56 5.23 -3.85 -9.88
N LEU A 57 5.48 -2.81 -9.08
CA LEU A 57 6.82 -2.52 -8.61
C LEU A 57 7.24 -3.51 -7.52
N ASN A 58 8.28 -4.27 -7.80
CA ASN A 58 8.79 -5.26 -6.84
C ASN A 58 9.75 -4.60 -5.86
N LYS A 59 10.21 -5.39 -4.89
CA LYS A 59 11.14 -4.89 -3.88
C LYS A 59 12.24 -4.06 -4.53
N GLU A 60 12.99 -4.68 -5.43
CA GLU A 60 14.08 -3.99 -6.12
C GLU A 60 13.60 -2.67 -6.71
N GLU A 61 12.50 -2.72 -7.46
CA GLU A 61 11.94 -1.54 -8.08
C GLU A 61 11.68 -0.45 -7.04
N LEU A 62 10.86 -0.77 -6.04
CA LEU A 62 10.53 0.17 -4.98
C LEU A 62 11.79 0.71 -4.32
N LYS A 63 12.82 -0.13 -4.25
CA LYS A 63 14.09 0.27 -3.64
C LYS A 63 14.92 1.09 -4.61
N LYS A 64 14.62 0.97 -5.90
CA LYS A 64 15.34 1.71 -6.93
C LYS A 64 14.93 3.17 -6.93
N VAL A 65 13.67 3.44 -6.57
CA VAL A 65 13.16 4.79 -6.53
C VAL A 65 13.07 5.32 -5.10
N CYS A 66 12.36 4.57 -4.25
CA CYS A 66 12.20 4.95 -2.86
C CYS A 66 13.55 5.05 -2.16
N GLY A 67 14.40 4.06 -2.39
CA GLY A 67 15.72 4.07 -1.76
C GLY A 67 15.76 3.22 -0.51
N GLU A 68 15.76 3.88 0.64
CA GLU A 68 15.80 3.18 1.92
C GLU A 68 14.40 2.84 2.41
N GLU A 69 13.46 3.76 2.20
CA GLU A 69 12.08 3.57 2.63
C GLU A 69 11.42 2.44 1.82
N GLY A 70 11.78 2.35 0.55
CA GLY A 70 11.22 1.32 -0.30
C GLY A 70 11.09 -0.01 0.41
N VAL A 71 12.14 -0.39 1.15
CA VAL A 71 12.14 -1.65 1.89
C VAL A 71 10.87 -1.81 2.71
N ARG A 72 10.48 -0.74 3.41
CA ARG A 72 9.29 -0.76 4.24
C ARG A 72 8.03 -0.84 3.39
N VAL A 73 7.95 0.03 2.38
CA VAL A 73 6.81 0.06 1.48
C VAL A 73 6.48 -1.33 0.96
N TYR A 74 7.51 -2.08 0.60
CA TYR A 74 7.32 -3.43 0.08
C TYR A 74 6.75 -4.35 1.15
N SER A 75 7.27 -4.23 2.37
CA SER A 75 6.81 -5.05 3.48
C SER A 75 5.37 -4.72 3.85
N GLN A 76 4.91 -3.54 3.43
CA GLN A 76 3.56 -3.10 3.72
C GLN A 76 2.61 -3.50 2.59
N LEU A 77 3.03 -3.24 1.35
CA LEU A 77 2.22 -3.57 0.19
C LEU A 77 1.82 -5.05 0.20
N THR A 78 2.82 -5.93 0.12
CA THR A 78 2.58 -7.36 0.13
C THR A 78 1.42 -7.72 1.06
N MET A 79 1.49 -7.25 2.30
CA MET A 79 0.45 -7.52 3.28
C MET A 79 -0.93 -7.19 2.71
N GLN A 80 -1.02 -6.06 2.03
CA GLN A 80 -2.28 -5.62 1.45
C GLN A 80 -2.75 -6.60 0.37
N LYS A 81 -1.81 -7.08 -0.43
CA LYS A 81 -2.12 -8.03 -1.50
C LYS A 81 -2.76 -9.29 -0.94
N ALA A 82 -2.32 -9.69 0.25
CA ALA A 82 -2.86 -10.88 0.90
C ALA A 82 -4.22 -10.59 1.54
N PHE A 83 -4.55 -9.31 1.65
CA PHE A 83 -5.83 -8.90 2.24
C PHE A 83 -6.88 -8.70 1.16
N LEU A 84 -6.43 -8.53 -0.08
CA LEU A 84 -7.34 -8.33 -1.20
C LEU A 84 -7.74 -9.65 -1.82
N GLU A 85 -6.83 -10.61 -1.80
CA GLU A 85 -7.08 -11.94 -2.36
C GLU A 85 -8.40 -12.51 -1.83
N LYS A 86 -8.54 -12.52 -0.51
CA LYS A 86 -9.75 -13.03 0.13
C LYS A 86 -10.90 -12.04 0.01
N GLN A 87 -10.63 -10.90 -0.62
CA GLN A 87 -11.64 -9.87 -0.81
C GLN A 87 -12.26 -9.96 -2.20
N GLN A 88 -13.27 -9.13 -2.45
CA GLN A 88 -13.94 -9.12 -3.74
C GLN A 88 -12.97 -9.38 -4.88
N SER A 89 -12.13 -8.39 -5.16
CA SER A 89 -11.15 -8.51 -6.23
C SER A 89 -10.07 -9.53 -5.87
N GLY A 90 -9.58 -10.24 -6.88
CA GLY A 90 -8.55 -11.24 -6.65
C GLY A 90 -9.14 -12.57 -6.20
N SER A 91 -9.33 -13.48 -7.14
CA SER A 91 -9.88 -14.80 -6.84
C SER A 91 -8.90 -15.90 -7.21
N GLU A 92 -8.85 -16.95 -6.38
CA GLU A 92 -7.96 -18.08 -6.63
C GLU A 92 -8.46 -19.33 -5.93
N LEU A 93 -8.45 -20.45 -6.65
CA LEU A 93 -8.90 -21.72 -6.09
C LEU A 93 -7.71 -22.64 -5.79
N SER A 94 -7.24 -22.58 -4.55
CA SER A 94 -6.12 -23.41 -4.12
C SER A 94 -6.47 -24.19 -2.87
N GLY A 95 -5.57 -25.09 -2.47
CA GLY A 95 -5.79 -25.90 -1.29
C GLY A 95 -4.88 -25.51 -0.14
N PRO A 96 -4.66 -26.47 0.79
CA PRO A 96 -3.80 -26.25 1.95
C PRO A 96 -2.33 -26.12 1.58
N SER A 97 -1.66 -25.10 2.12
CA SER A 97 -0.25 -24.87 1.84
C SER A 97 0.62 -25.46 2.93
N SER A 98 1.84 -25.85 2.57
CA SER A 98 2.78 -26.44 3.52
C SER A 98 3.10 -25.46 4.64
N GLY A 99 3.22 -25.99 5.86
CA GLY A 99 3.52 -25.15 7.01
C GLY A 99 2.64 -23.91 7.07
N GLY A 1 30.46 22.19 14.59
CA GLY A 1 29.98 23.46 15.14
C GLY A 1 28.48 23.60 15.03
N SER A 2 27.84 24.01 16.13
CA SER A 2 26.40 24.19 16.14
C SER A 2 26.00 25.19 17.23
N SER A 3 24.83 25.81 17.04
CA SER A 3 24.33 26.78 18.00
C SER A 3 23.07 26.26 18.70
N GLY A 4 22.06 25.93 17.90
CA GLY A 4 20.82 25.42 18.46
C GLY A 4 19.97 24.72 17.44
N SER A 5 18.85 24.15 17.87
CA SER A 5 17.94 23.44 16.99
C SER A 5 16.53 23.98 17.10
N SER A 6 15.70 23.65 16.11
CA SER A 6 14.31 24.12 16.09
C SER A 6 13.38 23.04 16.63
N GLY A 7 13.35 21.89 15.96
CA GLY A 7 12.50 20.80 16.38
C GLY A 7 11.03 21.16 16.34
N PHE A 8 10.42 21.01 15.17
CA PHE A 8 9.01 21.32 14.98
C PHE A 8 8.24 20.11 14.46
N ARG A 9 7.15 19.78 15.15
CA ARG A 9 6.33 18.63 14.76
C ARG A 9 5.01 19.10 14.14
N VAL A 10 4.51 18.32 13.19
CA VAL A 10 3.25 18.66 12.51
C VAL A 10 2.07 17.98 13.20
N GLU A 11 2.34 16.85 13.86
CA GLU A 11 1.29 16.11 14.55
C GLU A 11 1.90 15.01 15.43
N ARG A 12 1.20 14.68 16.51
CA ARG A 12 1.66 13.64 17.42
C ARG A 12 1.24 12.26 16.94
N SER A 13 -0.02 12.13 16.55
CA SER A 13 -0.56 10.86 16.07
C SER A 13 -1.26 11.04 14.73
N GLN A 14 -0.56 10.67 13.66
CA GLN A 14 -1.12 10.79 12.31
C GLN A 14 -1.87 9.53 11.92
N PRO A 15 -2.98 9.70 11.18
CA PRO A 15 -3.80 8.58 10.72
C PRO A 15 -3.11 7.72 9.67
N ALA A 16 -2.82 6.48 10.03
CA ALA A 16 -2.15 5.57 9.11
C ALA A 16 -3.05 4.38 8.77
N SER A 17 -4.01 4.60 7.87
CA SER A 17 -4.94 3.56 7.47
C SER A 17 -5.85 4.05 6.35
N GLN A 18 -5.66 3.49 5.16
CA GLN A 18 -6.47 3.87 4.00
C GLN A 18 -6.74 2.66 3.11
N PRO A 19 -7.97 2.59 2.56
CA PRO A 19 -8.38 1.49 1.68
C PRO A 19 -7.67 1.54 0.33
N LEU A 20 -6.92 0.50 0.02
CA LEU A 20 -6.18 0.42 -1.24
C LEU A 20 -6.52 -0.87 -1.99
N THR A 21 -6.99 -0.72 -3.23
CA THR A 21 -7.34 -1.86 -4.05
C THR A 21 -6.82 -1.71 -5.47
N TYR A 22 -7.04 -2.73 -6.29
CA TYR A 22 -6.59 -2.70 -7.69
C TYR A 22 -7.41 -1.72 -8.51
N GLU A 23 -8.63 -1.44 -8.05
CA GLU A 23 -9.51 -0.52 -8.74
C GLU A 23 -9.15 0.93 -8.42
N SER A 24 -8.16 1.11 -7.55
CA SER A 24 -7.72 2.44 -7.16
C SER A 24 -7.00 3.14 -8.32
N GLY A 25 -6.49 4.33 -8.05
CA GLY A 25 -5.78 5.09 -9.07
C GLY A 25 -4.59 5.85 -8.52
N PRO A 26 -4.03 6.74 -9.35
CA PRO A 26 -2.88 7.56 -8.95
C PRO A 26 -3.23 8.61 -7.90
N ASP A 27 -4.53 8.82 -7.71
CA ASP A 27 -5.01 9.80 -6.73
C ASP A 27 -5.20 9.15 -5.37
N GLU A 28 -5.50 7.85 -5.37
CA GLU A 28 -5.71 7.11 -4.13
C GLU A 28 -4.41 6.49 -3.63
N VAL A 29 -3.64 5.94 -4.56
CA VAL A 29 -2.36 5.30 -4.22
C VAL A 29 -1.46 6.28 -3.48
N ARG A 30 -1.48 7.55 -3.89
CA ARG A 30 -0.66 8.57 -3.27
C ARG A 30 -1.08 8.79 -1.81
N ALA A 31 -2.39 8.84 -1.58
CA ALA A 31 -2.91 9.05 -0.24
C ALA A 31 -2.55 7.88 0.68
N TRP A 32 -2.72 6.66 0.18
CA TRP A 32 -2.39 5.47 0.96
C TRP A 32 -0.97 5.54 1.50
N LEU A 33 -0.04 5.99 0.66
CA LEU A 33 1.36 6.10 1.06
C LEU A 33 1.54 7.18 2.11
N GLU A 34 0.96 8.34 1.86
CA GLU A 34 1.06 9.46 2.80
C GLU A 34 0.55 9.06 4.18
N ALA A 35 -0.55 8.33 4.21
CA ALA A 35 -1.14 7.89 5.47
C ALA A 35 -0.14 7.09 6.29
N LYS A 36 0.71 6.33 5.60
CA LYS A 36 1.73 5.52 6.27
C LYS A 36 2.92 6.37 6.67
N ALA A 37 3.01 7.57 6.11
CA ALA A 37 4.10 8.48 6.42
C ALA A 37 5.45 7.88 6.03
N PHE A 38 5.50 7.27 4.85
CA PHE A 38 6.73 6.65 4.37
C PHE A 38 7.81 7.70 4.10
N SER A 39 7.53 8.60 3.17
CA SER A 39 8.47 9.65 2.81
C SER A 39 7.87 10.62 1.80
N PRO A 40 8.29 11.89 1.87
CA PRO A 40 7.80 12.93 0.96
C PRO A 40 8.29 12.74 -0.47
N ARG A 41 9.25 11.82 -0.64
CA ARG A 41 9.81 11.54 -1.95
C ARG A 41 9.15 10.33 -2.58
N ILE A 42 8.94 9.29 -1.77
CA ILE A 42 8.31 8.05 -2.25
C ILE A 42 6.85 8.29 -2.60
N VAL A 43 6.21 9.20 -1.86
CA VAL A 43 4.80 9.51 -2.10
C VAL A 43 4.60 10.14 -3.47
N GLU A 44 5.46 11.08 -3.81
CA GLU A 44 5.38 11.76 -5.10
C GLU A 44 5.95 10.89 -6.22
N ASN A 45 6.84 9.98 -5.84
CA ASN A 45 7.46 9.08 -6.82
C ASN A 45 6.58 7.86 -7.06
N LEU A 46 5.78 7.50 -6.07
CA LEU A 46 4.89 6.34 -6.18
C LEU A 46 3.44 6.79 -6.28
N GLY A 47 3.19 8.07 -6.03
CA GLY A 47 1.84 8.60 -6.09
C GLY A 47 1.43 8.93 -7.51
N ILE A 48 2.23 8.51 -8.47
CA ILE A 48 1.93 8.77 -9.88
C ILE A 48 1.46 7.49 -10.59
N LEU A 49 1.64 6.36 -9.94
CA LEU A 49 1.23 5.08 -10.49
C LEU A 49 -0.18 4.71 -10.02
N THR A 50 -0.87 3.91 -10.82
CA THR A 50 -2.22 3.47 -10.49
C THR A 50 -2.20 2.36 -9.45
N GLY A 51 -3.38 1.87 -9.09
CA GLY A 51 -3.47 0.80 -8.11
C GLY A 51 -2.59 -0.38 -8.45
N PRO A 52 -2.84 -0.99 -9.61
CA PRO A 52 -2.07 -2.15 -10.09
C PRO A 52 -0.65 -1.78 -10.48
N GLN A 53 -0.51 -0.68 -11.20
CA GLN A 53 0.81 -0.22 -11.64
C GLN A 53 1.79 -0.18 -10.46
N LEU A 54 1.29 0.20 -9.29
CA LEU A 54 2.12 0.28 -8.09
C LEU A 54 2.45 -1.11 -7.57
N PHE A 55 1.41 -1.90 -7.29
CA PHE A 55 1.58 -3.26 -6.78
C PHE A 55 2.53 -4.05 -7.67
N SER A 56 2.56 -3.70 -8.96
CA SER A 56 3.41 -4.38 -9.92
C SER A 56 4.88 -4.23 -9.55
N LEU A 57 5.20 -3.15 -8.84
CA LEU A 57 6.56 -2.88 -8.42
C LEU A 57 7.00 -3.83 -7.31
N ASN A 58 8.05 -4.59 -7.56
CA ASN A 58 8.57 -5.54 -6.58
C ASN A 58 9.49 -4.84 -5.58
N LYS A 59 10.09 -5.63 -4.69
CA LYS A 59 11.00 -5.10 -3.68
C LYS A 59 12.13 -4.29 -4.33
N GLU A 60 12.99 -4.99 -5.06
CA GLU A 60 14.11 -4.35 -5.73
C GLU A 60 13.64 -3.18 -6.58
N GLU A 61 12.40 -3.27 -7.08
CA GLU A 61 11.83 -2.23 -7.91
C GLU A 61 11.52 -0.98 -7.08
N LEU A 62 10.83 -1.17 -5.95
CA LEU A 62 10.47 -0.07 -5.07
C LEU A 62 11.72 0.55 -4.45
N LYS A 63 12.67 -0.29 -4.06
CA LYS A 63 13.91 0.17 -3.45
C LYS A 63 14.68 1.06 -4.41
N LYS A 64 14.47 0.85 -5.71
CA LYS A 64 15.16 1.64 -6.73
C LYS A 64 14.66 3.08 -6.73
N VAL A 65 13.33 3.25 -6.77
CA VAL A 65 12.73 4.57 -6.76
C VAL A 65 12.57 5.11 -5.34
N CYS A 66 11.89 4.33 -4.51
CA CYS A 66 11.66 4.72 -3.11
C CYS A 66 12.99 4.97 -2.40
N GLY A 67 13.96 4.09 -2.63
CA GLY A 67 15.26 4.24 -2.00
C GLY A 67 15.36 3.48 -0.69
N GLU A 68 15.31 4.21 0.41
CA GLU A 68 15.39 3.59 1.74
C GLU A 68 14.03 3.07 2.18
N GLU A 69 13.00 3.89 2.01
CA GLU A 69 11.65 3.51 2.40
C GLU A 69 11.18 2.29 1.60
N GLY A 70 11.59 2.22 0.35
CA GLY A 70 11.20 1.10 -0.50
C GLY A 70 11.17 -0.22 0.26
N VAL A 71 12.11 -0.39 1.17
CA VAL A 71 12.18 -1.61 1.96
C VAL A 71 10.93 -1.80 2.81
N ARG A 72 10.48 -0.72 3.43
CA ARG A 72 9.29 -0.75 4.27
C ARG A 72 8.03 -0.72 3.43
N VAL A 73 8.01 0.16 2.42
CA VAL A 73 6.86 0.30 1.54
C VAL A 73 6.48 -1.06 0.93
N TYR A 74 7.49 -1.83 0.55
CA TYR A 74 7.25 -3.13 -0.06
C TYR A 74 6.57 -4.07 0.93
N SER A 75 7.09 -4.13 2.16
CA SER A 75 6.52 -4.99 3.19
C SER A 75 5.07 -4.64 3.44
N GLN A 76 4.73 -3.35 3.33
CA GLN A 76 3.37 -2.90 3.55
C GLN A 76 2.51 -3.16 2.32
N LEU A 77 3.14 -3.25 1.17
CA LEU A 77 2.43 -3.49 -0.08
C LEU A 77 2.01 -4.96 -0.19
N THR A 78 2.99 -5.85 -0.10
CA THR A 78 2.72 -7.28 -0.18
C THR A 78 1.62 -7.70 0.77
N MET A 79 1.70 -7.22 2.01
CA MET A 79 0.70 -7.55 3.02
C MET A 79 -0.68 -7.08 2.58
N GLN A 80 -0.73 -5.95 1.88
CA GLN A 80 -1.99 -5.40 1.41
C GLN A 80 -2.54 -6.22 0.24
N LYS A 81 -1.65 -6.67 -0.64
CA LYS A 81 -2.04 -7.46 -1.79
C LYS A 81 -2.69 -8.78 -1.35
N ALA A 82 -2.04 -9.46 -0.42
CA ALA A 82 -2.55 -10.73 0.09
C ALA A 82 -3.90 -10.54 0.78
N PHE A 83 -4.12 -9.35 1.34
CA PHE A 83 -5.37 -9.05 2.03
C PHE A 83 -6.51 -8.89 1.03
N LEU A 84 -6.20 -8.31 -0.12
CA LEU A 84 -7.20 -8.10 -1.16
C LEU A 84 -7.58 -9.42 -1.83
N GLU A 85 -6.59 -10.28 -2.04
CA GLU A 85 -6.82 -11.57 -2.67
C GLU A 85 -8.03 -12.27 -2.05
N LYS A 86 -8.24 -12.05 -0.76
CA LYS A 86 -9.36 -12.66 -0.06
C LYS A 86 -10.29 -11.59 0.50
N GLN A 87 -10.68 -10.63 -0.35
CA GLN A 87 -11.56 -9.55 0.08
C GLN A 87 -13.02 -9.95 -0.09
N GLN A 88 -13.30 -10.70 -1.16
CA GLN A 88 -14.67 -11.15 -1.43
C GLN A 88 -14.77 -12.66 -1.31
N SER A 89 -16.00 -13.17 -1.24
CA SER A 89 -16.24 -14.60 -1.12
C SER A 89 -16.40 -15.25 -2.49
N GLY A 90 -15.28 -15.56 -3.13
CA GLY A 90 -15.31 -16.17 -4.44
C GLY A 90 -15.46 -17.67 -4.37
N SER A 91 -15.28 -18.34 -5.51
CA SER A 91 -15.40 -19.79 -5.58
C SER A 91 -14.04 -20.44 -5.79
N GLU A 92 -13.55 -21.14 -4.77
CA GLU A 92 -12.25 -21.80 -4.84
C GLU A 92 -12.37 -23.12 -5.61
N LEU A 93 -11.26 -23.52 -6.22
CA LEU A 93 -11.23 -24.76 -6.99
C LEU A 93 -10.26 -25.76 -6.38
N SER A 94 -9.02 -25.33 -6.18
CA SER A 94 -7.98 -26.18 -5.61
C SER A 94 -8.51 -26.92 -4.39
N GLY A 95 -8.98 -28.15 -4.59
CA GLY A 95 -9.50 -28.95 -3.50
C GLY A 95 -8.42 -29.43 -2.56
N PRO A 96 -8.71 -30.50 -1.82
CA PRO A 96 -7.77 -31.09 -0.87
C PRO A 96 -6.59 -31.78 -1.56
N SER A 97 -5.38 -31.34 -1.25
CA SER A 97 -4.18 -31.91 -1.84
C SER A 97 -4.12 -33.42 -1.60
N SER A 98 -3.30 -34.10 -2.40
CA SER A 98 -3.16 -35.54 -2.28
C SER A 98 -2.37 -35.91 -1.02
N GLY A 99 -2.72 -37.04 -0.42
CA GLY A 99 -2.04 -37.48 0.78
C GLY A 99 -2.84 -37.20 2.03
N GLY A 1 -27.29 35.13 13.94
CA GLY A 1 -25.94 34.61 13.91
C GLY A 1 -25.72 33.66 12.74
N SER A 2 -24.45 33.36 12.45
CA SER A 2 -24.11 32.47 11.34
C SER A 2 -25.04 31.28 11.31
N SER A 3 -25.09 30.60 10.17
CA SER A 3 -25.94 29.43 9.99
C SER A 3 -25.32 28.44 9.02
N GLY A 4 -25.29 27.16 9.43
CA GLY A 4 -24.73 26.13 8.59
C GLY A 4 -23.95 25.10 9.38
N SER A 5 -24.42 23.86 9.35
CA SER A 5 -23.76 22.78 10.08
C SER A 5 -23.13 21.78 9.12
N SER A 6 -22.06 21.13 9.58
CA SER A 6 -21.35 20.15 8.77
C SER A 6 -22.32 19.15 8.14
N GLY A 7 -22.40 19.15 6.82
CA GLY A 7 -23.30 18.24 6.12
C GLY A 7 -23.34 16.87 6.77
N PHE A 8 -22.18 16.27 6.96
CA PHE A 8 -22.09 14.94 7.57
C PHE A 8 -20.67 14.66 8.06
N ARG A 9 -20.57 14.28 9.33
CA ARG A 9 -19.27 13.98 9.92
C ARG A 9 -18.61 12.78 9.24
N VAL A 10 -17.35 12.54 9.55
CA VAL A 10 -16.61 11.42 8.97
C VAL A 10 -16.25 10.39 10.03
N GLU A 11 -16.09 9.14 9.61
CA GLU A 11 -15.74 8.06 10.51
C GLU A 11 -15.12 6.89 9.76
N ARG A 12 -13.95 6.45 10.22
CA ARG A 12 -13.26 5.33 9.60
C ARG A 12 -13.61 4.01 10.26
N SER A 13 -14.36 3.18 9.54
CA SER A 13 -14.78 1.89 10.07
C SER A 13 -13.64 0.88 10.00
N GLN A 14 -13.14 0.64 8.80
CA GLN A 14 -12.04 -0.29 8.59
C GLN A 14 -10.81 0.12 9.39
N PRO A 15 -10.09 -0.88 9.91
CA PRO A 15 -8.87 -0.65 10.70
C PRO A 15 -7.72 -0.11 9.87
N ALA A 16 -7.48 -0.75 8.72
CA ALA A 16 -6.41 -0.33 7.82
C ALA A 16 -6.44 1.18 7.60
N SER A 17 -5.28 1.81 7.72
CA SER A 17 -5.18 3.26 7.53
C SER A 17 -6.10 3.73 6.42
N GLN A 18 -5.71 3.43 5.17
CA GLN A 18 -6.50 3.82 4.02
C GLN A 18 -6.71 2.63 3.09
N PRO A 19 -7.92 2.55 2.51
CA PRO A 19 -8.29 1.47 1.58
C PRO A 19 -7.55 1.57 0.25
N LEU A 20 -6.79 0.52 -0.07
CA LEU A 20 -6.04 0.49 -1.32
C LEU A 20 -6.38 -0.76 -2.13
N THR A 21 -6.92 -0.54 -3.33
CA THR A 21 -7.30 -1.65 -4.20
C THR A 21 -6.86 -1.38 -5.63
N TYR A 22 -7.08 -2.36 -6.51
CA TYR A 22 -6.70 -2.23 -7.91
C TYR A 22 -7.61 -1.23 -8.63
N GLU A 23 -8.74 -0.93 -8.01
CA GLU A 23 -9.70 0.01 -8.60
C GLU A 23 -9.35 1.45 -8.20
N SER A 24 -8.34 1.59 -7.37
CA SER A 24 -7.90 2.91 -6.91
C SER A 24 -6.94 3.54 -7.91
N GLY A 25 -7.21 4.78 -8.29
CA GLY A 25 -6.36 5.48 -9.24
C GLY A 25 -5.13 6.08 -8.57
N PRO A 26 -4.42 6.95 -9.31
CA PRO A 26 -3.21 7.60 -8.81
C PRO A 26 -3.52 8.63 -7.72
N ASP A 27 -4.79 9.02 -7.61
CA ASP A 27 -5.21 9.98 -6.61
C ASP A 27 -5.28 9.34 -5.23
N GLU A 28 -5.66 8.06 -5.21
CA GLU A 28 -5.78 7.33 -3.95
C GLU A 28 -4.46 6.67 -3.57
N VAL A 29 -3.74 6.19 -4.59
CA VAL A 29 -2.46 5.53 -4.37
C VAL A 29 -1.47 6.47 -3.67
N ARG A 30 -1.59 7.76 -3.96
CA ARG A 30 -0.70 8.77 -3.37
C ARG A 30 -1.12 9.06 -1.93
N ALA A 31 -2.41 8.93 -1.65
CA ALA A 31 -2.93 9.19 -0.32
C ALA A 31 -2.55 8.07 0.65
N TRP A 32 -2.71 6.83 0.19
CA TRP A 32 -2.39 5.67 1.02
C TRP A 32 -0.98 5.78 1.58
N LEU A 33 -0.01 6.01 0.71
CA LEU A 33 1.38 6.15 1.13
C LEU A 33 1.54 7.28 2.14
N GLU A 34 1.05 8.47 1.78
CA GLU A 34 1.14 9.62 2.67
C GLU A 34 0.65 9.28 4.06
N ALA A 35 -0.40 8.45 4.13
CA ALA A 35 -0.97 8.04 5.41
C ALA A 35 0.04 7.24 6.23
N LYS A 36 0.91 6.50 5.53
CA LYS A 36 1.92 5.69 6.19
C LYS A 36 3.15 6.52 6.54
N ALA A 37 3.21 7.73 6.00
CA ALA A 37 4.33 8.63 6.25
C ALA A 37 5.65 7.98 5.84
N PHE A 38 5.62 7.25 4.72
CA PHE A 38 6.81 6.58 4.21
C PHE A 38 7.92 7.59 3.94
N SER A 39 7.68 8.49 2.99
CA SER A 39 8.67 9.50 2.62
C SER A 39 8.09 10.46 1.59
N PRO A 40 8.54 11.73 1.64
CA PRO A 40 8.09 12.77 0.71
C PRO A 40 8.58 12.53 -0.71
N ARG A 41 9.50 11.58 -0.88
CA ARG A 41 10.05 11.26 -2.18
C ARG A 41 9.35 10.05 -2.79
N ILE A 42 9.07 9.06 -1.95
CA ILE A 42 8.39 7.85 -2.41
C ILE A 42 6.92 8.12 -2.70
N VAL A 43 6.31 9.00 -1.91
CA VAL A 43 4.91 9.35 -2.07
C VAL A 43 4.66 10.00 -3.43
N GLU A 44 5.62 10.82 -3.87
CA GLU A 44 5.50 11.50 -5.15
C GLU A 44 5.97 10.60 -6.29
N ASN A 45 6.90 9.71 -6.00
CA ASN A 45 7.43 8.79 -7.00
C ASN A 45 6.49 7.60 -7.19
N LEU A 46 5.66 7.34 -6.19
CA LEU A 46 4.72 6.23 -6.25
C LEU A 46 3.28 6.74 -6.25
N GLY A 47 3.11 8.03 -5.94
CA GLY A 47 1.79 8.62 -5.92
C GLY A 47 1.30 9.00 -7.31
N ILE A 48 1.98 8.51 -8.33
CA ILE A 48 1.61 8.80 -9.71
C ILE A 48 1.07 7.57 -10.41
N LEU A 49 1.47 6.40 -9.92
CA LEU A 49 1.02 5.13 -10.50
C LEU A 49 -0.37 4.76 -9.99
N THR A 50 -1.15 4.10 -10.84
CA THR A 50 -2.50 3.69 -10.48
C THR A 50 -2.48 2.50 -9.51
N GLY A 51 -3.66 1.99 -9.18
CA GLY A 51 -3.75 0.87 -8.26
C GLY A 51 -2.81 -0.26 -8.64
N PRO A 52 -2.97 -0.79 -9.85
CA PRO A 52 -2.14 -1.89 -10.34
C PRO A 52 -0.71 -1.45 -10.63
N GLN A 53 -0.57 -0.37 -11.39
CA GLN A 53 0.75 0.16 -11.73
C GLN A 53 1.67 0.16 -10.52
N LEU A 54 1.11 0.47 -9.36
CA LEU A 54 1.88 0.50 -8.12
C LEU A 54 2.24 -0.90 -7.65
N PHE A 55 1.22 -1.71 -7.40
CA PHE A 55 1.42 -3.08 -6.95
C PHE A 55 2.36 -3.83 -7.89
N SER A 56 2.42 -3.39 -9.15
CA SER A 56 3.27 -4.02 -10.15
C SER A 56 4.74 -3.90 -9.74
N LEU A 57 5.05 -2.86 -8.98
CA LEU A 57 6.42 -2.63 -8.52
C LEU A 57 6.84 -3.67 -7.49
N ASN A 58 7.96 -4.34 -7.75
CA ASN A 58 8.47 -5.36 -6.84
C ASN A 58 9.40 -4.75 -5.80
N LYS A 59 10.01 -5.61 -4.98
CA LYS A 59 10.93 -5.16 -3.94
C LYS A 59 12.04 -4.30 -4.53
N GLU A 60 12.89 -4.92 -5.34
CA GLU A 60 14.00 -4.22 -5.96
C GLU A 60 13.51 -2.95 -6.67
N GLU A 61 12.37 -3.06 -7.34
CA GLU A 61 11.78 -1.93 -8.06
C GLU A 61 11.51 -0.77 -7.10
N LEU A 62 10.81 -1.07 -6.02
CA LEU A 62 10.48 -0.04 -5.03
C LEU A 62 11.74 0.54 -4.40
N LYS A 63 12.75 -0.30 -4.23
CA LYS A 63 14.01 0.13 -3.64
C LYS A 63 14.84 0.92 -4.65
N LYS A 64 14.59 0.68 -5.94
CA LYS A 64 15.31 1.38 -7.00
C LYS A 64 15.01 2.87 -6.96
N VAL A 65 13.73 3.22 -6.81
CA VAL A 65 13.32 4.62 -6.76
C VAL A 65 13.28 5.12 -5.32
N CYS A 66 12.54 4.43 -4.47
CA CYS A 66 12.42 4.82 -3.08
C CYS A 66 13.78 4.83 -2.39
N GLY A 67 14.53 3.74 -2.57
CA GLY A 67 15.85 3.65 -1.96
C GLY A 67 15.84 2.84 -0.68
N GLU A 68 15.87 3.53 0.46
CA GLU A 68 15.88 2.88 1.76
C GLU A 68 14.45 2.59 2.22
N GLU A 69 13.58 3.60 2.10
CA GLU A 69 12.20 3.46 2.51
C GLU A 69 11.51 2.33 1.75
N GLY A 70 11.80 2.24 0.45
CA GLY A 70 11.21 1.20 -0.38
C GLY A 70 11.08 -0.12 0.35
N VAL A 71 12.16 -0.53 1.00
CA VAL A 71 12.17 -1.79 1.75
C VAL A 71 10.94 -1.90 2.65
N ARG A 72 10.60 -0.81 3.33
CA ARG A 72 9.45 -0.79 4.22
C ARG A 72 8.14 -0.83 3.43
N VAL A 73 8.05 0.04 2.42
CA VAL A 73 6.86 0.11 1.58
C VAL A 73 6.45 -1.28 1.10
N TYR A 74 7.43 -2.06 0.65
CA TYR A 74 7.16 -3.41 0.16
C TYR A 74 6.59 -4.29 1.26
N SER A 75 7.21 -4.23 2.43
CA SER A 75 6.77 -5.03 3.57
C SER A 75 5.35 -4.65 3.98
N GLN A 76 4.94 -3.45 3.62
CA GLN A 76 3.60 -2.97 3.95
C GLN A 76 2.62 -3.24 2.81
N LEU A 77 3.15 -3.32 1.59
CA LEU A 77 2.33 -3.58 0.41
C LEU A 77 1.86 -5.02 0.38
N THR A 78 2.61 -5.90 1.06
CA THR A 78 2.27 -7.31 1.11
C THR A 78 1.01 -7.55 1.93
N MET A 79 0.92 -6.86 3.07
CA MET A 79 -0.23 -6.99 3.95
C MET A 79 -1.53 -6.68 3.20
N GLN A 80 -1.41 -5.87 2.15
CA GLN A 80 -2.57 -5.49 1.36
C GLN A 80 -2.79 -6.46 0.20
N LYS A 81 -1.76 -6.62 -0.63
CA LYS A 81 -1.82 -7.52 -1.77
C LYS A 81 -2.31 -8.90 -1.36
N ALA A 82 -1.81 -9.38 -0.22
CA ALA A 82 -2.19 -10.69 0.30
C ALA A 82 -3.65 -10.69 0.74
N PHE A 83 -4.16 -9.52 1.11
CA PHE A 83 -5.54 -9.39 1.55
C PHE A 83 -6.50 -9.43 0.37
N LEU A 84 -6.16 -8.69 -0.69
CA LEU A 84 -6.99 -8.64 -1.87
C LEU A 84 -7.16 -10.03 -2.48
N GLU A 85 -6.06 -10.78 -2.54
CA GLU A 85 -6.08 -12.13 -3.10
C GLU A 85 -7.30 -12.91 -2.59
N LYS A 86 -7.47 -12.91 -1.27
CA LYS A 86 -8.59 -13.61 -0.66
C LYS A 86 -9.72 -12.64 -0.30
N GLN A 87 -10.00 -11.71 -1.20
CA GLN A 87 -11.05 -10.73 -0.98
C GLN A 87 -12.28 -11.04 -1.83
N GLN A 88 -12.07 -11.15 -3.14
CA GLN A 88 -13.17 -11.45 -4.06
C GLN A 88 -13.62 -12.89 -3.91
N SER A 89 -14.93 -13.12 -4.04
CA SER A 89 -15.49 -14.45 -3.92
C SER A 89 -16.23 -14.85 -5.20
N GLY A 90 -15.85 -15.98 -5.75
CA GLY A 90 -16.49 -16.46 -6.97
C GLY A 90 -15.96 -17.81 -7.42
N SER A 91 -16.11 -18.09 -8.71
CA SER A 91 -15.64 -19.37 -9.27
C SER A 91 -14.12 -19.42 -9.27
N GLU A 92 -13.58 -20.58 -8.87
CA GLU A 92 -12.13 -20.76 -8.83
C GLU A 92 -11.77 -22.24 -8.99
N LEU A 93 -10.53 -22.49 -9.40
CA LEU A 93 -10.06 -23.86 -9.59
C LEU A 93 -10.47 -24.75 -8.41
N SER A 94 -10.43 -26.05 -8.63
CA SER A 94 -10.80 -27.01 -7.59
C SER A 94 -9.98 -28.29 -7.72
N GLY A 95 -9.46 -28.76 -6.59
CA GLY A 95 -8.66 -29.98 -6.59
C GLY A 95 -7.44 -29.86 -5.70
N PRO A 96 -6.29 -29.50 -6.31
CA PRO A 96 -5.02 -29.35 -5.58
C PRO A 96 -5.04 -28.14 -4.65
N SER A 97 -4.59 -28.36 -3.41
CA SER A 97 -4.55 -27.29 -2.42
C SER A 97 -3.35 -27.46 -1.49
N SER A 98 -2.98 -26.38 -0.81
CA SER A 98 -1.84 -26.40 0.10
C SER A 98 -2.07 -25.46 1.29
N GLY A 99 -2.03 -26.02 2.49
CA GLY A 99 -2.25 -25.22 3.69
C GLY A 99 -2.80 -26.04 4.83
N GLY A 1 6.77 43.04 19.57
CA GLY A 1 7.69 43.17 18.46
C GLY A 1 7.33 42.27 17.29
N SER A 2 8.09 41.20 17.12
CA SER A 2 7.85 40.26 16.03
C SER A 2 7.24 38.96 16.55
N SER A 3 5.94 38.79 16.31
CA SER A 3 5.24 37.59 16.76
C SER A 3 4.15 37.20 15.77
N GLY A 4 3.55 36.04 15.99
CA GLY A 4 2.50 35.56 15.10
C GLY A 4 2.45 34.04 15.03
N SER A 5 1.46 33.45 15.68
CA SER A 5 1.31 32.00 15.68
C SER A 5 -0.16 31.61 15.62
N SER A 6 -0.49 30.70 14.71
CA SER A 6 -1.86 30.24 14.54
C SER A 6 -1.97 28.75 14.84
N GLY A 7 -3.17 28.32 15.24
CA GLY A 7 -3.39 26.91 15.55
C GLY A 7 -4.16 26.19 14.47
N PHE A 8 -3.56 26.10 13.28
CA PHE A 8 -4.21 25.42 12.16
C PHE A 8 -3.32 24.29 11.63
N ARG A 9 -3.67 23.06 12.00
CA ARG A 9 -2.92 21.90 11.56
C ARG A 9 -3.63 20.61 11.97
N VAL A 10 -3.41 19.55 11.20
CA VAL A 10 -4.02 18.26 11.47
C VAL A 10 -3.82 17.85 12.92
N GLU A 11 -4.88 18.01 13.73
CA GLU A 11 -4.81 17.67 15.14
C GLU A 11 -4.29 16.24 15.33
N ARG A 12 -4.97 15.29 14.71
CA ARG A 12 -4.58 13.88 14.81
C ARG A 12 -3.08 13.72 14.58
N SER A 13 -2.54 12.58 15.01
CA SER A 13 -1.12 12.31 14.85
C SER A 13 -0.83 11.78 13.45
N GLN A 14 -1.43 10.64 13.11
CA GLN A 14 -1.23 10.03 11.80
C GLN A 14 -2.14 8.81 11.62
N PRO A 15 -3.21 8.99 10.82
CA PRO A 15 -4.17 7.93 10.54
C PRO A 15 -3.58 6.82 9.69
N ALA A 16 -3.21 5.71 10.33
CA ALA A 16 -2.64 4.57 9.63
C ALA A 16 -3.73 3.66 9.08
N SER A 17 -4.77 4.26 8.51
CA SER A 17 -5.88 3.49 7.95
C SER A 17 -6.34 4.09 6.63
N GLN A 18 -6.11 3.36 5.54
CA GLN A 18 -6.50 3.81 4.21
C GLN A 18 -6.69 2.63 3.26
N PRO A 19 -7.86 2.58 2.61
CA PRO A 19 -8.19 1.51 1.66
C PRO A 19 -7.37 1.59 0.38
N LEU A 20 -6.92 0.44 -0.11
CA LEU A 20 -6.12 0.40 -1.33
C LEU A 20 -6.46 -0.85 -2.14
N THR A 21 -6.89 -0.62 -3.39
CA THR A 21 -7.24 -1.73 -4.28
C THR A 21 -6.68 -1.51 -5.67
N TYR A 22 -6.87 -2.49 -6.55
CA TYR A 22 -6.39 -2.41 -7.92
C TYR A 22 -7.20 -1.40 -8.73
N GLU A 23 -8.48 -1.26 -8.37
CA GLU A 23 -9.37 -0.33 -9.06
C GLU A 23 -9.00 1.12 -8.74
N SER A 24 -8.05 1.29 -7.83
CA SER A 24 -7.61 2.61 -7.42
C SER A 24 -6.86 3.31 -8.56
N GLY A 25 -6.35 4.51 -8.27
CA GLY A 25 -5.62 5.26 -9.28
C GLY A 25 -4.47 6.05 -8.69
N PRO A 26 -3.89 6.95 -9.50
CA PRO A 26 -2.77 7.79 -9.08
C PRO A 26 -3.20 8.84 -8.05
N ASP A 27 -4.50 9.00 -7.88
CA ASP A 27 -5.03 9.97 -6.92
C ASP A 27 -5.26 9.33 -5.56
N GLU A 28 -5.49 8.01 -5.56
CA GLU A 28 -5.73 7.28 -4.32
C GLU A 28 -4.43 6.70 -3.78
N VAL A 29 -3.67 6.06 -4.67
CA VAL A 29 -2.39 5.46 -4.27
C VAL A 29 -1.57 6.41 -3.42
N ARG A 30 -1.53 7.68 -3.82
CA ARG A 30 -0.78 8.69 -3.09
C ARG A 30 -1.34 8.86 -1.68
N ALA A 31 -2.65 8.71 -1.54
CA ALA A 31 -3.31 8.84 -0.24
C ALA A 31 -2.92 7.69 0.69
N TRP A 32 -2.99 6.48 0.18
CA TRP A 32 -2.65 5.30 0.97
C TRP A 32 -1.23 5.42 1.55
N LEU A 33 -0.30 5.90 0.74
CA LEU A 33 1.08 6.07 1.17
C LEU A 33 1.17 7.07 2.32
N GLU A 34 0.79 8.31 2.05
CA GLU A 34 0.83 9.36 3.06
C GLU A 34 0.25 8.86 4.39
N ALA A 35 -0.80 8.06 4.30
CA ALA A 35 -1.43 7.51 5.49
C ALA A 35 -0.42 6.82 6.39
N LYS A 36 0.54 6.13 5.78
CA LYS A 36 1.58 5.43 6.52
C LYS A 36 2.66 6.39 6.99
N ALA A 37 2.80 7.50 6.28
CA ALA A 37 3.80 8.51 6.62
C ALA A 37 5.21 8.00 6.34
N PHE A 38 5.42 7.49 5.13
CA PHE A 38 6.72 6.96 4.74
C PHE A 38 7.72 8.10 4.50
N SER A 39 7.53 8.81 3.39
CA SER A 39 8.41 9.92 3.04
C SER A 39 7.85 10.70 1.86
N PRO A 40 8.23 11.99 1.76
CA PRO A 40 7.79 12.87 0.67
C PRO A 40 8.39 12.48 -0.68
N ARG A 41 9.26 11.47 -0.66
CA ARG A 41 9.92 11.01 -1.88
C ARG A 41 9.18 9.79 -2.45
N ILE A 42 8.97 8.79 -1.62
CA ILE A 42 8.28 7.57 -2.04
C ILE A 42 6.83 7.87 -2.41
N VAL A 43 6.22 8.81 -1.70
CA VAL A 43 4.84 9.18 -1.96
C VAL A 43 4.70 9.86 -3.31
N GLU A 44 5.62 10.76 -3.61
CA GLU A 44 5.61 11.49 -4.89
C GLU A 44 6.09 10.60 -6.02
N ASN A 45 6.97 9.65 -5.71
CA ASN A 45 7.51 8.74 -6.70
C ASN A 45 6.55 7.59 -6.97
N LEU A 46 5.73 7.27 -5.97
CA LEU A 46 4.77 6.19 -6.08
C LEU A 46 3.34 6.74 -6.17
N GLY A 47 3.20 8.03 -5.89
CA GLY A 47 1.89 8.65 -5.94
C GLY A 47 1.45 8.96 -7.36
N ILE A 48 2.30 8.65 -8.32
CA ILE A 48 2.00 8.89 -9.72
C ILE A 48 1.56 7.61 -10.43
N LEU A 49 1.89 6.47 -9.83
CA LEU A 49 1.53 5.18 -10.40
C LEU A 49 0.13 4.76 -9.97
N THR A 50 -0.57 4.07 -10.85
CA THR A 50 -1.93 3.60 -10.57
C THR A 50 -1.92 2.45 -9.58
N GLY A 51 -3.11 1.98 -9.21
CA GLY A 51 -3.21 0.88 -8.27
C GLY A 51 -2.34 -0.31 -8.66
N PRO A 52 -2.60 -0.86 -9.86
CA PRO A 52 -1.85 -2.00 -10.37
C PRO A 52 -0.41 -1.64 -10.74
N GLN A 53 -0.25 -0.46 -11.34
CA GLN A 53 1.09 0.00 -11.74
C GLN A 53 2.06 -0.06 -10.57
N LEU A 54 1.57 0.28 -9.39
CA LEU A 54 2.40 0.27 -8.19
C LEU A 54 2.66 -1.16 -7.72
N PHE A 55 1.59 -1.93 -7.53
CA PHE A 55 1.71 -3.32 -7.09
C PHE A 55 2.66 -4.09 -8.00
N SER A 56 2.72 -3.70 -9.27
CA SER A 56 3.59 -4.36 -10.23
C SER A 56 5.05 -4.25 -9.82
N LEU A 57 5.36 -3.21 -9.07
CA LEU A 57 6.73 -2.98 -8.61
C LEU A 57 7.05 -3.84 -7.40
N ASN A 58 8.09 -4.66 -7.51
CA ASN A 58 8.49 -5.54 -6.41
C ASN A 58 9.49 -4.85 -5.50
N LYS A 59 9.73 -5.44 -4.33
CA LYS A 59 10.66 -4.87 -3.36
C LYS A 59 11.88 -4.28 -4.06
N GLU A 60 12.64 -5.14 -4.74
CA GLU A 60 13.83 -4.70 -5.45
C GLU A 60 13.53 -3.47 -6.30
N GLU A 61 12.39 -3.48 -6.98
CA GLU A 61 11.99 -2.38 -7.84
C GLU A 61 11.73 -1.12 -7.01
N LEU A 62 10.76 -1.19 -6.12
CA LEU A 62 10.41 -0.07 -5.26
C LEU A 62 11.67 0.64 -4.76
N LYS A 63 12.75 -0.12 -4.61
CA LYS A 63 14.02 0.42 -4.14
C LYS A 63 14.64 1.34 -5.19
N LYS A 64 14.60 0.90 -6.45
CA LYS A 64 15.16 1.67 -7.55
C LYS A 64 14.66 3.11 -7.51
N VAL A 65 13.37 3.27 -7.24
CA VAL A 65 12.76 4.60 -7.16
C VAL A 65 12.84 5.17 -5.75
N CYS A 66 12.32 4.41 -4.79
CA CYS A 66 12.33 4.84 -3.39
C CYS A 66 13.75 4.87 -2.84
N GLY A 67 14.43 3.74 -2.93
CA GLY A 67 15.79 3.65 -2.43
C GLY A 67 15.88 2.91 -1.12
N GLU A 68 15.83 3.67 -0.01
CA GLU A 68 15.91 3.08 1.31
C GLU A 68 14.51 2.75 1.85
N GLU A 69 13.63 3.74 1.81
CA GLU A 69 12.27 3.57 2.29
C GLU A 69 11.58 2.40 1.59
N GLY A 70 11.77 2.32 0.27
CA GLY A 70 11.17 1.24 -0.50
C GLY A 70 11.16 -0.07 0.25
N VAL A 71 12.31 -0.47 0.78
CA VAL A 71 12.44 -1.71 1.52
C VAL A 71 11.26 -1.91 2.47
N ARG A 72 10.92 -0.85 3.21
CA ARG A 72 9.81 -0.90 4.15
C ARG A 72 8.47 -0.86 3.42
N VAL A 73 8.35 0.04 2.46
CA VAL A 73 7.12 0.18 1.69
C VAL A 73 6.67 -1.17 1.15
N TYR A 74 7.60 -1.95 0.60
CA TYR A 74 7.28 -3.26 0.05
C TYR A 74 6.68 -4.16 1.12
N SER A 75 7.25 -4.11 2.32
CA SER A 75 6.77 -4.93 3.43
C SER A 75 5.30 -4.63 3.73
N GLN A 76 4.90 -3.38 3.51
CA GLN A 76 3.53 -2.96 3.75
C GLN A 76 2.63 -3.30 2.56
N LEU A 77 3.09 -2.93 1.37
CA LEU A 77 2.33 -3.17 0.15
C LEU A 77 1.83 -4.62 0.11
N THR A 78 2.74 -5.57 0.29
CA THR A 78 2.39 -6.98 0.28
C THR A 78 1.23 -7.27 1.22
N MET A 79 1.35 -6.84 2.47
CA MET A 79 0.30 -7.05 3.46
C MET A 79 -1.06 -6.69 2.89
N GLN A 80 -1.11 -5.63 2.08
CA GLN A 80 -2.35 -5.18 1.47
C GLN A 80 -2.74 -6.08 0.31
N LYS A 81 -1.79 -6.36 -0.57
CA LYS A 81 -2.03 -7.22 -1.72
C LYS A 81 -2.57 -8.57 -1.30
N ALA A 82 -1.87 -9.22 -0.38
CA ALA A 82 -2.29 -10.53 0.12
C ALA A 82 -3.68 -10.46 0.73
N PHE A 83 -4.02 -9.31 1.31
CA PHE A 83 -5.33 -9.11 1.93
C PHE A 83 -6.43 -9.05 0.87
N LEU A 84 -6.20 -8.24 -0.17
CA LEU A 84 -7.17 -8.09 -1.24
C LEU A 84 -7.49 -9.44 -1.89
N GLU A 85 -6.46 -10.25 -2.09
CA GLU A 85 -6.63 -11.57 -2.69
C GLU A 85 -7.80 -12.31 -2.05
N LYS A 86 -7.94 -12.18 -0.73
CA LYS A 86 -9.01 -12.83 0.00
C LYS A 86 -10.36 -12.24 -0.38
N GLN A 87 -10.37 -10.96 -0.73
CA GLN A 87 -11.60 -10.28 -1.12
C GLN A 87 -11.91 -10.51 -2.60
N GLN A 88 -11.51 -11.67 -3.11
CA GLN A 88 -11.74 -12.01 -4.50
C GLN A 88 -11.45 -13.48 -4.77
N SER A 89 -12.48 -14.24 -5.13
CA SER A 89 -12.33 -15.65 -5.40
C SER A 89 -12.34 -15.93 -6.90
N GLY A 90 -11.17 -15.84 -7.52
CA GLY A 90 -11.07 -16.09 -8.95
C GLY A 90 -9.88 -16.95 -9.31
N SER A 91 -9.91 -18.20 -8.87
CA SER A 91 -8.82 -19.14 -9.14
C SER A 91 -9.36 -20.50 -9.54
N GLU A 92 -8.77 -21.09 -10.57
CA GLU A 92 -9.19 -22.40 -11.06
C GLU A 92 -8.01 -23.36 -11.14
N LEU A 93 -8.30 -24.64 -11.35
CA LEU A 93 -7.26 -25.66 -11.47
C LEU A 93 -7.17 -26.19 -12.88
N SER A 94 -5.99 -26.65 -13.27
CA SER A 94 -5.77 -27.19 -14.61
C SER A 94 -4.60 -28.15 -14.62
N GLY A 95 -4.87 -29.41 -14.98
CA GLY A 95 -3.82 -30.41 -15.03
C GLY A 95 -4.33 -31.79 -14.70
N PRO A 96 -3.49 -32.82 -14.95
CA PRO A 96 -3.85 -34.22 -14.68
C PRO A 96 -3.93 -34.52 -13.19
N SER A 97 -4.12 -35.78 -12.86
CA SER A 97 -4.22 -36.21 -11.47
C SER A 97 -3.11 -35.58 -10.63
N SER A 98 -3.49 -34.97 -9.51
CA SER A 98 -2.53 -34.33 -8.62
C SER A 98 -2.02 -35.31 -7.57
N GLY A 99 -2.86 -36.27 -7.20
CA GLY A 99 -2.48 -37.25 -6.21
C GLY A 99 -3.28 -37.14 -4.94
#